data_8EUD
#
_entry.id   8EUD
#
_cell.length_a   135.026
_cell.length_b   178.123
_cell.length_c   179.512
_cell.angle_alpha   90.000
_cell.angle_beta   90.000
_cell.angle_gamma   90.000
#
_symmetry.space_group_name_H-M   'I 2 2 2'
#
loop_
_entity.id
_entity.type
_entity.pdbx_description
1 polymer 'Chaetomium alpha glucosidase'
2 non-polymer (2R,3R,4R,5S)-2-(hydroxymethyl)-1-{6-[2-methyl-5-(pyrimidin-2-yl)-1H-benzimidazol-1-yl]hexyl}piperidine-3,4,5-triol
3 non-polymer GLYCEROL
4 non-polymer 'SULFATE ION'
5 non-polymer 2-acetamido-2-deoxy-beta-D-glucopyranose
6 non-polymer 2-[BIS-(2-HYDROXY-ETHYL)-AMINO]-2-HYDROXYMETHYL-PROPANE-1,3-DIOL
7 water water
#
_entity_poly.entity_id   1
_entity_poly.type   'polypeptide(L)'
_entity_poly.pdbx_seq_one_letter_code
;MGILPSPGMPALLSLVSLLSVLLMGCVAETGVEGESILHSEIGRLNNQSLLWGPYRPNIYFGTRPRIGKSLMTGLMWGKI
ESYTDFQHTVRYTCEQNEGMKGYGWDEYDPRRGGIQSIHDIQNGLDITTSFVKIPGGAHGGSWAARIKGTLNDDAPKDQK
TIVVFYVSQEGENSELEAVPSENEFGYEGDVILKGRSEALGNYKLVVTKGKGVIPQSDHDLSRLRGPGQTVVQSLTYPDE
VLWQAKPILFQQLKAGIDWLVENKYDVADPPPPWQVYLLANKPGSGNVHIVQKVFEGDFEFDILFSSESAGKEVTSKDLE
REVKQATEVFGERFARVFDLKAPFQGDNYKKFGKSMFSNLIGGIGYFYGHSLVDRSYAPEYDEENEGFWEDAAEARARHQ
EALEGPYELFTSIPSRPFFPRGFLWDEGFHLLPIADWDIDLALEIIKSWYNLMDEDGWIAREQILGAEARSKVPKEFQTQ
YPHYANPPTLFLVLDNFVERLRKNNASQPVVKDNLSLDETLSTASVDNPEVGLEYLRRLYPLLRRQFDWFRKTQAGDIKS
YDREAYSTKEAYRWRGRTVSHCLTSGLDDYPRPQPPHPGELHVDLMSWVGVMVKSLISIGSLLGATEDVEFYTKVLDAIE
HNLDDLHWSEKEGCYCDATIDEFEEHKLVCHKGYISLFPFLTGLLKPDSPKLGKLLALIGDESELWSPYGLRSLSKKDEF
YGTAENYWRSPVWININYLAIVQLYNIATQDGPYKETARDLYTRLRKNIVETVYRNWEETGFAWEQYNPETGKGQRTQHF
TGWTSLVVKIMSGHHHHHH
;
_entity_poly.pdbx_strand_id   A,B
#
loop_
_chem_comp.id
_chem_comp.type
_chem_comp.name
_chem_comp.formula
BTB non-polymer 2-[BIS-(2-HYDROXY-ETHYL)-AMINO]-2-HYDROXYMETHYL-PROPANE-1,3-DIOL 'C8 H19 N O5'
GOL non-polymer GLYCEROL 'C3 H8 O3'
NAG D-saccharide, beta linking 2-acetamido-2-deoxy-beta-D-glucopyranose 'C8 H15 N O6'
SO4 non-polymer 'SULFATE ION' 'O4 S -2'
WUR non-polymer (2R,3R,4R,5S)-2-(hydroxymethyl)-1-{6-[2-methyl-5-(pyrimidin-2-yl)-1H-benzimidazol-1-yl]hexyl}piperidine-3,4,5-triol 'C24 H33 N5 O4'
#
# COMPACT_ATOMS: atom_id res chain seq x y z
N LEU A 38 -13.56 9.52 31.00
CA LEU A 38 -12.59 10.59 31.45
C LEU A 38 -11.33 10.59 30.57
N HIS A 39 -10.97 9.43 30.03
CA HIS A 39 -9.81 9.32 29.16
C HIS A 39 -10.02 10.22 27.94
N SER A 40 -11.22 10.15 27.34
CA SER A 40 -11.50 10.96 26.15
C SER A 40 -11.68 12.45 26.49
N GLU A 41 -11.88 12.76 27.78
CA GLU A 41 -11.81 14.15 28.23
C GLU A 41 -10.37 14.72 28.21
N ILE A 42 -9.39 13.99 28.79
CA ILE A 42 -8.00 14.42 28.73
C ILE A 42 -7.56 14.46 27.26
N GLY A 43 -8.03 13.48 26.46
CA GLY A 43 -7.79 13.43 25.04
C GLY A 43 -8.22 14.70 24.30
N ARG A 44 -9.46 15.19 24.54
CA ARG A 44 -10.00 16.39 23.93
C ARG A 44 -9.17 17.60 24.34
N LEU A 45 -8.79 17.66 25.62
CA LEU A 45 -8.05 18.78 26.15
C LEU A 45 -6.65 18.80 25.52
N ASN A 46 -6.04 17.61 25.36
CA ASN A 46 -4.73 17.49 24.72
C ASN A 46 -4.77 18.00 23.28
N ASN A 47 -5.76 17.52 22.51
CA ASN A 47 -6.02 17.97 21.15
C ASN A 47 -6.07 19.49 21.10
N GLN A 48 -6.84 20.13 22.00
CA GLN A 48 -7.07 21.56 21.93
C GLN A 48 -5.79 22.29 22.29
N SER A 49 -5.05 21.67 23.24
CA SER A 49 -3.81 22.22 23.74
C SER A 49 -2.74 22.27 22.65
N LEU A 50 -2.66 21.20 21.85
CA LEU A 50 -1.49 20.97 21.04
C LEU A 50 -1.71 21.38 19.59
N LEU A 51 -2.92 21.83 19.26
CA LEU A 51 -3.30 21.99 17.87
C LEU A 51 -2.39 22.95 17.11
N TRP A 52 -2.19 24.16 17.66
CA TRP A 52 -1.37 25.16 16.98
C TRP A 52 0.08 25.08 17.48
N GLY A 53 1.00 25.31 16.55
CA GLY A 53 2.41 25.43 16.90
C GLY A 53 3.18 25.98 15.72
N PRO A 54 4.46 26.33 15.91
CA PRO A 54 5.30 26.67 14.76
C PRO A 54 5.80 25.34 14.21
N TYR A 55 4.86 24.49 13.77
CA TYR A 55 5.18 23.09 13.51
C TYR A 55 5.74 22.89 12.10
N ARG A 56 6.51 23.87 11.61
CA ARG A 56 7.19 23.70 10.34
C ARG A 56 8.69 23.84 10.57
N PRO A 57 9.32 22.87 11.25
CA PRO A 57 10.74 23.00 11.60
C PRO A 57 11.64 22.93 10.36
N ASN A 58 11.09 22.62 9.18
CA ASN A 58 11.92 22.61 7.97
C ASN A 58 12.18 24.04 7.49
N ILE A 59 11.47 25.04 8.05
CA ILE A 59 11.74 26.41 7.63
C ILE A 59 12.15 27.22 8.86
N TYR A 60 12.83 28.36 8.64
CA TYR A 60 13.26 29.17 9.79
C TYR A 60 12.08 29.45 10.71
N PHE A 61 10.97 29.93 10.16
CA PHE A 61 9.85 30.27 11.01
C PHE A 61 8.53 30.24 10.22
N GLY A 62 7.61 29.40 10.69
CA GLY A 62 6.26 29.38 10.18
C GLY A 62 5.35 28.64 11.14
N THR A 63 4.05 28.66 10.90
CA THR A 63 3.11 28.02 11.79
C THR A 63 2.16 27.19 10.92
N ARG A 64 1.62 26.14 11.55
CA ARG A 64 0.58 25.30 11.00
C ARG A 64 -0.12 24.60 12.15
N PRO A 65 -1.42 24.31 12.03
CA PRO A 65 -2.12 23.51 13.02
C PRO A 65 -1.92 22.05 12.62
N ARG A 66 -2.20 21.14 13.57
CA ARG A 66 -2.09 19.71 13.32
C ARG A 66 -3.30 19.26 12.51
N ILE A 67 -3.44 19.79 11.30
CA ILE A 67 -4.52 19.40 10.40
C ILE A 67 -3.92 19.32 9.00
N GLY A 68 -4.21 18.25 8.28
CA GLY A 68 -3.58 18.03 6.99
C GLY A 68 -3.73 19.25 6.08
N LYS A 69 -4.99 19.68 5.87
CA LYS A 69 -5.33 20.65 4.85
C LYS A 69 -5.96 21.82 5.58
N SER A 70 -5.13 22.86 5.79
CA SER A 70 -5.50 23.97 6.67
C SER A 70 -4.67 25.21 6.34
N LEU A 71 -4.62 26.15 7.30
CA LEU A 71 -3.90 27.42 7.18
C LEU A 71 -2.43 27.21 7.57
N MET A 72 -1.50 27.65 6.73
CA MET A 72 -0.07 27.65 7.04
C MET A 72 0.54 29.05 6.82
N THR A 73 1.52 29.44 7.65
CA THR A 73 2.28 30.67 7.46
C THR A 73 3.78 30.38 7.36
N GLY A 74 4.52 31.27 6.68
CA GLY A 74 5.97 31.18 6.63
C GLY A 74 6.62 32.55 6.50
N LEU A 75 7.82 32.69 7.09
CA LEU A 75 8.57 33.93 7.02
C LEU A 75 9.69 33.84 5.99
N MET A 76 9.95 34.94 5.26
CA MET A 76 11.08 35.10 4.39
C MET A 76 11.70 36.48 4.61
N TRP A 77 13.03 36.59 4.50
CA TRP A 77 13.69 37.88 4.59
C TRP A 77 15.01 37.78 3.86
N GLY A 78 15.44 38.92 3.29
CA GLY A 78 16.70 39.02 2.58
C GLY A 78 17.11 40.47 2.38
N LYS A 79 18.41 40.77 2.54
CA LYS A 79 18.89 42.07 2.11
C LYS A 79 18.77 42.18 0.60
N ILE A 80 18.70 43.41 0.09
CA ILE A 80 18.76 43.69 -1.34
C ILE A 80 19.68 44.90 -1.51
N GLU A 81 20.75 44.70 -2.28
CA GLU A 81 21.75 45.71 -2.50
C GLU A 81 21.90 45.96 -4.00
N SER A 82 21.28 45.10 -4.83
CA SER A 82 21.47 45.17 -6.27
C SER A 82 20.21 44.66 -6.98
N TYR A 83 20.24 44.67 -8.32
CA TYR A 83 19.11 44.20 -9.10
C TYR A 83 19.02 42.67 -9.18
N THR A 84 20.03 41.93 -8.67
CA THR A 84 19.99 40.48 -8.89
C THR A 84 20.32 39.67 -7.63
N ASP A 85 20.55 40.32 -6.49
CA ASP A 85 21.09 39.68 -5.31
C ASP A 85 20.00 39.00 -4.47
N PHE A 86 18.77 39.52 -4.47
CA PHE A 86 17.75 39.09 -3.52
C PHE A 86 17.36 37.62 -3.71
N GLN A 87 17.32 37.13 -4.96
CA GLN A 87 17.17 35.70 -5.23
C GLN A 87 18.23 34.84 -4.52
N HIS A 88 19.41 35.40 -4.25
CA HIS A 88 20.51 34.66 -3.62
C HIS A 88 20.50 34.89 -2.11
N THR A 89 19.93 36.00 -1.61
CA THR A 89 20.08 36.29 -0.19
C THR A 89 18.85 35.86 0.58
N VAL A 90 17.70 35.80 -0.11
CA VAL A 90 16.46 35.50 0.59
C VAL A 90 16.59 34.16 1.34
N ARG A 91 15.98 34.11 2.52
CA ARG A 91 16.03 32.97 3.42
C ARG A 91 14.61 32.45 3.52
N TYR A 92 14.46 31.12 3.59
CA TYR A 92 13.16 30.52 3.84
C TYR A 92 13.29 29.12 4.46
N THR A 93 13.80 28.13 3.71
CA THR A 93 14.01 26.79 4.25
C THR A 93 15.32 26.76 5.06
N CYS A 94 15.38 25.91 6.10
CA CYS A 94 16.56 25.88 6.95
C CYS A 94 17.79 25.33 6.21
N GLU A 95 18.96 25.95 6.42
CA GLU A 95 20.27 25.46 5.96
C GLU A 95 21.33 25.71 7.04
N GLN A 96 22.55 25.26 6.74
CA GLN A 96 23.70 25.59 7.57
C GLN A 96 24.95 25.55 6.69
N ASN A 97 25.56 26.72 6.51
CA ASN A 97 26.72 26.98 5.67
C ASN A 97 27.40 28.23 6.23
N GLU A 98 28.48 28.69 5.56
CA GLU A 98 29.33 29.76 6.05
C GLU A 98 28.52 31.03 6.30
N GLY A 99 27.41 31.23 5.56
CA GLY A 99 26.65 32.47 5.59
C GLY A 99 25.67 32.59 6.78
N MET A 100 25.56 31.50 7.57
CA MET A 100 24.65 31.47 8.71
C MET A 100 25.43 31.11 9.98
N LYS A 101 25.56 32.07 10.90
CA LYS A 101 26.33 31.81 12.09
C LYS A 101 25.70 30.68 12.90
N GLY A 102 24.38 30.75 13.04
CA GLY A 102 23.63 29.80 13.83
C GLY A 102 22.19 30.26 14.03
N TYR A 103 21.35 29.36 14.57
CA TYR A 103 19.97 29.71 14.88
C TYR A 103 19.42 28.59 15.73
N GLY A 104 18.33 28.87 16.46
CA GLY A 104 17.70 27.85 17.27
C GLY A 104 16.79 28.44 18.33
N TRP A 105 16.11 27.56 19.09
CA TRP A 105 15.12 27.94 20.11
C TRP A 105 15.85 28.17 21.42
N ASP A 106 15.59 29.31 22.06
CA ASP A 106 16.23 29.54 23.34
C ASP A 106 15.35 28.98 24.45
N GLU A 107 14.03 28.99 24.20
CA GLU A 107 13.03 28.40 25.06
C GLU A 107 11.95 27.86 24.13
N TYR A 108 11.35 26.75 24.51
CA TYR A 108 10.20 26.28 23.74
C TYR A 108 9.42 25.27 24.56
N ASP A 109 8.09 25.36 24.45
CA ASP A 109 7.17 24.35 24.94
C ASP A 109 6.01 24.40 23.98
N PRO A 110 5.64 23.27 23.37
CA PRO A 110 4.66 23.30 22.28
C PRO A 110 3.27 23.71 22.77
N ARG A 111 3.00 23.62 24.07
CA ARG A 111 1.72 24.06 24.59
C ARG A 111 1.65 25.59 24.69
N ARG A 112 2.81 26.26 24.80
CA ARG A 112 2.82 27.66 25.21
C ARG A 112 3.44 28.58 24.13
N GLY A 113 4.48 28.07 23.46
CA GLY A 113 5.28 28.81 22.49
C GLY A 113 6.73 28.95 22.97
N GLY A 114 7.44 29.93 22.42
CA GLY A 114 8.82 30.16 22.82
C GLY A 114 9.48 31.26 22.00
N ILE A 115 10.81 31.34 22.09
CA ILE A 115 11.58 32.36 21.38
C ILE A 115 12.72 31.66 20.62
N GLN A 116 12.86 32.01 19.35
CA GLN A 116 13.95 31.55 18.50
C GLN A 116 14.87 32.73 18.14
N SER A 117 16.18 32.44 18.07
CA SER A 117 17.22 33.38 17.65
C SER A 117 17.89 32.90 16.36
N ILE A 118 17.96 33.82 15.38
CA ILE A 118 18.58 33.56 14.09
C ILE A 118 19.75 34.53 13.91
N HIS A 119 20.95 34.00 13.70
CA HIS A 119 22.14 34.82 13.45
C HIS A 119 22.60 34.65 12.00
N ASP A 120 22.30 35.65 11.17
CA ASP A 120 22.48 35.57 9.73
C ASP A 120 23.59 36.54 9.33
N ILE A 121 24.72 35.98 8.91
CA ILE A 121 25.88 36.76 8.50
C ILE A 121 25.64 37.36 7.10
N GLN A 122 25.16 36.53 6.18
CA GLN A 122 24.99 36.97 4.81
C GLN A 122 24.12 38.22 4.80
N ASN A 123 23.08 38.22 5.63
CA ASN A 123 22.10 39.27 5.58
C ASN A 123 22.33 40.29 6.69
N GLY A 124 23.44 40.12 7.44
CA GLY A 124 23.88 41.04 8.48
C GLY A 124 22.82 41.29 9.57
N LEU A 125 22.05 40.24 9.91
CA LEU A 125 20.88 40.41 10.75
C LEU A 125 20.83 39.39 11.87
N ASP A 126 20.56 39.90 13.08
CA ASP A 126 20.16 39.09 14.23
C ASP A 126 18.64 39.17 14.38
N ILE A 127 17.99 38.02 14.24
CA ILE A 127 16.54 37.97 14.20
C ILE A 127 16.02 37.21 15.41
N THR A 128 14.90 37.68 15.93
CA THR A 128 14.17 37.00 17.00
C THR A 128 12.73 36.80 16.52
N THR A 129 12.21 35.59 16.69
CA THR A 129 10.84 35.24 16.36
C THR A 129 10.22 34.71 17.65
N SER A 130 9.29 35.45 18.25
CA SER A 130 8.63 35.04 19.49
C SER A 130 7.26 34.51 19.12
N PHE A 131 6.92 33.32 19.62
CA PHE A 131 5.64 32.73 19.28
C PHE A 131 4.91 32.38 20.57
N VAL A 132 3.61 32.73 20.64
CA VAL A 132 2.89 32.46 21.89
C VAL A 132 1.46 32.04 21.56
N LYS A 133 0.92 31.16 22.39
CA LYS A 133 -0.42 30.62 22.15
C LYS A 133 -1.35 31.14 23.24
N ILE A 134 -2.61 31.43 22.88
CA ILE A 134 -3.58 31.97 23.84
C ILE A 134 -4.84 31.12 23.78
N PRO A 135 -5.02 30.22 24.77
CA PRO A 135 -6.17 29.30 24.82
C PRO A 135 -7.52 30.03 24.73
N GLY A 136 -8.53 29.38 24.14
CA GLY A 136 -9.89 29.92 24.17
C GLY A 136 -10.69 29.54 22.94
N GLY A 137 -12.03 29.53 23.12
CA GLY A 137 -12.95 29.10 22.07
C GLY A 137 -12.89 27.60 21.84
N ALA A 138 -13.25 27.18 20.62
CA ALA A 138 -13.50 25.76 20.33
C ALA A 138 -12.55 25.22 19.26
N HIS A 139 -11.63 26.05 18.75
CA HIS A 139 -10.92 25.67 17.53
C HIS A 139 -9.40 25.60 17.75
N GLY A 140 -8.98 25.42 19.01
CA GLY A 140 -7.57 25.23 19.27
C GLY A 140 -6.90 26.52 19.71
N GLY A 141 -7.70 27.58 19.90
CA GLY A 141 -7.18 28.80 20.47
C GLY A 141 -6.57 29.73 19.42
N SER A 142 -5.85 30.73 19.93
CA SER A 142 -5.19 31.78 19.17
C SER A 142 -3.68 31.70 19.41
N TRP A 143 -2.95 32.57 18.72
CA TRP A 143 -1.50 32.67 18.79
C TRP A 143 -1.07 34.01 18.19
N ALA A 144 0.16 34.40 18.47
CA ALA A 144 0.75 35.62 17.97
C ALA A 144 2.26 35.43 17.89
N ALA A 145 2.89 36.23 17.04
CA ALA A 145 4.31 36.11 16.79
C ALA A 145 4.86 37.52 16.70
N ARG A 146 6.04 37.74 17.26
CA ARG A 146 6.77 38.96 17.02
C ARG A 146 8.03 38.61 16.25
N ILE A 147 8.22 39.30 15.11
CA ILE A 147 9.44 39.16 14.34
C ILE A 147 10.27 40.44 14.55
N LYS A 148 11.48 40.32 15.10
CA LYS A 148 12.36 41.46 15.34
C LYS A 148 13.68 41.27 14.60
N GLY A 149 14.05 42.25 13.77
CA GLY A 149 15.37 42.17 13.15
C GLY A 149 16.30 43.31 13.59
N THR A 150 17.53 42.97 14.00
CA THR A 150 18.51 43.98 14.37
C THR A 150 19.72 43.83 13.45
N LEU A 151 20.11 44.91 12.77
CA LEU A 151 21.33 44.76 12.00
C LEU A 151 22.49 44.48 12.96
N ASN A 152 23.46 43.70 12.51
CA ASN A 152 24.67 43.48 13.30
C ASN A 152 25.64 44.61 12.99
N ASP A 153 26.83 44.54 13.58
CA ASP A 153 27.77 45.64 13.55
C ASP A 153 28.38 45.78 12.17
N ASP A 154 28.38 44.69 11.38
CA ASP A 154 29.03 44.75 10.10
C ASP A 154 28.13 45.35 9.04
N ALA A 155 26.80 45.29 9.22
CA ALA A 155 25.92 45.64 8.12
C ALA A 155 25.97 47.16 7.89
N PRO A 156 25.79 47.59 6.63
CA PRO A 156 25.55 49.00 6.32
C PRO A 156 24.33 49.44 7.12
N LYS A 157 24.44 50.60 7.78
CA LYS A 157 23.44 51.07 8.76
C LYS A 157 22.13 51.40 8.01
N ASP A 158 22.22 51.47 6.68
CA ASP A 158 21.09 51.80 5.82
C ASP A 158 20.69 50.62 4.91
N GLN A 159 21.08 49.39 5.29
CA GLN A 159 20.63 48.21 4.58
C GLN A 159 19.14 48.26 4.32
N LYS A 160 18.75 47.82 3.12
CA LYS A 160 17.38 47.46 2.82
C LYS A 160 17.19 45.96 2.99
N THR A 161 16.25 45.57 3.86
CA THR A 161 15.87 44.18 4.02
C THR A 161 14.41 44.03 3.55
N ILE A 162 14.16 43.10 2.62
CA ILE A 162 12.82 42.72 2.21
C ILE A 162 12.28 41.69 3.19
N VAL A 163 11.04 41.86 3.66
CA VAL A 163 10.45 40.87 4.54
C VAL A 163 9.12 40.44 3.98
N VAL A 164 8.89 39.12 3.94
CA VAL A 164 7.64 38.59 3.44
C VAL A 164 7.00 37.73 4.51
N PHE A 165 5.70 37.95 4.72
CA PHE A 165 4.88 36.99 5.45
C PHE A 165 3.92 36.32 4.45
N TYR A 166 4.07 35.00 4.31
CA TYR A 166 3.40 34.24 3.27
C TYR A 166 2.35 33.37 3.93
N VAL A 167 1.11 33.49 3.43
CA VAL A 167 0.00 32.79 4.03
C VAL A 167 -0.75 31.98 2.96
N SER A 168 -1.02 30.71 3.29
CA SER A 168 -1.77 29.88 2.36
C SER A 168 -2.83 29.09 3.11
N GLN A 169 -3.88 28.67 2.40
CA GLN A 169 -4.90 27.83 3.02
C GLN A 169 -5.43 26.78 2.03
N GLU A 170 -5.30 25.50 2.43
CA GLU A 170 -5.81 24.37 1.67
C GLU A 170 -7.16 23.94 2.26
N GLY A 171 -8.05 23.47 1.38
CA GLY A 171 -9.43 23.14 1.74
C GLY A 171 -10.39 23.55 0.62
N GLU A 172 -11.34 22.67 0.30
CA GLU A 172 -12.34 22.93 -0.72
C GLU A 172 -13.28 24.06 -0.28
N ASN A 173 -13.75 24.00 0.97
CA ASN A 173 -14.82 24.87 1.44
C ASN A 173 -14.29 25.87 2.46
N SER A 174 -13.21 26.57 2.09
CA SER A 174 -12.59 27.49 3.03
C SER A 174 -12.31 28.78 2.30
N GLU A 175 -12.18 29.86 3.07
CA GLU A 175 -12.05 31.12 2.38
C GLU A 175 -11.12 32.00 3.21
N LEU A 176 -10.46 32.92 2.50
CA LEU A 176 -9.51 33.82 3.12
C LEU A 176 -9.41 35.06 2.25
N GLU A 177 -9.48 36.22 2.90
CA GLU A 177 -9.57 37.44 2.13
C GLU A 177 -8.75 38.53 2.83
N ALA A 178 -8.01 39.29 2.04
CA ALA A 178 -7.32 40.47 2.53
C ALA A 178 -8.28 41.65 2.46
N VAL A 179 -8.55 42.27 3.61
CA VAL A 179 -9.33 43.49 3.57
C VAL A 179 -8.49 44.56 2.88
N PRO A 180 -9.00 45.25 1.84
CA PRO A 180 -8.18 46.21 1.10
C PRO A 180 -7.85 47.42 1.98
N SER A 181 -6.88 48.24 1.53
CA SER A 181 -6.46 49.38 2.33
C SER A 181 -7.20 50.64 1.89
N GLU A 182 -7.19 51.67 2.75
CA GLU A 182 -7.71 52.99 2.42
C GLU A 182 -6.80 53.60 1.35
N ASN A 183 -5.48 53.49 1.55
CA ASN A 183 -4.48 54.17 0.74
C ASN A 183 -4.39 53.58 -0.67
N GLU A 184 -3.82 54.35 -1.61
CA GLU A 184 -3.97 54.02 -3.03
C GLU A 184 -3.13 52.79 -3.44
N PHE A 185 -1.91 52.68 -2.91
CA PHE A 185 -0.88 51.80 -3.47
C PHE A 185 -0.45 50.70 -2.52
N GLY A 186 -1.10 50.58 -1.35
CA GLY A 186 -0.65 49.70 -0.28
C GLY A 186 -1.13 50.15 1.10
N TYR A 187 -0.45 49.71 2.16
CA TYR A 187 -0.96 49.85 3.51
C TYR A 187 -0.07 50.76 4.34
N GLU A 188 -0.70 51.73 5.01
CA GLU A 188 0.02 52.58 5.96
C GLU A 188 0.01 51.91 7.33
N GLY A 189 -0.98 51.05 7.59
CA GLY A 189 -1.13 50.42 8.90
C GLY A 189 -1.10 48.89 8.77
N ASP A 190 -2.06 48.23 9.43
CA ASP A 190 -2.09 46.79 9.61
C ASP A 190 -2.76 46.13 8.41
N VAL A 191 -2.36 44.88 8.12
CA VAL A 191 -3.00 44.08 7.10
C VAL A 191 -3.88 43.09 7.84
N ILE A 192 -5.18 43.06 7.49
CA ILE A 192 -6.11 42.15 8.14
C ILE A 192 -6.51 41.11 7.12
N LEU A 193 -6.30 39.83 7.47
CA LEU A 193 -6.87 38.77 6.65
C LEU A 193 -8.02 38.16 7.45
N LYS A 194 -9.18 38.04 6.80
CA LYS A 194 -10.33 37.38 7.42
C LYS A 194 -10.54 36.03 6.73
N GLY A 195 -10.72 34.98 7.52
CA GLY A 195 -10.90 33.69 6.89
C GLY A 195 -11.88 32.78 7.62
N ARG A 196 -12.13 31.61 7.00
CA ARG A 196 -13.09 30.65 7.54
C ARG A 196 -12.74 29.28 6.98
N SER A 197 -12.89 28.25 7.84
CA SER A 197 -12.92 26.85 7.40
C SER A 197 -13.70 26.03 8.43
N GLU A 198 -14.13 24.83 8.00
CA GLU A 198 -14.72 23.84 8.90
C GLU A 198 -13.81 23.59 10.09
N ALA A 199 -12.50 23.44 9.85
CA ALA A 199 -11.61 23.11 10.95
C ALA A 199 -11.35 24.31 11.89
N LEU A 200 -11.34 25.55 11.37
CA LEU A 200 -10.89 26.66 12.23
C LEU A 200 -12.04 27.61 12.58
N GLY A 201 -13.22 27.38 12.01
CA GLY A 201 -14.30 28.34 12.16
C GLY A 201 -13.87 29.67 11.55
N ASN A 202 -14.40 30.77 12.09
CA ASN A 202 -14.01 32.10 11.65
C ASN A 202 -12.71 32.52 12.38
N TYR A 203 -11.88 33.29 11.67
CA TYR A 203 -10.63 33.77 12.27
C TYR A 203 -10.16 35.02 11.54
N LYS A 204 -9.39 35.84 12.26
CA LYS A 204 -8.69 36.93 11.62
C LYS A 204 -7.21 36.77 11.93
N LEU A 205 -6.38 37.07 10.91
CA LEU A 205 -4.94 37.02 11.01
C LEU A 205 -4.48 38.41 10.62
N VAL A 206 -3.81 39.10 11.56
CA VAL A 206 -3.32 40.46 11.34
C VAL A 206 -1.79 40.49 11.26
N VAL A 207 -1.24 41.21 10.25
CA VAL A 207 0.17 41.55 10.21
C VAL A 207 0.32 43.05 10.50
N THR A 208 0.87 43.39 11.67
CA THR A 208 0.81 44.76 12.11
C THR A 208 1.77 45.60 11.28
N LYS A 209 1.61 46.94 11.33
CA LYS A 209 2.39 47.80 10.47
C LYS A 209 3.86 47.72 10.88
N GLY A 210 4.12 47.54 12.18
CA GLY A 210 5.48 47.35 12.65
C GLY A 210 6.19 48.69 12.87
N LYS A 211 7.42 48.58 13.38
CA LYS A 211 8.28 49.71 13.67
C LYS A 211 9.54 49.55 12.79
N GLY A 212 9.96 50.65 12.15
CA GLY A 212 11.25 50.80 11.51
C GLY A 212 11.17 51.71 10.29
N VAL A 213 12.32 52.16 9.77
CA VAL A 213 12.28 53.08 8.66
C VAL A 213 11.81 52.34 7.41
N ILE A 214 10.80 52.91 6.76
CA ILE A 214 10.42 52.38 5.47
C ILE A 214 10.89 53.29 4.33
N PRO A 215 11.81 52.82 3.45
CA PRO A 215 12.42 53.69 2.45
C PRO A 215 11.41 54.27 1.46
N GLN A 216 11.74 55.43 0.89
CA GLN A 216 10.79 56.10 0.03
C GLN A 216 11.49 56.40 -1.29
N SER A 217 10.83 56.15 -2.42
CA SER A 217 11.46 56.34 -3.71
C SER A 217 10.97 57.63 -4.34
N ASP A 218 11.87 58.39 -4.96
CA ASP A 218 11.49 59.62 -5.61
C ASP A 218 11.37 59.39 -7.12
N HIS A 219 11.50 58.12 -7.55
CA HIS A 219 11.44 57.82 -8.97
C HIS A 219 10.02 58.07 -9.52
N ASP A 220 9.93 58.26 -10.84
CA ASP A 220 8.64 58.34 -11.52
C ASP A 220 7.73 57.15 -11.20
N LEU A 221 8.32 55.95 -11.17
CA LEU A 221 7.55 54.76 -10.83
C LEU A 221 6.61 54.99 -9.64
N SER A 222 6.98 55.89 -8.70
CA SER A 222 6.19 56.02 -7.48
C SER A 222 4.79 56.59 -7.72
N ARG A 223 4.58 57.19 -8.90
CA ARG A 223 3.28 57.68 -9.30
C ARG A 223 2.36 56.50 -9.63
N LEU A 224 2.93 55.34 -9.99
CA LEU A 224 2.10 54.18 -10.28
C LEU A 224 2.21 53.11 -9.21
N ARG A 225 3.32 53.07 -8.46
CA ARG A 225 3.51 51.96 -7.52
C ARG A 225 3.55 52.46 -6.08
N GLY A 226 3.35 53.78 -5.90
CA GLY A 226 3.53 54.39 -4.61
C GLY A 226 5.01 54.64 -4.31
N PRO A 227 5.29 55.52 -3.32
CA PRO A 227 6.66 55.83 -2.91
C PRO A 227 7.36 54.70 -2.14
N GLY A 228 6.58 53.69 -1.70
CA GLY A 228 7.10 52.66 -0.82
C GLY A 228 6.20 52.46 0.40
N GLN A 229 5.65 51.24 0.57
CA GLN A 229 4.70 50.90 1.62
C GLN A 229 4.51 49.37 1.68
N THR A 230 3.95 48.87 2.79
CA THR A 230 3.48 47.49 2.87
C THR A 230 2.54 47.18 1.70
N VAL A 231 2.72 46.01 1.05
CA VAL A 231 1.79 45.56 0.01
C VAL A 231 1.31 44.14 0.31
N VAL A 232 0.18 43.76 -0.31
CA VAL A 232 -0.41 42.43 -0.26
C VAL A 232 -0.81 42.03 -1.69
N GLN A 233 -0.43 40.80 -2.09
CA GLN A 233 -1.00 40.16 -3.27
C GLN A 233 -1.74 38.92 -2.82
N SER A 234 -2.95 38.75 -3.35
CA SER A 234 -3.84 37.68 -2.95
C SER A 234 -4.08 36.86 -4.19
N LEU A 235 -3.79 35.55 -4.14
CA LEU A 235 -3.61 34.76 -5.35
C LEU A 235 -4.34 33.46 -5.14
N THR A 236 -4.55 32.74 -6.24
CA THR A 236 -4.94 31.35 -6.06
C THR A 236 -4.17 30.43 -7.02
N TYR A 237 -3.79 29.27 -6.47
CA TYR A 237 -3.12 28.22 -7.22
C TYR A 237 -3.78 26.94 -6.77
N PRO A 238 -3.63 25.81 -7.51
CA PRO A 238 -4.16 24.54 -7.02
C PRO A 238 -3.55 24.17 -5.67
N ASP A 239 -4.39 23.61 -4.78
CA ASP A 239 -4.07 23.37 -3.39
C ASP A 239 -2.72 22.70 -3.18
N GLU A 240 -2.39 21.74 -4.05
CA GLU A 240 -1.25 20.88 -3.75
C GLU A 240 0.09 21.59 -3.96
N VAL A 241 0.11 22.81 -4.53
CA VAL A 241 1.39 23.47 -4.72
C VAL A 241 1.58 24.68 -3.79
N LEU A 242 0.65 24.92 -2.86
CA LEU A 242 0.72 26.16 -2.10
C LEU A 242 1.98 26.21 -1.23
N TRP A 243 2.50 25.04 -0.85
CA TRP A 243 3.70 24.91 -0.03
C TRP A 243 4.92 25.50 -0.73
N GLN A 244 4.87 25.65 -2.07
CA GLN A 244 6.00 26.14 -2.85
C GLN A 244 6.08 27.69 -2.84
N ALA A 245 6.39 28.23 -1.65
CA ALA A 245 6.35 29.66 -1.37
C ALA A 245 7.42 30.43 -2.14
N LYS A 246 8.66 29.93 -2.18
CA LYS A 246 9.73 30.64 -2.87
C LYS A 246 9.37 30.87 -4.34
N PRO A 247 9.11 29.79 -5.12
CA PRO A 247 8.76 29.94 -6.53
C PRO A 247 7.50 30.80 -6.73
N ILE A 248 6.52 30.67 -5.82
CA ILE A 248 5.30 31.41 -5.99
C ILE A 248 5.63 32.90 -5.86
N LEU A 249 6.44 33.24 -4.85
CA LEU A 249 6.83 34.62 -4.62
C LEU A 249 7.63 35.10 -5.82
N PHE A 250 8.55 34.27 -6.30
CA PHE A 250 9.40 34.77 -7.36
C PHE A 250 8.62 34.95 -8.67
N GLN A 251 7.60 34.10 -8.90
CA GLN A 251 6.87 34.26 -10.14
C GLN A 251 6.21 35.64 -10.14
N GLN A 252 5.75 36.10 -8.96
CA GLN A 252 5.13 37.42 -8.81
C GLN A 252 6.17 38.54 -8.97
N LEU A 253 7.36 38.35 -8.41
CA LEU A 253 8.43 39.33 -8.57
C LEU A 253 8.78 39.43 -10.04
N LYS A 254 8.84 38.29 -10.73
CA LYS A 254 9.17 38.28 -12.14
C LYS A 254 8.11 39.00 -12.97
N ALA A 255 6.81 38.84 -12.65
CA ALA A 255 5.76 39.53 -13.39
C ALA A 255 5.87 41.05 -13.22
N GLY A 256 6.12 41.52 -11.98
CA GLY A 256 6.41 42.91 -11.67
C GLY A 256 7.55 43.48 -12.53
N ILE A 257 8.68 42.80 -12.60
CA ILE A 257 9.80 43.28 -13.41
C ILE A 257 9.42 43.30 -14.90
N ASP A 258 8.68 42.27 -15.38
CA ASP A 258 8.27 42.23 -16.78
C ASP A 258 7.41 43.44 -17.10
N TRP A 259 6.58 43.81 -16.14
CA TRP A 259 5.76 45.00 -16.23
C TRP A 259 6.66 46.25 -16.34
N LEU A 260 7.74 46.35 -15.55
CA LEU A 260 8.66 47.46 -15.66
C LEU A 260 9.15 47.56 -17.10
N VAL A 261 9.63 46.42 -17.66
CA VAL A 261 10.26 46.40 -18.97
C VAL A 261 9.25 46.88 -20.02
N GLU A 262 8.02 46.34 -20.00
CA GLU A 262 6.97 46.62 -20.98
C GLU A 262 6.56 48.09 -20.93
N ASN A 263 6.82 48.77 -19.80
CA ASN A 263 6.28 50.10 -19.55
C ASN A 263 7.42 51.11 -19.53
N LYS A 264 8.57 50.78 -20.15
CA LYS A 264 9.60 51.76 -20.44
C LYS A 264 10.38 52.15 -19.18
N TYR A 265 10.34 51.36 -18.10
CA TYR A 265 11.30 51.56 -17.02
C TYR A 265 12.56 50.74 -17.29
N ASP A 266 13.68 51.42 -17.58
CA ASP A 266 14.87 50.81 -18.16
C ASP A 266 16.15 51.34 -17.48
N VAL A 267 17.32 51.00 -18.06
CA VAL A 267 18.61 51.21 -17.42
C VAL A 267 19.11 52.64 -17.66
N ALA A 268 18.41 53.41 -18.52
CA ALA A 268 18.72 54.83 -18.65
C ALA A 268 18.36 55.59 -17.37
N ASP A 269 17.42 55.06 -16.58
CA ASP A 269 16.89 55.74 -15.39
C ASP A 269 16.11 54.72 -14.55
N PRO A 270 16.79 53.78 -13.86
CA PRO A 270 16.08 52.67 -13.24
C PRO A 270 15.55 53.04 -11.86
N PRO A 271 14.37 52.53 -11.44
CA PRO A 271 13.93 52.71 -10.06
C PRO A 271 14.95 52.01 -9.14
N PRO A 272 15.03 52.33 -7.84
CA PRO A 272 15.93 51.59 -6.93
C PRO A 272 15.56 50.10 -6.79
N PRO A 273 16.57 49.22 -6.55
CA PRO A 273 16.33 47.77 -6.46
C PRO A 273 15.13 47.42 -5.59
N TRP A 274 15.08 48.02 -4.40
CA TRP A 274 14.09 47.62 -3.43
C TRP A 274 12.67 47.95 -3.93
N GLN A 275 12.55 48.95 -4.81
CA GLN A 275 11.29 49.28 -5.45
C GLN A 275 11.08 48.38 -6.66
N VAL A 276 12.14 48.00 -7.37
CA VAL A 276 11.94 47.07 -8.47
C VAL A 276 11.37 45.74 -7.90
N TYR A 277 11.75 45.40 -6.66
CA TYR A 277 11.36 44.14 -6.04
C TYR A 277 10.21 44.29 -5.02
N LEU A 278 9.45 45.41 -5.10
CA LEU A 278 8.25 45.60 -4.29
C LEU A 278 7.01 45.27 -5.13
N LEU A 279 6.25 44.26 -4.71
CA LEU A 279 5.13 43.82 -5.53
C LEU A 279 4.10 44.95 -5.67
N ALA A 280 3.40 45.03 -6.82
CA ALA A 280 2.22 45.88 -6.95
C ALA A 280 1.15 45.35 -5.99
N ASN A 281 0.56 46.26 -5.21
CA ASN A 281 -0.50 45.94 -4.28
C ASN A 281 -1.72 45.40 -5.02
N LYS A 282 -2.25 44.22 -4.63
CA LYS A 282 -3.47 43.67 -5.19
C LYS A 282 -4.16 42.73 -4.22
N PRO A 283 -4.67 43.21 -3.06
CA PRO A 283 -5.32 42.30 -2.11
C PRO A 283 -6.68 41.87 -2.67
N GLY A 284 -7.19 40.77 -2.11
CA GLY A 284 -8.41 40.13 -2.57
C GLY A 284 -8.68 38.85 -1.78
N SER A 285 -9.56 38.01 -2.34
CA SER A 285 -9.67 36.67 -1.81
C SER A 285 -8.76 35.76 -2.66
N GLY A 286 -8.35 34.66 -2.02
CA GLY A 286 -7.52 33.65 -2.65
C GLY A 286 -7.07 32.62 -1.61
N ASN A 287 -6.35 31.60 -2.07
CA ASN A 287 -5.78 30.64 -1.15
C ASN A 287 -4.30 30.95 -0.90
N VAL A 288 -3.76 32.03 -1.52
CA VAL A 288 -2.42 32.51 -1.15
C VAL A 288 -2.41 34.03 -0.93
N HIS A 289 -1.73 34.47 0.15
CA HIS A 289 -1.59 35.89 0.42
C HIS A 289 -0.14 36.18 0.77
N ILE A 290 0.46 37.07 -0.03
CA ILE A 290 1.82 37.51 0.19
C ILE A 290 1.75 38.91 0.78
N VAL A 291 2.26 39.03 2.01
CA VAL A 291 2.41 40.33 2.66
C VAL A 291 3.90 40.69 2.62
N GLN A 292 4.23 41.84 2.02
CA GLN A 292 5.64 42.24 1.83
C GLN A 292 5.85 43.62 2.44
N LYS A 293 6.96 43.78 3.18
CA LYS A 293 7.45 45.05 3.69
C LYS A 293 8.93 45.17 3.33
N VAL A 294 9.39 46.40 3.15
CA VAL A 294 10.79 46.72 3.05
C VAL A 294 11.15 47.63 4.22
N PHE A 295 12.25 47.31 4.88
CA PHE A 295 12.72 48.10 5.99
C PHE A 295 14.10 48.64 5.67
N GLU A 296 14.40 49.82 6.23
CA GLU A 296 15.77 50.31 6.19
C GLU A 296 16.26 50.37 7.64
N GLY A 297 17.33 49.64 7.94
CA GLY A 297 17.74 49.56 9.33
C GLY A 297 16.96 48.49 10.09
N ASP A 298 16.93 48.61 11.43
CA ASP A 298 16.27 47.63 12.29
C ASP A 298 14.76 47.66 12.08
N PHE A 299 14.05 46.56 12.38
CA PHE A 299 12.61 46.54 12.17
C PHE A 299 11.94 45.59 13.15
N GLU A 300 10.60 45.68 13.24
CA GLU A 300 9.84 44.62 13.89
C GLU A 300 8.37 44.73 13.50
N PHE A 301 7.67 43.60 13.55
CA PHE A 301 6.23 43.56 13.30
C PHE A 301 5.66 42.33 13.98
N ASP A 302 4.33 42.36 14.17
CA ASP A 302 3.63 41.30 14.87
C ASP A 302 2.69 40.56 13.91
N ILE A 303 2.34 39.34 14.29
CA ILE A 303 1.32 38.62 13.56
C ILE A 303 0.37 38.17 14.63
N LEU A 304 -0.91 38.54 14.48
CA LEU A 304 -1.90 38.25 15.51
C LEU A 304 -2.98 37.38 14.92
N PHE A 305 -3.04 36.13 15.41
CA PHE A 305 -4.05 35.19 14.95
C PHE A 305 -5.15 35.12 16.02
N SER A 306 -6.36 35.58 15.66
CA SER A 306 -7.46 35.63 16.61
C SER A 306 -8.55 34.66 16.19
N SER A 307 -8.75 33.60 16.97
CA SER A 307 -9.86 32.68 16.73
C SER A 307 -11.18 33.35 17.13
N GLU A 308 -12.13 33.47 16.19
CA GLU A 308 -13.34 34.23 16.51
C GLU A 308 -14.09 33.61 17.69
N SER A 309 -14.18 32.28 17.71
CA SER A 309 -14.92 31.55 18.72
C SER A 309 -14.38 31.77 20.14
N ALA A 310 -13.26 32.50 20.29
CA ALA A 310 -12.68 32.80 21.59
C ALA A 310 -13.12 34.19 22.04
N GLY A 311 -12.55 34.68 23.14
CA GLY A 311 -12.87 36.03 23.63
C GLY A 311 -12.82 37.12 22.55
N LYS A 312 -12.37 38.33 22.96
CA LYS A 312 -12.05 39.38 22.01
C LYS A 312 -10.76 38.97 21.27
N GLU A 313 -10.34 39.79 20.31
CA GLU A 313 -9.24 39.44 19.44
C GLU A 313 -7.90 39.67 20.16
N VAL A 314 -6.82 39.10 19.62
CA VAL A 314 -5.50 39.16 20.24
C VAL A 314 -4.85 40.52 19.93
N THR A 315 -4.22 41.14 20.93
CA THR A 315 -3.58 42.40 20.63
C THR A 315 -2.07 42.19 20.75
N SER A 316 -1.31 43.23 20.38
CA SER A 316 0.11 43.26 20.63
C SER A 316 0.41 43.31 22.13
N LYS A 317 -0.46 43.93 22.92
CA LYS A 317 -0.18 44.02 24.35
C LYS A 317 -0.31 42.60 24.91
N ASP A 318 -1.27 41.84 24.37
CA ASP A 318 -1.44 40.46 24.82
C ASP A 318 -0.19 39.65 24.47
N LEU A 319 0.36 39.91 23.27
CA LEU A 319 1.48 39.14 22.77
C LEU A 319 2.64 39.31 23.74
N GLU A 320 2.84 40.56 24.16
CA GLU A 320 3.99 40.90 24.99
C GLU A 320 3.84 40.27 26.37
N ARG A 321 2.59 40.19 26.87
CA ARG A 321 2.34 39.68 28.21
C ARG A 321 2.44 38.17 28.22
N GLU A 322 1.94 37.52 27.17
CA GLU A 322 2.01 36.08 27.11
C GLU A 322 3.47 35.62 26.91
N VAL A 323 4.24 36.40 26.14
CA VAL A 323 5.66 36.09 25.98
C VAL A 323 6.36 36.11 27.35
N LYS A 324 6.19 37.19 28.13
CA LYS A 324 6.82 37.30 29.46
C LYS A 324 6.42 36.12 30.36
N GLN A 325 5.17 35.69 30.25
CA GLN A 325 4.60 34.66 31.09
C GLN A 325 5.17 33.29 30.71
N ALA A 326 5.19 32.98 29.41
CA ALA A 326 5.74 31.71 28.92
C ALA A 326 7.20 31.50 29.36
N THR A 327 8.01 32.57 29.37
CA THR A 327 9.38 32.51 29.88
C THR A 327 9.44 32.12 31.37
N GLU A 328 8.54 32.69 32.18
CA GLU A 328 8.59 32.45 33.61
C GLU A 328 8.22 30.99 33.85
N VAL A 329 7.17 30.53 33.17
CA VAL A 329 6.72 29.15 33.30
C VAL A 329 7.82 28.18 32.84
N PHE A 330 8.43 28.47 31.67
CA PHE A 330 9.49 27.65 31.12
C PHE A 330 10.59 27.53 32.17
N GLY A 331 11.04 28.69 32.69
CA GLY A 331 12.07 28.77 33.70
C GLY A 331 11.83 27.84 34.90
N GLU A 332 10.59 27.86 35.43
CA GLU A 332 10.26 27.12 36.64
C GLU A 332 10.14 25.61 36.34
N ARG A 333 9.58 25.25 35.17
CA ARG A 333 9.54 23.82 34.85
C ARG A 333 10.94 23.26 34.62
N PHE A 334 11.83 24.05 33.99
CA PHE A 334 13.16 23.53 33.66
C PHE A 334 13.89 23.12 34.94
N ALA A 335 13.85 23.97 35.98
CA ALA A 335 14.64 23.76 37.19
C ALA A 335 14.06 22.63 38.02
N ARG A 336 12.77 22.34 37.84
CA ARG A 336 12.16 21.19 38.50
C ARG A 336 12.50 19.89 37.74
N VAL A 337 12.30 19.90 36.42
CA VAL A 337 12.39 18.69 35.61
C VAL A 337 13.85 18.37 35.26
N PHE A 338 14.65 19.39 34.97
CA PHE A 338 16.04 19.22 34.56
C PHE A 338 16.94 19.90 35.58
N ASP A 339 17.00 19.28 36.75
CA ASP A 339 17.76 19.83 37.86
C ASP A 339 19.17 19.27 37.70
N LEU A 340 20.08 20.14 37.27
CA LEU A 340 21.40 19.66 36.87
C LEU A 340 22.21 19.30 38.12
N LYS A 341 22.78 18.09 38.15
CA LYS A 341 23.62 17.68 39.25
C LYS A 341 25.11 17.98 39.03
N ALA A 342 25.84 17.97 40.15
CA ALA A 342 27.27 18.20 40.16
C ALA A 342 27.99 17.30 39.14
N PRO A 343 29.07 17.79 38.48
CA PRO A 343 29.55 19.16 38.63
C PRO A 343 28.98 20.15 37.60
N PHE A 344 27.73 19.93 37.17
CA PHE A 344 27.16 20.79 36.15
C PHE A 344 26.03 21.68 36.70
N GLN A 345 26.15 22.16 37.94
CA GLN A 345 25.05 22.93 38.54
C GLN A 345 25.18 24.39 38.12
N GLY A 346 26.34 24.80 37.58
CA GLY A 346 26.62 26.19 37.26
C GLY A 346 25.74 26.74 36.13
N ASP A 347 25.64 28.06 36.05
CA ASP A 347 24.74 28.77 35.14
C ASP A 347 25.16 28.55 33.68
N ASN A 348 26.44 28.31 33.45
CA ASN A 348 26.93 28.06 32.10
C ASN A 348 26.29 26.75 31.62
N TYR A 349 26.15 25.78 32.53
CA TYR A 349 25.56 24.48 32.21
C TYR A 349 24.04 24.56 32.11
N LYS A 350 23.40 25.46 32.88
CA LYS A 350 21.97 25.66 32.80
C LYS A 350 21.68 26.20 31.41
N LYS A 351 22.53 27.14 30.97
CA LYS A 351 22.26 27.81 29.73
C LYS A 351 22.40 26.76 28.63
N PHE A 352 23.44 25.94 28.75
CA PHE A 352 23.74 24.86 27.82
C PHE A 352 22.54 23.92 27.74
N GLY A 353 22.04 23.49 28.90
CA GLY A 353 20.95 22.51 28.97
C GLY A 353 19.66 23.07 28.34
N LYS A 354 19.40 24.36 28.59
CA LYS A 354 18.20 25.01 28.10
C LYS A 354 18.26 25.10 26.57
N SER A 355 19.49 25.28 26.07
CA SER A 355 19.66 25.37 24.63
C SER A 355 19.45 24.01 23.96
N MET A 356 20.05 22.96 24.53
CA MET A 356 19.98 21.61 24.00
C MET A 356 18.53 21.11 24.10
N PHE A 357 17.87 21.45 25.23
CA PHE A 357 16.52 20.96 25.40
C PHE A 357 15.58 21.65 24.41
N SER A 358 15.68 22.97 24.34
CA SER A 358 14.72 23.77 23.58
C SER A 358 14.79 23.43 22.09
N ASN A 359 16.02 23.17 21.61
CA ASN A 359 16.22 22.75 20.23
C ASN A 359 15.57 21.41 19.94
N LEU A 360 15.69 20.48 20.88
CA LEU A 360 15.08 19.18 20.70
C LEU A 360 13.56 19.30 20.62
N ILE A 361 12.93 19.90 21.64
CA ILE A 361 11.48 19.89 21.72
C ILE A 361 10.95 20.90 20.72
N GLY A 362 11.78 21.90 20.39
CA GLY A 362 11.38 22.90 19.39
C GLY A 362 11.45 22.41 17.93
N GLY A 363 12.05 21.24 17.69
CA GLY A 363 12.03 20.73 16.32
C GLY A 363 10.75 19.93 16.00
N ILE A 364 9.82 19.88 16.95
CA ILE A 364 8.58 19.11 16.73
C ILE A 364 7.87 19.64 15.49
N GLY A 365 7.47 18.70 14.63
CA GLY A 365 6.76 19.12 13.45
C GLY A 365 5.45 18.35 13.29
N TYR A 366 4.56 18.90 12.46
CA TYR A 366 3.43 18.18 11.93
C TYR A 366 3.62 18.03 10.42
N PHE A 367 3.63 16.78 9.96
CA PHE A 367 3.85 16.45 8.57
C PHE A 367 2.62 15.73 8.04
N TYR A 368 2.33 15.92 6.74
CA TYR A 368 1.09 15.42 6.16
C TYR A 368 1.30 15.14 4.68
N GLY A 369 0.91 13.94 4.22
CA GLY A 369 0.87 13.72 2.78
C GLY A 369 1.08 12.26 2.43
N HIS A 370 1.25 11.98 1.15
CA HIS A 370 1.55 10.62 0.76
C HIS A 370 3.03 10.33 1.01
N SER A 371 3.35 9.04 1.20
CA SER A 371 4.73 8.60 1.16
C SER A 371 4.91 7.53 0.08
N LEU A 372 6.18 7.25 -0.27
CA LEU A 372 6.58 6.40 -1.36
C LEU A 372 7.00 5.01 -0.83
N VAL A 373 6.30 3.95 -1.26
CA VAL A 373 6.45 2.62 -0.67
C VAL A 373 6.42 1.58 -1.76
N ASP A 374 7.42 0.68 -1.77
CA ASP A 374 7.41 -0.50 -2.63
C ASP A 374 6.59 -1.58 -1.94
N ARG A 375 5.39 -1.88 -2.46
CA ARG A 375 4.45 -2.84 -1.90
C ARG A 375 4.40 -4.10 -2.77
N SER A 376 5.36 -4.29 -3.66
CA SER A 376 5.56 -5.55 -4.36
C SER A 376 5.76 -6.79 -3.46
N TYR A 377 6.35 -6.66 -2.26
CA TYR A 377 6.87 -7.81 -1.53
C TYR A 377 7.55 -8.81 -2.48
N ALA A 378 8.36 -8.30 -3.41
CA ALA A 378 9.15 -9.14 -4.31
C ALA A 378 9.83 -10.22 -3.50
N PRO A 379 9.87 -11.49 -3.97
CA PRO A 379 10.49 -12.55 -3.18
C PRO A 379 11.98 -12.31 -2.91
N GLU A 380 12.66 -11.59 -3.79
CA GLU A 380 14.06 -11.26 -3.57
C GLU A 380 14.26 -10.53 -2.23
N TYR A 381 13.21 -9.94 -1.64
CA TYR A 381 13.35 -9.19 -0.40
C TYR A 381 13.40 -10.15 0.79
N ASP A 382 13.21 -11.44 0.52
CA ASP A 382 13.25 -12.41 1.60
C ASP A 382 14.71 -12.64 1.97
N GLU A 383 15.63 -12.42 1.01
CA GLU A 383 17.06 -12.48 1.29
C GLU A 383 17.42 -13.87 1.80
N GLU A 384 17.06 -14.90 1.03
CA GLU A 384 17.16 -16.27 1.49
C GLU A 384 18.40 -16.96 0.89
N ASN A 385 18.87 -16.41 -0.24
CA ASN A 385 20.02 -16.96 -0.96
C ASN A 385 21.31 -16.19 -0.58
N GLU A 386 22.46 -16.85 -0.76
CA GLU A 386 23.76 -16.19 -0.86
C GLU A 386 23.69 -15.15 -1.96
N GLY A 387 24.32 -13.98 -1.76
CA GLY A 387 24.41 -12.97 -2.79
C GLY A 387 23.12 -12.16 -2.91
N PHE A 388 22.31 -12.19 -1.84
CA PHE A 388 20.93 -11.70 -1.84
C PHE A 388 20.85 -10.21 -2.20
N TRP A 389 21.96 -9.46 -2.04
CA TRP A 389 21.88 -8.01 -2.18
C TRP A 389 21.77 -7.64 -3.65
N GLU A 390 22.33 -8.50 -4.51
CA GLU A 390 22.22 -8.35 -5.96
C GLU A 390 20.80 -8.62 -6.44
N ASP A 391 20.14 -9.64 -5.87
CA ASP A 391 18.76 -9.94 -6.20
C ASP A 391 17.87 -8.80 -5.74
N ALA A 392 18.02 -8.35 -4.50
CA ALA A 392 17.23 -7.22 -3.98
C ALA A 392 17.43 -5.96 -4.84
N ALA A 393 18.67 -5.67 -5.27
CA ALA A 393 18.92 -4.57 -6.19
C ALA A 393 18.08 -4.71 -7.45
N GLU A 394 18.08 -5.91 -8.03
CA GLU A 394 17.26 -6.18 -9.20
C GLU A 394 15.80 -5.84 -8.93
N ALA A 395 15.25 -6.26 -7.79
CA ALA A 395 13.84 -6.02 -7.51
C ALA A 395 13.56 -4.52 -7.37
N ARG A 396 14.48 -3.79 -6.73
CA ARG A 396 14.34 -2.34 -6.61
C ARG A 396 14.35 -1.70 -7.98
N ALA A 397 15.15 -2.27 -8.91
CA ALA A 397 15.18 -1.81 -10.29
C ALA A 397 13.89 -2.12 -11.07
N ARG A 398 12.87 -2.72 -10.44
CA ARG A 398 11.60 -2.84 -11.16
C ARG A 398 10.76 -1.57 -10.95
N HIS A 399 11.18 -0.71 -10.01
CA HIS A 399 10.47 0.51 -9.62
C HIS A 399 8.97 0.31 -9.53
N GLN A 400 8.54 -0.63 -8.69
CA GLN A 400 7.13 -0.87 -8.46
C GLN A 400 6.57 0.11 -7.44
N GLU A 401 7.45 0.89 -6.78
CA GLU A 401 6.99 1.75 -5.68
C GLU A 401 5.93 2.71 -6.20
N ALA A 402 4.96 3.06 -5.34
CA ALA A 402 3.88 3.99 -5.65
C ALA A 402 3.61 4.87 -4.44
N LEU A 403 3.01 6.04 -4.65
CA LEU A 403 2.61 6.87 -3.51
C LEU A 403 1.42 6.27 -2.77
N GLU A 404 1.43 6.39 -1.45
CA GLU A 404 0.28 5.94 -0.72
C GLU A 404 0.00 6.90 0.45
N GLY A 405 -1.23 6.80 0.97
CA GLY A 405 -1.68 7.54 2.14
C GLY A 405 -3.00 8.25 1.83
N PRO A 406 -3.20 9.53 2.22
CA PRO A 406 -2.18 10.34 2.87
C PRO A 406 -2.03 9.90 4.32
N TYR A 407 -0.88 10.20 4.92
CA TYR A 407 -0.60 9.99 6.32
C TYR A 407 -0.31 11.32 7.00
N GLU A 408 -0.43 11.36 8.32
CA GLU A 408 0.07 12.46 9.10
C GLU A 408 1.04 11.93 10.17
N LEU A 409 1.96 12.79 10.61
CA LEU A 409 2.84 12.47 11.72
C LEU A 409 3.14 13.75 12.49
N PHE A 410 3.07 13.58 13.82
CA PHE A 410 3.49 14.61 14.77
C PHE A 410 4.73 14.09 15.51
N THR A 411 5.89 14.71 15.31
CA THR A 411 7.11 14.11 15.79
C THR A 411 8.21 15.16 15.95
N SER A 412 9.18 14.87 16.81
CA SER A 412 10.43 15.62 16.78
C SER A 412 11.33 15.00 15.69
N ILE A 413 12.43 15.67 15.35
CA ILE A 413 13.24 15.31 14.19
C ILE A 413 14.71 15.45 14.58
N PRO A 414 15.66 14.82 13.85
CA PRO A 414 17.07 14.96 14.22
C PRO A 414 17.71 16.27 13.80
N SER A 415 17.25 16.84 12.68
CA SER A 415 18.03 17.86 12.02
C SER A 415 17.18 18.82 11.18
N ARG A 416 17.02 20.06 11.64
CA ARG A 416 16.27 21.06 10.90
C ARG A 416 16.87 21.25 9.53
N PRO A 417 18.19 21.49 9.38
CA PRO A 417 18.74 21.84 8.07
C PRO A 417 18.92 20.69 7.09
N PHE A 418 19.16 19.45 7.57
CA PHE A 418 19.57 18.38 6.66
C PHE A 418 18.52 17.27 6.51
N PHE A 419 17.78 16.95 7.58
CA PHE A 419 16.80 15.90 7.42
C PHE A 419 15.67 16.10 8.43
N PRO A 420 14.78 17.08 8.16
CA PRO A 420 13.75 17.46 9.11
C PRO A 420 12.48 16.63 8.95
N ARG A 421 12.52 15.41 9.46
CA ARG A 421 11.42 14.47 9.32
C ARG A 421 11.64 13.34 10.33
N GLY A 422 10.59 12.54 10.56
CA GLY A 422 10.58 11.47 11.56
C GLY A 422 11.53 10.35 11.18
N PHE A 423 12.40 9.94 12.12
CA PHE A 423 13.17 8.72 11.98
C PHE A 423 12.84 7.84 13.17
N LEU A 424 12.63 6.55 12.89
CA LEU A 424 11.94 5.69 13.84
C LEU A 424 12.77 5.50 15.10
N TRP A 425 14.01 5.00 14.99
CA TRP A 425 14.74 4.78 16.25
C TRP A 425 15.27 6.07 16.89
N ASP A 426 15.47 7.15 16.09
CA ASP A 426 15.83 8.45 16.66
C ASP A 426 14.77 8.86 17.68
N GLU A 427 13.49 8.65 17.32
CA GLU A 427 12.41 9.25 18.10
C GLU A 427 12.37 8.68 19.52
N GLY A 428 12.70 7.41 19.68
CA GLY A 428 12.83 6.85 21.02
C GLY A 428 13.84 7.62 21.88
N PHE A 429 14.97 8.05 21.32
CA PHE A 429 15.93 8.85 22.08
C PHE A 429 15.39 10.25 22.32
N HIS A 430 14.79 10.87 21.29
CA HIS A 430 14.27 12.22 21.43
C HIS A 430 13.24 12.26 22.57
N LEU A 431 12.43 11.20 22.71
CA LEU A 431 11.32 11.39 23.65
C LEU A 431 11.77 11.18 25.10
N LEU A 432 13.01 10.75 25.30
CA LEU A 432 13.34 10.49 26.70
C LEU A 432 13.35 11.80 27.48
N PRO A 433 13.96 12.88 26.98
CA PRO A 433 13.93 14.14 27.72
C PRO A 433 12.59 14.82 27.54
N ILE A 434 11.95 14.60 26.38
CA ILE A 434 10.69 15.25 26.13
C ILE A 434 9.65 14.71 27.13
N ALA A 435 9.77 13.41 27.49
CA ALA A 435 8.83 12.74 28.36
C ALA A 435 9.00 13.23 29.79
N ASP A 436 10.24 13.45 30.20
CA ASP A 436 10.45 14.11 31.47
C ASP A 436 9.66 15.41 31.52
N TRP A 437 9.74 16.20 30.43
CA TRP A 437 9.16 17.53 30.38
C TRP A 437 7.63 17.47 30.43
N ASP A 438 7.05 16.55 29.67
CA ASP A 438 5.64 16.59 29.36
C ASP A 438 5.26 15.23 28.84
N ILE A 439 5.06 14.28 29.76
CA ILE A 439 4.81 12.88 29.40
C ILE A 439 3.63 12.77 28.42
N ASP A 440 2.65 13.66 28.56
CA ASP A 440 1.45 13.61 27.74
C ASP A 440 1.77 13.93 26.28
N LEU A 441 2.66 14.91 26.09
CA LEU A 441 3.13 15.23 24.76
C LEU A 441 3.83 14.01 24.17
N ALA A 442 4.70 13.35 24.96
CA ALA A 442 5.47 12.23 24.46
C ALA A 442 4.53 11.11 24.00
N LEU A 443 3.46 10.87 24.76
CA LEU A 443 2.50 9.82 24.41
C LEU A 443 1.75 10.18 23.14
N GLU A 444 1.47 11.48 22.99
CA GLU A 444 0.90 12.03 21.78
C GLU A 444 1.77 11.61 20.59
N ILE A 445 3.09 11.73 20.78
CA ILE A 445 3.96 11.49 19.63
C ILE A 445 4.05 9.97 19.44
N ILE A 446 4.03 9.22 20.54
CA ILE A 446 4.12 7.78 20.38
C ILE A 446 2.91 7.30 19.59
N LYS A 447 1.75 7.83 19.98
CA LYS A 447 0.52 7.42 19.36
C LYS A 447 0.62 7.78 17.88
N SER A 448 1.07 9.01 17.61
CA SER A 448 1.20 9.42 16.23
C SER A 448 1.99 8.40 15.42
N TRP A 449 3.12 7.89 15.96
CA TRP A 449 3.96 6.98 15.21
C TRP A 449 3.20 5.66 15.05
N TYR A 450 2.53 5.24 16.12
CA TYR A 450 1.94 3.91 16.08
C TYR A 450 0.74 3.89 15.15
N ASN A 451 0.11 5.06 14.88
CA ASN A 451 -0.98 5.16 13.91
C ASN A 451 -0.50 5.03 12.46
N LEU A 452 0.82 4.87 12.25
CA LEU A 452 1.31 4.71 10.89
C LEU A 452 1.45 3.22 10.59
N MET A 453 1.37 2.38 11.64
CA MET A 453 1.74 0.97 11.48
C MET A 453 0.73 0.29 10.58
N ASP A 454 1.22 -0.49 9.59
CA ASP A 454 0.32 -1.15 8.64
C ASP A 454 -0.22 -2.44 9.26
N GLU A 455 -0.99 -3.21 8.48
CA GLU A 455 -1.73 -4.38 8.98
C GLU A 455 -0.77 -5.51 9.40
N ASP A 456 0.43 -5.55 8.80
CA ASP A 456 1.45 -6.54 9.13
C ASP A 456 2.21 -6.22 10.43
N GLY A 457 2.23 -4.94 10.85
CA GLY A 457 3.07 -4.50 11.97
C GLY A 457 4.29 -3.65 11.56
N TRP A 458 4.34 -3.18 10.30
CA TRP A 458 5.46 -2.37 9.84
C TRP A 458 5.16 -0.87 9.98
N ILE A 459 6.17 -0.13 10.46
CA ILE A 459 6.27 1.31 10.37
C ILE A 459 7.55 1.61 9.59
N ALA A 460 7.45 2.46 8.56
CA ALA A 460 8.63 2.87 7.80
C ALA A 460 9.57 3.63 8.71
N ARG A 461 10.89 3.35 8.58
CA ARG A 461 11.89 3.84 9.52
C ARG A 461 12.09 5.36 9.34
N GLU A 462 11.70 5.86 8.14
CA GLU A 462 11.97 7.22 7.69
C GLU A 462 10.69 7.74 7.04
N GLN A 463 10.06 8.76 7.63
CA GLN A 463 8.73 9.22 7.29
C GLN A 463 8.84 10.55 6.53
N ILE A 464 8.71 10.45 5.19
CA ILE A 464 8.78 11.52 4.21
C ILE A 464 7.37 11.77 3.65
N LEU A 465 6.62 12.64 4.33
CA LEU A 465 5.18 12.75 4.14
C LEU A 465 4.85 13.99 3.30
N GLY A 466 4.38 13.78 2.07
CA GLY A 466 3.98 14.89 1.22
C GLY A 466 5.10 15.47 0.38
N ALA A 467 4.71 16.20 -0.67
CA ALA A 467 5.59 16.80 -1.66
C ALA A 467 6.60 17.75 -1.00
N GLU A 468 6.19 18.48 0.04
CA GLU A 468 7.09 19.41 0.69
C GLU A 468 8.27 18.64 1.30
N ALA A 469 7.97 17.61 2.10
CA ALA A 469 8.99 16.73 2.68
C ALA A 469 9.88 16.13 1.60
N ARG A 470 9.26 15.64 0.53
CA ARG A 470 9.96 14.97 -0.57
C ARG A 470 10.97 15.91 -1.24
N SER A 471 10.66 17.22 -1.25
CA SER A 471 11.42 18.21 -2.01
C SER A 471 12.87 18.20 -1.55
N LYS A 472 13.11 17.80 -0.30
CA LYS A 472 14.42 17.89 0.32
C LYS A 472 15.10 16.51 0.33
N VAL A 473 14.77 15.61 -0.61
CA VAL A 473 15.19 14.21 -0.57
C VAL A 473 15.32 13.66 -2.01
N PRO A 474 16.52 13.24 -2.45
CA PRO A 474 16.67 12.64 -3.79
C PRO A 474 15.74 11.44 -3.97
N LYS A 475 15.20 11.27 -5.18
CA LYS A 475 14.13 10.34 -5.48
C LYS A 475 14.54 8.90 -5.15
N GLU A 476 15.83 8.58 -5.37
CA GLU A 476 16.45 7.28 -5.07
C GLU A 476 16.37 6.93 -3.58
N PHE A 477 16.18 7.92 -2.71
CA PHE A 477 16.23 7.63 -1.28
C PHE A 477 14.85 7.80 -0.67
N GLN A 478 13.82 8.04 -1.49
CA GLN A 478 12.51 8.23 -0.87
C GLN A 478 11.82 6.92 -0.54
N THR A 479 12.05 5.87 -1.34
CA THR A 479 11.27 4.64 -1.28
C THR A 479 11.48 3.91 0.04
N GLN A 480 10.39 3.67 0.76
CA GLN A 480 10.44 2.80 1.92
C GLN A 480 10.07 1.36 1.53
N TYR A 481 10.52 0.41 2.38
CA TYR A 481 10.54 -1.02 2.09
C TYR A 481 9.92 -1.75 3.28
N PRO A 482 8.79 -2.47 3.08
CA PRO A 482 8.07 -3.11 4.20
C PRO A 482 8.86 -4.18 4.96
N HIS A 483 10.04 -4.58 4.43
CA HIS A 483 10.91 -5.55 5.11
C HIS A 483 12.02 -4.88 5.93
N TYR A 484 12.14 -3.53 5.92
CA TYR A 484 13.19 -2.82 6.67
C TYR A 484 12.73 -2.42 8.07
N ALA A 485 13.41 -2.97 9.09
CA ALA A 485 13.12 -2.59 10.47
C ALA A 485 13.99 -1.39 10.85
N ASN A 486 13.98 -1.04 12.15
CA ASN A 486 14.81 -0.05 12.79
C ASN A 486 14.65 -0.34 14.29
N PRO A 487 15.63 -0.01 15.14
CA PRO A 487 15.48 -0.34 16.55
C PRO A 487 14.18 0.19 17.17
N PRO A 488 13.52 -0.65 18.00
CA PRO A 488 12.31 -0.25 18.71
C PRO A 488 12.54 0.57 19.98
N THR A 489 13.23 1.72 19.82
CA THR A 489 13.66 2.53 20.95
C THR A 489 12.46 3.26 21.57
N LEU A 490 11.34 3.31 20.84
CA LEU A 490 10.14 3.84 21.44
C LEU A 490 9.68 2.99 22.62
N PHE A 491 10.03 1.69 22.66
CA PHE A 491 9.68 0.93 23.86
C PHE A 491 10.37 1.49 25.12
N LEU A 492 11.55 2.10 24.94
CA LEU A 492 12.26 2.69 26.08
C LEU A 492 11.42 3.78 26.71
N VAL A 493 10.78 4.63 25.90
CA VAL A 493 10.01 5.74 26.45
C VAL A 493 8.84 5.15 27.22
N LEU A 494 8.27 4.09 26.64
CA LEU A 494 7.14 3.38 27.22
C LEU A 494 7.51 2.81 28.57
N ASP A 495 8.73 2.28 28.70
CA ASP A 495 9.22 1.71 29.95
C ASP A 495 9.27 2.81 31.00
N ASN A 496 9.68 4.02 30.61
CA ASN A 496 9.80 5.11 31.56
C ASN A 496 8.40 5.51 32.04
N PHE A 497 7.47 5.55 31.09
CA PHE A 497 6.09 5.89 31.38
C PHE A 497 5.53 4.90 32.40
N VAL A 498 5.79 3.59 32.19
CA VAL A 498 5.24 2.54 33.04
C VAL A 498 5.74 2.65 34.49
N GLU A 499 7.06 2.87 34.70
CA GLU A 499 7.60 3.08 36.04
C GLU A 499 6.89 4.24 36.73
N ARG A 500 6.57 5.29 35.96
CA ARG A 500 5.98 6.51 36.52
C ARG A 500 4.51 6.25 36.89
N LEU A 501 3.82 5.49 36.03
CA LEU A 501 2.46 5.04 36.25
C LEU A 501 2.41 4.15 37.49
N ARG A 502 3.40 3.27 37.69
CA ARG A 502 3.50 2.44 38.89
C ARG A 502 3.81 3.31 40.12
N LYS A 503 4.95 4.05 40.12
CA LYS A 503 5.30 4.96 41.22
C LYS A 503 4.53 6.30 41.14
N LEU A 517 -3.64 25.05 33.82
CA LEU A 517 -4.21 23.88 33.09
C LEU A 517 -3.13 23.21 32.23
N ASP A 518 -2.27 24.01 31.59
CA ASP A 518 -1.24 23.41 30.74
C ASP A 518 -0.36 22.51 31.59
N GLU A 519 -0.11 22.91 32.85
CA GLU A 519 0.71 22.15 33.77
C GLU A 519 0.05 20.81 34.10
N THR A 520 -1.25 20.84 34.40
CA THR A 520 -2.05 19.68 34.76
C THR A 520 -2.03 18.67 33.61
N LEU A 521 -2.25 19.18 32.38
CA LEU A 521 -2.32 18.36 31.19
C LEU A 521 -1.02 17.61 30.95
N SER A 522 0.11 18.27 31.25
CA SER A 522 1.38 17.67 30.88
C SER A 522 1.58 16.36 31.63
N THR A 523 0.86 16.15 32.74
CA THR A 523 1.07 14.93 33.52
C THR A 523 -0.22 14.14 33.70
N ALA A 524 -1.25 14.53 32.97
CA ALA A 524 -2.57 13.94 33.21
C ALA A 524 -2.56 12.42 33.07
N SER A 525 -1.67 11.86 32.25
CA SER A 525 -1.73 10.44 31.91
C SER A 525 -1.03 9.57 32.96
N VAL A 526 -0.28 10.21 33.88
CA VAL A 526 0.33 9.49 34.99
C VAL A 526 -0.37 9.83 36.31
N ASP A 527 -1.05 10.98 36.37
CA ASP A 527 -1.72 11.42 37.58
C ASP A 527 -3.11 10.78 37.68
N ASN A 528 -3.63 10.33 36.53
CA ASN A 528 -4.93 9.68 36.44
C ASN A 528 -4.70 8.25 35.97
N PRO A 529 -4.43 7.28 36.87
CA PRO A 529 -3.84 6.00 36.47
C PRO A 529 -4.74 5.27 35.49
N GLU A 530 -6.05 5.51 35.63
CA GLU A 530 -7.04 4.91 34.75
C GLU A 530 -6.85 5.43 33.33
N VAL A 531 -6.51 6.72 33.18
CA VAL A 531 -6.21 7.27 31.88
C VAL A 531 -4.96 6.59 31.30
N GLY A 532 -3.95 6.39 32.15
CA GLY A 532 -2.71 5.73 31.77
C GLY A 532 -2.96 4.35 31.17
N LEU A 533 -3.72 3.51 31.91
CA LEU A 533 -3.91 2.12 31.54
C LEU A 533 -4.76 2.05 30.27
N GLU A 534 -5.72 2.98 30.16
CA GLU A 534 -6.56 3.00 28.98
C GLU A 534 -5.69 3.29 27.75
N TYR A 535 -4.70 4.20 27.90
CA TYR A 535 -3.76 4.46 26.82
C TYR A 535 -3.00 3.18 26.46
N LEU A 536 -2.50 2.46 27.47
CA LEU A 536 -1.75 1.24 27.19
C LEU A 536 -2.64 0.18 26.55
N ARG A 537 -3.89 0.07 27.03
CA ARG A 537 -4.85 -0.87 26.46
C ARG A 537 -5.00 -0.68 24.96
N ARG A 538 -5.12 0.57 24.50
CA ARG A 538 -5.34 0.80 23.07
C ARG A 538 -4.06 0.59 22.28
N LEU A 539 -2.88 0.82 22.89
CA LEU A 539 -1.60 0.76 22.20
C LEU A 539 -1.07 -0.67 22.14
N TYR A 540 -1.26 -1.38 23.25
CA TYR A 540 -0.74 -2.72 23.47
C TYR A 540 -0.90 -3.61 22.23
N PRO A 541 -2.08 -3.80 21.64
CA PRO A 541 -2.20 -4.65 20.46
C PRO A 541 -1.19 -4.27 19.37
N LEU A 542 -0.85 -2.97 19.28
CA LEU A 542 0.03 -2.55 18.19
C LEU A 542 1.46 -2.91 18.57
N LEU A 543 1.79 -2.71 19.86
CA LEU A 543 3.07 -3.16 20.37
C LEU A 543 3.25 -4.66 20.06
N ARG A 544 2.20 -5.45 20.34
CA ARG A 544 2.27 -6.89 20.11
C ARG A 544 2.40 -7.18 18.60
N ARG A 545 1.67 -6.44 17.79
CA ARG A 545 1.78 -6.60 16.36
C ARG A 545 3.25 -6.37 15.93
N GLN A 546 3.90 -5.33 16.51
CA GLN A 546 5.24 -5.04 16.04
C GLN A 546 6.21 -6.12 16.50
N PHE A 547 5.98 -6.66 17.71
CA PHE A 547 6.81 -7.74 18.20
C PHE A 547 6.78 -8.94 17.24
N ASP A 548 5.56 -9.33 16.85
CA ASP A 548 5.31 -10.48 16.00
C ASP A 548 5.88 -10.19 14.62
N TRP A 549 5.76 -8.92 14.19
CA TRP A 549 6.31 -8.53 12.89
C TRP A 549 7.83 -8.76 12.91
N PHE A 550 8.49 -8.38 14.01
CA PHE A 550 9.94 -8.54 14.10
C PHE A 550 10.30 -10.01 13.94
N ARG A 551 9.54 -10.88 14.62
CA ARG A 551 9.79 -12.33 14.65
C ARG A 551 9.49 -12.98 13.30
N LYS A 552 8.51 -12.45 12.55
CA LYS A 552 8.20 -13.02 11.23
C LYS A 552 9.15 -12.47 10.16
N THR A 553 9.52 -11.17 10.21
CA THR A 553 10.25 -10.58 9.10
C THR A 553 11.77 -10.55 9.30
N GLN A 554 12.23 -10.46 10.56
CA GLN A 554 13.66 -10.36 10.88
C GLN A 554 14.18 -11.64 11.56
N ALA A 555 13.58 -12.81 11.25
CA ALA A 555 13.98 -14.10 11.81
C ALA A 555 15.34 -14.52 11.27
N GLY A 556 16.21 -14.99 12.18
CA GLY A 556 17.42 -15.66 11.70
C GLY A 556 17.21 -17.16 11.60
N ASP A 557 18.21 -17.85 11.04
CA ASP A 557 18.09 -19.27 10.76
C ASP A 557 19.00 -20.10 11.67
N ILE A 558 18.44 -20.71 12.71
CA ILE A 558 19.12 -21.73 13.50
C ILE A 558 19.01 -23.12 12.86
N LYS A 559 17.77 -23.57 12.56
CA LYS A 559 17.46 -25.00 12.41
C LYS A 559 18.18 -25.62 11.20
N SER A 560 18.73 -24.79 10.30
CA SER A 560 19.13 -25.29 8.99
C SER A 560 20.65 -25.39 8.86
N TYR A 561 21.35 -25.03 9.94
CA TYR A 561 22.82 -25.14 9.93
C TYR A 561 23.19 -26.11 11.06
N ASP A 562 24.49 -26.43 11.20
CA ASP A 562 24.92 -27.16 12.39
C ASP A 562 25.05 -26.20 13.57
N ARG A 563 23.90 -25.82 14.16
CA ARG A 563 23.84 -24.80 15.19
C ARG A 563 23.11 -25.39 16.38
N GLU A 564 23.70 -25.22 17.58
CA GLU A 564 23.13 -25.78 18.80
C GLU A 564 22.88 -24.63 19.76
N ALA A 565 21.73 -24.66 20.44
CA ALA A 565 21.32 -23.55 21.27
C ALA A 565 20.11 -23.95 22.10
N TYR A 566 19.99 -23.36 23.27
CA TYR A 566 18.89 -23.67 24.18
C TYR A 566 17.53 -23.58 23.49
N SER A 567 17.33 -22.58 22.61
CA SER A 567 16.07 -22.43 21.90
C SER A 567 16.28 -22.65 20.41
N THR A 568 15.28 -23.28 19.76
CA THR A 568 15.30 -23.48 18.31
C THR A 568 14.80 -22.23 17.59
N LYS A 569 14.14 -21.32 18.32
CA LYS A 569 13.38 -20.20 17.80
C LYS A 569 14.18 -18.87 17.78
N GLU A 570 14.86 -18.52 18.88
CA GLU A 570 15.31 -17.14 19.11
C GLU A 570 16.62 -16.84 18.37
N ALA A 571 16.52 -16.12 17.25
CA ALA A 571 17.68 -15.79 16.41
C ALA A 571 17.24 -14.79 15.34
N TYR A 572 18.03 -13.71 15.14
CA TYR A 572 17.53 -12.60 14.37
C TYR A 572 18.56 -12.06 13.39
N ARG A 573 18.09 -11.60 12.25
CA ARG A 573 18.98 -11.06 11.25
C ARG A 573 18.25 -9.90 10.57
N TRP A 574 18.82 -8.68 10.69
CA TRP A 574 18.37 -7.45 10.03
C TRP A 574 18.28 -7.70 8.53
N ARG A 575 17.11 -7.47 7.95
CA ARG A 575 17.01 -7.48 6.50
C ARG A 575 17.51 -6.13 6.02
N GLY A 576 18.06 -6.16 4.80
CA GLY A 576 18.38 -4.96 4.03
C GLY A 576 19.88 -4.66 3.96
N ARG A 577 20.69 -5.67 4.28
CA ARG A 577 22.09 -5.32 4.34
C ARG A 577 22.74 -5.32 2.95
N THR A 578 23.70 -4.38 2.74
CA THR A 578 24.52 -4.39 1.53
C THR A 578 25.93 -4.82 1.91
N VAL A 579 26.82 -4.93 0.91
CA VAL A 579 28.18 -5.39 1.13
C VAL A 579 28.82 -4.57 2.26
N SER A 580 28.60 -3.24 2.32
CA SER A 580 29.34 -2.47 3.32
C SER A 580 28.44 -1.84 4.38
N HIS A 581 27.12 -2.03 4.31
CA HIS A 581 26.20 -1.30 5.14
C HIS A 581 25.22 -2.24 5.81
N CYS A 582 24.69 -1.76 6.95
CA CYS A 582 23.45 -2.26 7.50
C CYS A 582 22.60 -1.10 8.05
N LEU A 583 21.91 -0.41 7.14
CA LEU A 583 21.23 0.84 7.39
C LEU A 583 20.11 0.66 8.40
N THR A 584 19.41 -0.49 8.34
CA THR A 584 18.22 -0.71 9.16
C THR A 584 18.62 -0.87 10.64
N SER A 585 19.88 -1.22 10.91
CA SER A 585 20.27 -1.39 12.31
C SER A 585 20.42 -0.04 13.02
N GLY A 586 20.57 1.04 12.26
CA GLY A 586 20.87 2.32 12.87
C GLY A 586 22.39 2.60 12.85
N LEU A 587 23.20 1.55 12.72
CA LEU A 587 24.64 1.80 12.74
C LEU A 587 25.19 1.55 11.35
N ASP A 588 24.99 2.53 10.47
CA ASP A 588 25.06 2.38 9.02
C ASP A 588 26.20 1.44 8.64
N ASP A 589 27.45 1.74 9.04
CA ASP A 589 28.61 1.09 8.43
C ASP A 589 29.43 0.38 9.51
N TYR A 590 28.83 0.12 10.66
CA TYR A 590 29.55 -0.70 11.61
C TYR A 590 29.86 -2.02 10.92
N PRO A 591 31.09 -2.54 11.07
CA PRO A 591 31.51 -3.76 10.36
C PRO A 591 30.69 -4.96 10.82
N ARG A 592 30.28 -5.76 9.84
CA ARG A 592 29.39 -6.89 9.99
C ARG A 592 30.05 -8.10 9.29
N PRO A 593 29.56 -9.35 9.45
CA PRO A 593 30.20 -10.47 8.77
C PRO A 593 30.32 -10.15 7.29
N GLN A 594 31.49 -10.50 6.72
CA GLN A 594 31.75 -10.36 5.29
C GLN A 594 31.91 -11.77 4.72
N PRO A 595 31.28 -12.12 3.57
CA PRO A 595 30.24 -11.29 2.95
C PRO A 595 28.94 -11.43 3.75
N PRO A 596 27.91 -10.60 3.48
CA PRO A 596 26.63 -10.76 4.18
C PRO A 596 26.06 -12.09 3.69
N HIS A 597 25.12 -12.65 4.45
CA HIS A 597 24.85 -14.06 4.31
C HIS A 597 23.52 -14.39 4.98
N PRO A 598 22.66 -15.24 4.37
CA PRO A 598 21.36 -15.55 4.94
C PRO A 598 21.51 -16.21 6.31
N GLY A 599 22.72 -16.70 6.66
CA GLY A 599 22.89 -17.32 7.97
C GLY A 599 23.36 -16.35 9.06
N GLU A 600 23.59 -15.08 8.66
CA GLU A 600 24.02 -14.05 9.60
C GLU A 600 23.08 -14.05 10.79
N LEU A 601 23.62 -13.77 11.98
CA LEU A 601 22.81 -13.40 13.14
C LEU A 601 23.38 -12.13 13.78
N HIS A 602 22.50 -11.20 14.21
CA HIS A 602 22.95 -9.91 14.72
C HIS A 602 22.55 -9.75 16.19
N VAL A 603 23.57 -9.57 17.05
CA VAL A 603 23.32 -9.62 18.48
C VAL A 603 22.55 -8.36 18.90
N ASP A 604 22.77 -7.24 18.21
CA ASP A 604 22.00 -6.04 18.53
C ASP A 604 20.51 -6.27 18.29
N LEU A 605 20.15 -6.87 17.14
CA LEU A 605 18.75 -7.19 16.90
C LEU A 605 18.14 -8.10 17.97
N MET A 606 18.83 -9.18 18.38
CA MET A 606 18.25 -10.05 19.41
C MET A 606 18.01 -9.26 20.70
N SER A 607 18.96 -8.36 21.02
CA SER A 607 18.86 -7.53 22.21
C SER A 607 17.67 -6.59 22.09
N TRP A 608 17.41 -6.07 20.89
CA TRP A 608 16.25 -5.20 20.76
C TRP A 608 14.97 -6.00 21.04
N VAL A 609 14.94 -7.28 20.60
CA VAL A 609 13.76 -8.11 20.81
C VAL A 609 13.57 -8.37 22.31
N GLY A 610 14.69 -8.54 23.01
CA GLY A 610 14.68 -8.67 24.46
C GLY A 610 14.10 -7.41 25.12
N VAL A 611 14.49 -6.24 24.59
CA VAL A 611 13.89 -5.01 25.10
C VAL A 611 12.37 -5.07 24.93
N MET A 612 11.91 -5.53 23.75
CA MET A 612 10.49 -5.54 23.49
C MET A 612 9.74 -6.52 24.42
N VAL A 613 10.25 -7.75 24.60
CA VAL A 613 9.47 -8.67 25.40
C VAL A 613 9.36 -8.12 26.82
N LYS A 614 10.45 -7.53 27.29
CA LYS A 614 10.47 -7.13 28.69
C LYS A 614 9.40 -6.10 28.92
N SER A 615 9.14 -5.30 27.87
CA SER A 615 8.18 -4.20 27.89
C SER A 615 6.79 -4.80 27.88
N LEU A 616 6.61 -5.83 27.03
CA LEU A 616 5.32 -6.47 26.86
C LEU A 616 4.91 -7.23 28.13
N ILE A 617 5.86 -7.90 28.81
CA ILE A 617 5.64 -8.43 30.15
C ILE A 617 5.06 -7.35 31.07
N SER A 618 5.78 -6.22 31.25
CA SER A 618 5.30 -5.09 32.06
C SER A 618 3.90 -4.64 31.65
N ILE A 619 3.62 -4.59 30.35
CA ILE A 619 2.40 -3.89 29.97
C ILE A 619 1.24 -4.90 29.98
N GLY A 620 1.51 -6.10 29.45
CA GLY A 620 0.63 -7.25 29.65
C GLY A 620 0.19 -7.39 31.11
N SER A 621 1.15 -7.43 32.05
CA SER A 621 0.80 -7.51 33.46
C SER A 621 -0.19 -6.41 33.84
N LEU A 622 0.10 -5.15 33.48
CA LEU A 622 -0.76 -4.05 33.89
C LEU A 622 -2.19 -4.30 33.38
N LEU A 623 -2.31 -5.05 32.28
CA LEU A 623 -3.57 -5.20 31.58
C LEU A 623 -4.20 -6.57 31.86
N GLY A 624 -3.50 -7.43 32.62
CA GLY A 624 -3.91 -8.80 32.87
C GLY A 624 -4.02 -9.65 31.61
N ALA A 625 -3.05 -9.52 30.69
CA ALA A 625 -3.04 -10.39 29.52
C ALA A 625 -2.21 -11.65 29.81
N THR A 626 -2.77 -12.48 30.71
CA THR A 626 -2.09 -13.55 31.42
C THR A 626 -1.47 -14.55 30.45
N GLU A 627 -2.21 -14.86 29.39
CA GLU A 627 -1.74 -15.81 28.39
C GLU A 627 -0.55 -15.22 27.63
N ASP A 628 -0.67 -13.93 27.28
CA ASP A 628 0.36 -13.20 26.56
C ASP A 628 1.63 -13.19 27.41
N VAL A 629 1.47 -12.89 28.71
CA VAL A 629 2.59 -12.75 29.62
C VAL A 629 3.43 -14.03 29.74
N GLU A 630 2.79 -15.20 29.68
CA GLU A 630 3.53 -16.45 29.86
C GLU A 630 4.30 -16.79 28.57
N PHE A 631 3.73 -16.44 27.41
CA PHE A 631 4.46 -16.55 26.15
C PHE A 631 5.71 -15.68 26.21
N TYR A 632 5.54 -14.39 26.53
CA TYR A 632 6.64 -13.47 26.65
C TYR A 632 7.68 -14.00 27.62
N THR A 633 7.23 -14.67 28.69
CA THR A 633 8.17 -15.14 29.69
C THR A 633 9.11 -16.19 29.10
N LYS A 634 8.57 -17.07 28.24
CA LYS A 634 9.35 -18.17 27.68
C LYS A 634 10.30 -17.61 26.63
N VAL A 635 9.82 -16.59 25.89
CA VAL A 635 10.68 -15.90 24.94
C VAL A 635 11.86 -15.20 25.64
N LEU A 636 11.60 -14.44 26.70
CA LEU A 636 12.70 -13.77 27.39
C LEU A 636 13.76 -14.80 27.82
N ASP A 637 13.28 -15.85 28.48
CA ASP A 637 14.16 -16.87 29.03
C ASP A 637 15.01 -17.43 27.89
N ALA A 638 14.37 -17.62 26.72
CA ALA A 638 15.05 -18.20 25.56
C ALA A 638 16.10 -17.24 24.99
N ILE A 639 15.75 -15.94 24.92
CA ILE A 639 16.70 -14.96 24.39
C ILE A 639 17.92 -14.89 25.32
N GLU A 640 17.65 -14.91 26.64
CA GLU A 640 18.72 -14.91 27.62
C GLU A 640 19.71 -16.06 27.37
N HIS A 641 19.21 -17.28 27.09
CA HIS A 641 20.13 -18.40 26.87
C HIS A 641 20.83 -18.25 25.53
N ASN A 642 20.05 -17.84 24.52
CA ASN A 642 20.52 -17.87 23.14
C ASN A 642 21.51 -16.72 22.87
N LEU A 643 21.41 -15.61 23.62
CA LEU A 643 22.43 -14.57 23.50
C LEU A 643 23.80 -15.18 23.81
N ASP A 644 23.85 -15.99 24.87
CA ASP A 644 25.08 -16.69 25.22
C ASP A 644 25.44 -17.74 24.16
N ASP A 645 24.50 -18.61 23.81
CA ASP A 645 24.88 -19.79 23.05
C ASP A 645 25.25 -19.39 21.63
N LEU A 646 24.69 -18.27 21.12
CA LEU A 646 24.91 -17.95 19.72
C LEU A 646 25.88 -16.77 19.55
N HIS A 647 26.05 -15.91 20.57
CA HIS A 647 26.72 -14.63 20.34
C HIS A 647 27.91 -14.38 21.29
N TRP A 648 27.97 -15.05 22.45
CA TRP A 648 29.04 -14.86 23.41
C TRP A 648 30.36 -15.48 22.93
N SER A 649 31.43 -14.69 22.95
CA SER A 649 32.75 -15.21 22.62
C SER A 649 33.60 -15.23 23.88
N GLU A 650 33.93 -16.44 24.36
CA GLU A 650 34.83 -16.56 25.49
C GLU A 650 36.22 -16.07 25.10
N LYS A 651 36.75 -16.43 23.92
CA LYS A 651 38.07 -16.04 23.46
C LYS A 651 38.23 -14.51 23.48
N GLU A 652 37.15 -13.75 23.22
CA GLU A 652 37.29 -12.31 23.02
C GLU A 652 36.77 -11.55 24.24
N GLY A 653 35.95 -12.20 25.07
CA GLY A 653 35.32 -11.56 26.22
C GLY A 653 34.23 -10.54 25.86
N CYS A 654 33.48 -10.76 24.77
CA CYS A 654 32.36 -9.88 24.43
C CYS A 654 31.39 -10.60 23.49
N TYR A 655 30.21 -10.01 23.28
CA TYR A 655 29.24 -10.52 22.31
C TYR A 655 29.70 -10.20 20.88
N CYS A 656 29.33 -11.06 19.95
CA CYS A 656 29.68 -10.86 18.56
C CYS A 656 28.46 -11.26 17.70
N ASP A 657 28.32 -10.60 16.54
CA ASP A 657 27.49 -11.12 15.46
C ASP A 657 28.04 -12.50 15.05
N ALA A 658 27.27 -13.24 14.25
CA ALA A 658 27.68 -14.55 13.77
C ALA A 658 27.26 -14.71 12.31
N THR A 659 27.87 -15.65 11.59
CA THR A 659 27.43 -16.01 10.26
C THR A 659 27.60 -17.52 10.08
N ILE A 660 27.67 -17.94 8.82
CA ILE A 660 28.19 -19.26 8.57
C ILE A 660 29.32 -19.21 7.56
N ASP A 661 30.43 -19.86 7.94
CA ASP A 661 31.61 -20.34 7.23
C ASP A 661 31.37 -20.72 5.78
N GLU A 662 32.48 -20.74 5.02
CA GLU A 662 32.64 -21.42 3.74
C GLU A 662 32.33 -22.91 3.90
N PHE A 663 32.49 -23.43 5.12
CA PHE A 663 32.30 -24.84 5.35
C PHE A 663 30.94 -25.12 5.98
N GLU A 664 30.06 -24.10 6.00
CA GLU A 664 28.70 -24.19 6.53
C GLU A 664 28.65 -24.26 8.05
N GLU A 665 29.74 -23.89 8.74
CA GLU A 665 29.70 -23.89 10.19
C GLU A 665 29.48 -22.47 10.74
N HIS A 666 28.78 -22.40 11.90
CA HIS A 666 28.62 -21.22 12.73
C HIS A 666 29.98 -20.60 13.09
N LYS A 667 30.14 -19.31 12.80
CA LYS A 667 31.37 -18.61 13.13
C LYS A 667 30.96 -17.30 13.77
N LEU A 668 31.60 -16.97 14.89
CA LEU A 668 31.47 -15.64 15.46
C LEU A 668 32.36 -14.71 14.65
N VAL A 669 31.92 -13.47 14.45
CA VAL A 669 32.75 -12.44 13.81
C VAL A 669 32.81 -11.23 14.76
N CYS A 670 34.00 -11.00 15.33
CA CYS A 670 34.05 -10.07 16.46
C CYS A 670 34.66 -8.74 16.03
N HIS A 671 33.96 -7.65 16.33
CA HIS A 671 34.46 -6.33 16.00
C HIS A 671 34.09 -5.49 17.20
N LYS A 672 35.09 -5.25 18.05
CA LYS A 672 34.81 -4.73 19.37
C LYS A 672 34.37 -3.28 19.27
N GLY A 673 33.20 -2.97 19.83
CA GLY A 673 32.59 -1.67 19.69
C GLY A 673 31.18 -1.75 20.25
N TYR A 674 30.31 -0.83 19.84
CA TYR A 674 28.99 -0.72 20.43
C TYR A 674 28.28 -2.06 20.37
N ILE A 675 28.36 -2.71 19.19
CA ILE A 675 27.59 -3.91 18.91
C ILE A 675 27.92 -4.94 20.01
N SER A 676 29.18 -4.99 20.46
CA SER A 676 29.69 -6.00 21.37
C SER A 676 29.07 -5.88 22.76
N LEU A 677 28.57 -4.67 23.09
CA LEU A 677 28.11 -4.35 24.43
C LEU A 677 26.60 -4.46 24.48
N PHE A 678 25.96 -4.85 23.37
CA PHE A 678 24.54 -4.62 23.22
C PHE A 678 23.69 -5.24 24.34
N PRO A 679 23.87 -6.53 24.72
CA PRO A 679 23.07 -7.10 25.80
C PRO A 679 23.14 -6.27 27.10
N PHE A 680 24.31 -5.67 27.34
CA PHE A 680 24.50 -4.69 28.41
C PHE A 680 23.72 -3.38 28.18
N LEU A 681 23.80 -2.77 26.98
CA LEU A 681 23.22 -1.45 26.77
C LEU A 681 21.70 -1.54 26.84
N THR A 682 21.15 -2.70 26.47
CA THR A 682 19.69 -2.87 26.39
C THR A 682 19.10 -3.41 27.71
N GLY A 683 19.97 -3.64 28.72
CA GLY A 683 19.53 -3.94 30.07
C GLY A 683 19.14 -5.40 30.33
N LEU A 684 19.84 -6.35 29.72
CA LEU A 684 19.46 -7.76 29.68
C LEU A 684 20.33 -8.64 30.59
N LEU A 685 21.41 -8.07 31.13
CA LEU A 685 22.34 -8.87 31.93
C LEU A 685 22.02 -8.69 33.41
N LYS A 686 22.19 -9.77 34.17
CA LYS A 686 22.03 -9.71 35.61
C LYS A 686 23.22 -8.92 36.18
N PRO A 687 23.01 -8.05 37.20
CA PRO A 687 24.10 -7.29 37.81
C PRO A 687 25.33 -8.03 38.34
N ASP A 688 25.25 -9.36 38.38
CA ASP A 688 26.28 -10.16 39.01
C ASP A 688 26.95 -11.00 37.94
N SER A 689 26.58 -10.75 36.68
CA SER A 689 26.97 -11.62 35.60
C SER A 689 28.48 -11.50 35.34
N PRO A 690 29.24 -12.62 35.32
CA PRO A 690 30.65 -12.60 34.88
C PRO A 690 30.87 -11.96 33.52
N LYS A 691 29.89 -12.11 32.62
CA LYS A 691 30.01 -11.57 31.28
C LYS A 691 29.98 -10.04 31.32
N LEU A 692 29.00 -9.47 32.07
CA LEU A 692 28.97 -8.06 32.41
C LEU A 692 30.35 -7.56 32.88
N GLY A 693 30.93 -8.23 33.88
CA GLY A 693 32.28 -7.93 34.34
C GLY A 693 33.27 -7.76 33.19
N LYS A 694 33.27 -8.69 32.22
CA LYS A 694 34.19 -8.55 31.10
C LYS A 694 33.83 -7.34 30.21
N LEU A 695 32.53 -7.06 30.06
CA LEU A 695 32.04 -5.95 29.25
C LEU A 695 32.52 -4.64 29.86
N LEU A 696 32.43 -4.53 31.21
CA LEU A 696 32.87 -3.36 31.93
C LEU A 696 34.37 -3.18 31.71
N ALA A 697 35.07 -4.30 31.56
CA ALA A 697 36.51 -4.20 31.33
C ALA A 697 36.80 -3.64 29.93
N LEU A 698 36.01 -4.07 28.94
CA LEU A 698 36.21 -3.60 27.57
C LEU A 698 35.77 -2.12 27.51
N ILE A 699 34.68 -1.80 28.20
CA ILE A 699 34.16 -0.44 28.21
C ILE A 699 35.21 0.54 28.76
N GLY A 700 35.90 0.15 29.86
CA GLY A 700 36.83 1.07 30.50
C GLY A 700 38.23 1.12 29.87
N ASP A 701 38.51 0.17 28.95
CA ASP A 701 39.82 -0.04 28.36
C ASP A 701 40.18 1.05 27.34
N GLU A 702 41.19 1.85 27.67
CA GLU A 702 41.52 3.02 26.87
C GLU A 702 42.00 2.59 25.48
N SER A 703 42.49 1.35 25.36
CA SER A 703 43.15 0.96 24.13
C SER A 703 42.10 0.38 23.18
N GLU A 704 40.89 0.12 23.71
CA GLU A 704 39.72 -0.31 22.95
C GLU A 704 38.72 0.84 22.77
N LEU A 705 37.75 0.95 23.67
CA LEU A 705 36.58 1.81 23.48
C LEU A 705 36.68 3.15 24.20
N TRP A 706 37.49 3.26 25.27
CA TRP A 706 37.37 4.41 26.17
C TRP A 706 38.26 5.56 25.68
N SER A 707 37.64 6.66 25.25
CA SER A 707 38.42 7.82 24.83
C SER A 707 38.18 8.89 25.89
N PRO A 708 39.00 9.94 25.96
CA PRO A 708 38.72 11.01 26.90
C PRO A 708 37.35 11.63 26.66
N TYR A 709 36.69 11.30 25.53
CA TYR A 709 35.59 12.16 25.05
C TYR A 709 34.30 11.35 25.02
N GLY A 710 34.37 10.08 25.42
CA GLY A 710 33.24 9.19 25.37
C GLY A 710 33.69 7.82 24.87
N LEU A 711 32.74 6.87 24.74
CA LEU A 711 33.11 5.58 24.16
C LEU A 711 33.13 5.70 22.64
N ARG A 712 34.17 5.12 22.03
CA ARG A 712 34.32 4.98 20.59
C ARG A 712 33.31 3.95 20.08
N SER A 713 32.70 4.27 18.90
CA SER A 713 31.75 3.34 18.29
C SER A 713 32.45 2.02 17.95
N LEU A 714 33.74 2.07 17.58
CA LEU A 714 34.57 0.90 17.24
C LEU A 714 35.93 1.01 17.94
N SER A 715 36.50 -0.13 18.38
CA SER A 715 37.82 -0.20 19.00
C SER A 715 38.95 0.23 18.08
N LYS A 716 39.91 1.00 18.64
CA LYS A 716 41.14 1.43 17.99
C LYS A 716 41.87 0.21 17.46
N LYS A 717 41.59 -0.97 18.06
CA LYS A 717 42.26 -2.24 17.74
C LYS A 717 41.61 -2.97 16.57
N ASP A 718 40.33 -2.66 16.27
CA ASP A 718 39.64 -3.26 15.15
C ASP A 718 40.32 -2.91 13.81
N GLU A 719 40.47 -3.91 12.94
CA GLU A 719 40.97 -3.63 11.60
C GLU A 719 40.10 -2.60 10.83
N PHE A 720 38.84 -2.37 11.20
CA PHE A 720 38.06 -1.39 10.43
C PHE A 720 38.05 0.00 11.06
N TYR A 721 38.78 0.18 12.16
CA TYR A 721 38.94 1.50 12.75
C TYR A 721 39.30 2.57 11.72
N GLY A 722 38.47 3.62 11.69
CA GLY A 722 38.73 4.80 10.87
C GLY A 722 38.92 4.42 9.40
N THR A 723 38.14 3.50 8.86
CA THR A 723 38.20 3.22 7.43
C THR A 723 36.91 3.69 6.75
N ALA A 724 36.99 3.88 5.42
CA ALA A 724 35.87 4.14 4.54
C ALA A 724 35.27 5.45 4.99
N GLU A 725 33.95 5.49 5.14
CA GLU A 725 33.28 6.72 5.52
C GLU A 725 33.41 6.98 7.01
N ASN A 726 33.81 5.96 7.78
CA ASN A 726 34.13 6.15 9.18
C ASN A 726 32.98 6.80 9.92
N TYR A 727 31.78 6.31 9.68
CA TYR A 727 30.58 6.88 10.27
C TYR A 727 30.41 6.32 11.68
N TRP A 728 30.38 4.98 11.77
CA TRP A 728 30.21 4.28 13.03
C TRP A 728 31.45 3.42 13.28
N ARG A 729 32.60 3.86 12.80
CA ARG A 729 33.81 3.08 12.89
C ARG A 729 34.89 3.77 13.75
N SER A 730 34.49 4.60 14.71
CA SER A 730 35.40 5.22 15.66
C SER A 730 34.71 6.37 16.36
N PRO A 731 33.86 7.19 15.69
CA PRO A 731 33.36 8.42 16.33
C PRO A 731 32.52 8.13 17.56
N VAL A 732 32.37 9.14 18.42
CA VAL A 732 31.57 8.98 19.63
C VAL A 732 30.16 9.46 19.34
N TRP A 733 29.17 8.63 19.66
CA TRP A 733 27.77 8.96 19.40
C TRP A 733 27.04 9.04 20.73
N ILE A 734 26.22 10.06 20.88
CA ILE A 734 25.64 10.39 22.17
C ILE A 734 24.55 9.39 22.57
N ASN A 735 23.82 8.79 21.61
CA ASN A 735 22.68 7.95 21.97
C ASN A 735 23.16 6.67 22.65
N ILE A 736 24.11 5.97 22.03
CA ILE A 736 24.74 4.78 22.60
C ILE A 736 25.52 5.07 23.89
N ASN A 737 26.30 6.17 23.95
CA ASN A 737 26.90 6.63 25.21
C ASN A 737 25.84 6.85 26.30
N TYR A 738 24.65 7.32 25.92
CA TYR A 738 23.58 7.55 26.88
C TYR A 738 23.06 6.22 27.44
N LEU A 739 22.85 5.24 26.56
CA LEU A 739 22.47 3.92 27.06
C LEU A 739 23.55 3.42 28.02
N ALA A 740 24.83 3.56 27.63
CA ALA A 740 25.91 3.08 28.45
C ALA A 740 25.82 3.72 29.84
N ILE A 741 25.55 5.03 29.88
CA ILE A 741 25.57 5.78 31.12
C ILE A 741 24.44 5.30 32.02
N VAL A 742 23.28 5.02 31.43
CA VAL A 742 22.10 4.64 32.19
C VAL A 742 22.34 3.27 32.83
N GLN A 743 23.01 2.37 32.09
CA GLN A 743 23.23 1.04 32.60
C GLN A 743 24.36 1.02 33.64
N LEU A 744 25.37 1.88 33.47
CA LEU A 744 26.42 1.92 34.46
C LEU A 744 25.81 2.43 35.78
N TYR A 745 24.91 3.40 35.68
CA TYR A 745 24.27 3.95 36.86
C TYR A 745 23.43 2.90 37.57
N ASN A 746 22.86 1.99 36.77
CA ASN A 746 22.02 0.93 37.28
C ASN A 746 22.85 -0.06 38.09
N ILE A 747 23.89 -0.67 37.48
CA ILE A 747 24.87 -1.47 38.21
C ILE A 747 25.43 -0.68 39.39
N ALA A 748 25.56 0.64 39.28
CA ALA A 748 26.24 1.40 40.33
C ALA A 748 25.37 1.60 41.58
N THR A 749 24.05 1.41 41.47
CA THR A 749 23.21 1.81 42.58
C THR A 749 22.44 0.60 43.11
N GLN A 750 23.10 -0.55 43.07
CA GLN A 750 22.56 -1.79 43.59
C GLN A 750 23.72 -2.51 44.25
N ASP A 751 23.43 -3.39 45.21
CA ASP A 751 24.45 -4.28 45.76
C ASP A 751 24.86 -5.21 44.62
N GLY A 752 26.16 -5.47 44.50
CA GLY A 752 26.70 -6.48 43.58
C GLY A 752 28.21 -6.37 43.47
N PRO A 753 28.90 -7.32 42.79
CA PRO A 753 30.37 -7.26 42.64
C PRO A 753 30.98 -6.17 41.76
N TYR A 754 30.15 -5.44 41.01
CA TYR A 754 30.68 -4.51 40.02
C TYR A 754 30.24 -3.08 40.37
N LYS A 755 29.54 -2.96 41.52
CA LYS A 755 29.01 -1.71 42.00
C LYS A 755 30.03 -0.58 41.89
N GLU A 756 31.25 -0.80 42.41
CA GLU A 756 32.22 0.27 42.56
C GLU A 756 32.89 0.54 41.22
N THR A 757 33.14 -0.50 40.42
CA THR A 757 33.65 -0.30 39.07
C THR A 757 32.67 0.53 38.24
N ALA A 758 31.37 0.18 38.32
CA ALA A 758 30.38 0.88 37.54
C ALA A 758 30.25 2.31 38.05
N ARG A 759 30.32 2.50 39.36
CA ARG A 759 30.22 3.83 39.95
C ARG A 759 31.29 4.74 39.34
N ASP A 760 32.52 4.22 39.17
CA ASP A 760 33.65 4.99 38.70
C ASP A 760 33.48 5.29 37.21
N LEU A 761 33.14 4.26 36.42
CA LEU A 761 32.91 4.39 34.98
C LEU A 761 31.75 5.37 34.70
N TYR A 762 30.63 5.26 35.43
CA TYR A 762 29.48 6.13 35.35
C TYR A 762 29.92 7.58 35.54
N THR A 763 30.60 7.83 36.66
CA THR A 763 31.08 9.15 37.03
C THR A 763 31.85 9.80 35.88
N ARG A 764 32.82 9.07 35.36
CA ARG A 764 33.74 9.58 34.35
C ARG A 764 33.05 9.75 32.99
N LEU A 765 32.26 8.75 32.54
CA LEU A 765 31.62 8.80 31.24
C LEU A 765 30.58 9.92 31.25
N ARG A 766 29.81 10.07 32.33
CA ARG A 766 28.87 11.19 32.38
C ARG A 766 29.61 12.50 32.15
N LYS A 767 30.76 12.62 32.84
CA LYS A 767 31.56 13.83 32.82
C LYS A 767 32.14 14.04 31.43
N ASN A 768 32.72 12.97 30.83
CA ASN A 768 33.38 13.06 29.54
C ASN A 768 32.39 13.48 28.45
N ILE A 769 31.23 12.79 28.41
CA ILE A 769 30.21 13.03 27.42
C ILE A 769 29.63 14.43 27.58
N VAL A 770 29.22 14.78 28.81
CA VAL A 770 28.70 16.12 29.02
C VAL A 770 29.72 17.18 28.60
N GLU A 771 30.95 17.09 29.10
CA GLU A 771 31.95 18.13 28.86
C GLU A 771 32.27 18.26 27.37
N THR A 772 32.29 17.14 26.62
CA THR A 772 32.59 17.22 25.20
C THR A 772 31.49 17.97 24.42
N VAL A 773 30.23 17.67 24.76
CA VAL A 773 29.15 18.27 24.02
C VAL A 773 29.08 19.73 24.44
N TYR A 774 29.30 20.02 25.74
CA TYR A 774 29.34 21.42 26.18
C TYR A 774 30.48 22.21 25.53
N ARG A 775 31.72 21.70 25.55
CA ARG A 775 32.84 22.47 24.98
C ARG A 775 32.55 22.84 23.52
N ASN A 776 32.00 21.88 22.75
CA ASN A 776 31.72 22.13 21.34
C ASN A 776 30.62 23.17 21.21
N TRP A 777 29.61 23.10 22.08
CA TRP A 777 28.51 24.02 22.03
C TRP A 777 29.02 25.44 22.31
N GLU A 778 29.88 25.55 23.33
CA GLU A 778 30.48 26.81 23.69
C GLU A 778 31.20 27.41 22.48
N GLU A 779 32.03 26.60 21.82
CA GLU A 779 32.91 27.10 20.80
C GLU A 779 32.14 27.39 19.50
N THR A 780 31.11 26.59 19.17
CA THR A 780 30.54 26.61 17.82
C THR A 780 29.06 27.04 17.81
N GLY A 781 28.41 27.05 18.99
CA GLY A 781 26.95 27.19 19.08
C GLY A 781 26.15 25.92 18.72
N PHE A 782 26.83 24.84 18.34
CA PHE A 782 26.08 23.73 17.72
C PHE A 782 26.12 22.49 18.59
N ALA A 783 25.03 21.73 18.50
CA ALA A 783 25.03 20.31 18.81
C ALA A 783 25.52 19.60 17.57
N TRP A 784 26.39 18.61 17.74
CA TRP A 784 26.88 17.87 16.57
C TRP A 784 26.35 16.44 16.60
N GLU A 785 26.36 15.81 15.43
CA GLU A 785 25.89 14.46 15.17
C GLU A 785 26.79 13.43 15.85
N GLN A 786 28.09 13.70 15.92
CA GLN A 786 28.99 12.76 16.59
C GLN A 786 30.28 13.51 16.95
N TYR A 787 31.19 12.87 17.69
CA TYR A 787 32.36 13.59 18.20
C TYR A 787 33.64 12.81 17.95
N ASN A 788 34.69 13.55 17.61
CA ASN A 788 35.95 12.93 17.23
C ASN A 788 36.66 12.42 18.48
N PRO A 789 36.98 11.11 18.58
CA PRO A 789 37.60 10.60 19.80
C PRO A 789 39.08 10.95 19.98
N GLU A 790 39.75 11.46 18.93
CA GLU A 790 41.14 11.90 19.07
C GLU A 790 41.19 13.35 19.55
N THR A 791 40.32 14.21 19.01
CA THR A 791 40.45 15.64 19.18
C THR A 791 39.30 16.18 20.03
N GLY A 792 38.21 15.41 20.18
CA GLY A 792 37.04 15.88 20.90
C GLY A 792 36.13 16.80 20.07
N LYS A 793 36.49 17.03 18.80
CA LYS A 793 35.77 17.96 17.94
C LYS A 793 34.45 17.36 17.43
N GLY A 794 33.40 18.18 17.44
CA GLY A 794 32.18 17.80 16.76
C GLY A 794 32.41 17.74 15.25
N GLN A 795 31.86 16.70 14.61
CA GLN A 795 32.05 16.54 13.18
C GLN A 795 30.76 15.95 12.60
N ARG A 796 30.71 15.67 11.30
CA ARG A 796 29.47 15.48 10.59
C ARG A 796 28.59 16.70 10.79
N THR A 797 27.29 16.46 10.94
CA THR A 797 26.26 17.47 10.79
C THR A 797 26.05 18.30 12.08
N GLN A 798 25.92 19.61 11.93
CA GLN A 798 25.47 20.52 12.97
C GLN A 798 23.93 20.46 13.16
N HIS A 799 23.44 21.10 14.23
CA HIS A 799 22.02 21.24 14.55
C HIS A 799 21.39 19.87 14.75
N PHE A 800 22.14 18.95 15.36
CA PHE A 800 21.66 17.59 15.57
C PHE A 800 20.95 17.50 16.92
N THR A 801 19.74 18.06 16.99
CA THR A 801 18.93 17.98 18.19
C THR A 801 17.55 17.35 17.86
N GLY A 802 17.46 16.02 17.64
CA GLY A 802 18.58 15.12 17.54
C GLY A 802 18.98 14.59 18.92
N TRP A 803 19.50 13.37 18.96
CA TRP A 803 19.73 12.66 20.22
C TRP A 803 20.91 13.22 20.99
N THR A 804 21.71 14.12 20.37
CA THR A 804 22.77 14.76 21.11
C THR A 804 22.18 15.44 22.35
N SER A 805 20.93 15.91 22.25
CA SER A 805 20.28 16.60 23.34
C SER A 805 20.02 15.68 24.55
N LEU A 806 20.32 14.37 24.44
CA LEU A 806 20.16 13.50 25.60
C LEU A 806 21.03 14.00 26.77
N VAL A 807 22.00 14.83 26.41
CA VAL A 807 22.94 15.41 27.36
C VAL A 807 22.22 16.12 28.52
N VAL A 808 21.00 16.63 28.30
CA VAL A 808 20.23 17.28 29.34
CA VAL A 808 20.28 17.29 29.36
C VAL A 808 19.86 16.26 30.42
N LYS A 809 19.40 15.08 29.98
CA LYS A 809 19.03 14.04 30.92
C LYS A 809 20.27 13.50 31.61
N ILE A 810 21.38 13.35 30.88
CA ILE A 810 22.61 12.87 31.49
C ILE A 810 23.02 13.81 32.64
N MET A 811 22.91 15.13 32.43
CA MET A 811 23.32 16.09 33.44
C MET A 811 22.38 16.02 34.65
N SER A 812 21.08 15.80 34.41
CA SER A 812 20.12 15.94 35.49
C SER A 812 20.04 14.66 36.33
N GLY A 813 20.48 13.53 35.77
CA GLY A 813 20.80 12.35 36.56
C GLY A 813 19.60 11.60 37.16
N HIS A 814 19.79 11.03 38.36
CA HIS A 814 18.84 10.22 39.12
C HIS A 814 17.88 9.43 38.21
N HIS A 815 18.42 8.43 37.48
CA HIS A 815 17.65 7.64 36.53
C HIS A 815 16.64 6.72 37.24
N GLU B 35 -0.38 -30.31 -35.64
CA GLU B 35 0.65 -31.30 -36.18
C GLU B 35 0.19 -31.95 -37.50
N SER B 36 -1.07 -32.44 -37.61
CA SER B 36 -1.69 -32.50 -38.93
C SER B 36 -1.84 -31.08 -39.51
N ILE B 37 -1.67 -30.97 -40.82
CA ILE B 37 -1.91 -29.74 -41.55
C ILE B 37 -3.26 -29.15 -41.15
N LEU B 38 -4.28 -30.02 -41.00
CA LEU B 38 -5.60 -29.50 -40.72
C LEU B 38 -5.71 -28.90 -39.32
N HIS B 39 -5.29 -29.65 -38.30
CA HIS B 39 -5.32 -29.21 -36.92
C HIS B 39 -4.57 -27.88 -36.80
N SER B 40 -3.37 -27.85 -37.37
CA SER B 40 -2.52 -26.67 -37.39
C SER B 40 -3.33 -25.50 -37.97
N GLU B 41 -3.98 -25.71 -39.14
CA GLU B 41 -4.67 -24.64 -39.85
C GLU B 41 -5.86 -24.16 -39.01
N ILE B 42 -6.56 -25.10 -38.39
CA ILE B 42 -7.66 -24.66 -37.54
C ILE B 42 -7.09 -23.84 -36.38
N GLY B 43 -5.97 -24.31 -35.80
CA GLY B 43 -5.32 -23.56 -34.72
C GLY B 43 -5.08 -22.11 -35.12
N ARG B 44 -4.57 -21.90 -36.35
CA ARG B 44 -4.17 -20.58 -36.82
C ARG B 44 -5.39 -19.70 -36.99
N LEU B 45 -6.54 -20.29 -37.39
CA LEU B 45 -7.72 -19.51 -37.72
C LEU B 45 -8.40 -19.13 -36.40
N ASN B 46 -8.36 -20.07 -35.45
CA ASN B 46 -8.80 -19.73 -34.11
C ASN B 46 -7.98 -18.59 -33.52
N ASN B 47 -6.67 -18.70 -33.70
CA ASN B 47 -5.71 -17.74 -33.18
C ASN B 47 -5.99 -16.35 -33.76
N GLN B 48 -6.11 -16.24 -35.09
CA GLN B 48 -6.37 -14.97 -35.75
C GLN B 48 -7.77 -14.46 -35.35
N SER B 49 -8.72 -15.38 -35.22
CA SER B 49 -10.08 -15.01 -34.83
C SER B 49 -10.11 -14.39 -33.43
N LEU B 50 -9.31 -14.90 -32.47
CA LEU B 50 -9.51 -14.57 -31.06
C LEU B 50 -8.46 -13.59 -30.53
N LEU B 51 -7.49 -13.21 -31.36
CA LEU B 51 -6.36 -12.40 -30.95
C LEU B 51 -6.79 -11.14 -30.20
N TRP B 52 -7.75 -10.38 -30.73
CA TRP B 52 -8.15 -9.13 -30.10
C TRP B 52 -9.38 -9.33 -29.23
N GLY B 53 -9.41 -8.60 -28.13
CA GLY B 53 -10.68 -8.36 -27.50
C GLY B 53 -10.52 -7.35 -26.38
N PRO B 54 -11.56 -7.10 -25.57
CA PRO B 54 -11.37 -6.28 -24.37
C PRO B 54 -10.86 -7.21 -23.27
N TYR B 55 -9.69 -7.82 -23.49
CA TYR B 55 -9.25 -8.91 -22.63
C TYR B 55 -8.62 -8.40 -21.32
N ARG B 56 -9.18 -7.31 -20.77
CA ARG B 56 -8.67 -6.73 -19.54
C ARG B 56 -9.88 -6.56 -18.61
N PRO B 57 -10.39 -7.66 -18.05
CA PRO B 57 -11.63 -7.58 -17.26
C PRO B 57 -11.44 -6.86 -15.92
N ASN B 58 -10.19 -6.63 -15.50
CA ASN B 58 -9.91 -5.98 -14.23
C ASN B 58 -10.19 -4.47 -14.30
N ILE B 59 -10.28 -3.92 -15.51
CA ILE B 59 -10.67 -2.52 -15.63
C ILE B 59 -12.04 -2.45 -16.33
N TYR B 60 -12.73 -1.33 -16.13
CA TYR B 60 -14.00 -1.01 -16.77
C TYR B 60 -13.92 -1.15 -18.28
N PHE B 61 -12.89 -0.59 -18.92
CA PHE B 61 -12.81 -0.77 -20.36
C PHE B 61 -11.40 -0.57 -20.86
N GLY B 62 -10.93 -1.58 -21.59
CA GLY B 62 -9.64 -1.48 -22.27
C GLY B 62 -9.44 -2.71 -23.17
N THR B 63 -8.40 -2.68 -23.99
CA THR B 63 -8.21 -3.82 -24.88
C THR B 63 -6.76 -4.25 -24.85
N ARG B 64 -6.52 -5.47 -25.32
CA ARG B 64 -5.18 -5.97 -25.62
C ARG B 64 -5.32 -7.23 -26.48
N PRO B 65 -4.28 -7.60 -27.24
CA PRO B 65 -4.31 -8.88 -27.97
C PRO B 65 -3.76 -9.99 -27.06
N ARG B 66 -3.94 -11.24 -27.46
CA ARG B 66 -3.39 -12.37 -26.76
C ARG B 66 -1.88 -12.43 -27.03
N ILE B 67 -1.15 -11.39 -26.64
CA ILE B 67 0.29 -11.40 -26.78
C ILE B 67 0.88 -10.75 -25.53
N GLY B 68 1.88 -11.41 -24.93
CA GLY B 68 2.55 -10.98 -23.72
C GLY B 68 2.92 -9.49 -23.75
N LYS B 69 3.76 -9.10 -24.70
CA LYS B 69 4.23 -7.72 -24.75
C LYS B 69 3.70 -7.07 -26.03
N SER B 70 2.76 -6.16 -25.89
CA SER B 70 2.17 -5.61 -27.10
C SER B 70 1.37 -4.38 -26.72
N LEU B 71 0.39 -4.05 -27.57
CA LEU B 71 -0.31 -2.78 -27.43
C LEU B 71 -1.50 -3.02 -26.50
N MET B 72 -1.66 -2.17 -25.46
CA MET B 72 -2.80 -2.27 -24.56
C MET B 72 -3.50 -0.92 -24.51
N THR B 73 -4.81 -0.90 -24.23
CA THR B 73 -5.49 0.38 -24.08
C THR B 73 -6.29 0.35 -22.77
N GLY B 74 -6.70 1.51 -22.27
CA GLY B 74 -7.57 1.62 -21.10
C GLY B 74 -8.26 2.99 -21.03
N LEU B 75 -9.48 2.99 -20.50
CA LEU B 75 -10.36 4.13 -20.39
C LEU B 75 -10.47 4.61 -18.94
N MET B 76 -10.36 5.90 -18.74
CA MET B 76 -10.64 6.46 -17.43
C MET B 76 -11.55 7.68 -17.64
N TRP B 77 -12.33 8.02 -16.59
CA TRP B 77 -13.22 9.17 -16.64
C TRP B 77 -13.45 9.62 -15.20
N GLY B 78 -13.74 10.91 -15.04
CA GLY B 78 -14.18 11.40 -13.75
C GLY B 78 -14.69 12.82 -13.89
N LYS B 79 -15.59 13.18 -12.98
CA LYS B 79 -16.09 14.54 -12.94
C LYS B 79 -15.00 15.38 -12.27
N ILE B 80 -14.95 16.67 -12.60
CA ILE B 80 -14.06 17.57 -11.91
C ILE B 80 -14.81 18.83 -11.49
N GLU B 81 -14.83 19.10 -10.19
CA GLU B 81 -15.48 20.27 -9.64
C GLU B 81 -14.55 21.14 -8.79
N SER B 82 -13.31 20.68 -8.52
CA SER B 82 -12.41 21.41 -7.63
C SER B 82 -10.97 21.05 -7.97
N TYR B 83 -10.01 21.65 -7.26
CA TYR B 83 -8.62 21.38 -7.57
C TYR B 83 -8.14 20.08 -6.93
N THR B 84 -9.00 19.41 -6.17
CA THR B 84 -8.51 18.25 -5.44
C THR B 84 -9.45 17.03 -5.51
N ASP B 85 -10.54 17.08 -6.30
CA ASP B 85 -11.57 16.03 -6.27
C ASP B 85 -11.26 14.91 -7.29
N PHE B 86 -10.66 15.25 -8.42
CA PHE B 86 -10.52 14.33 -9.51
C PHE B 86 -9.85 13.01 -9.06
N GLN B 87 -8.90 13.08 -8.12
CA GLN B 87 -8.16 11.92 -7.65
C GLN B 87 -9.13 10.94 -6.97
N HIS B 88 -10.27 11.45 -6.49
CA HIS B 88 -11.26 10.61 -5.81
C HIS B 88 -12.36 10.13 -6.76
N THR B 89 -12.61 10.88 -7.85
CA THR B 89 -13.74 10.58 -8.72
C THR B 89 -13.30 9.68 -9.88
N VAL B 90 -12.01 9.74 -10.25
CA VAL B 90 -11.56 9.06 -11.46
C VAL B 90 -11.87 7.55 -11.38
N ARG B 91 -12.32 6.98 -12.51
CA ARG B 91 -12.56 5.56 -12.61
C ARG B 91 -11.48 4.95 -13.50
N TYR B 92 -11.05 3.74 -13.14
CA TYR B 92 -10.15 2.95 -13.96
C TYR B 92 -10.36 1.46 -13.71
N THR B 93 -9.88 0.95 -12.54
CA THR B 93 -9.99 -0.45 -12.18
C THR B 93 -11.41 -0.74 -11.67
N CYS B 94 -11.90 -1.94 -11.97
CA CYS B 94 -13.23 -2.33 -11.50
C CYS B 94 -13.28 -2.36 -9.97
N GLU B 95 -14.37 -1.77 -9.43
CA GLU B 95 -14.78 -1.84 -8.02
C GLU B 95 -16.29 -2.10 -7.93
N GLN B 96 -16.80 -2.26 -6.69
CA GLN B 96 -18.23 -2.22 -6.43
C GLN B 96 -18.49 -1.66 -5.03
N ASN B 97 -19.19 -0.51 -4.96
CA ASN B 97 -19.48 0.21 -3.72
C ASN B 97 -20.72 1.06 -3.96
N GLU B 98 -21.18 1.78 -2.93
CA GLU B 98 -22.30 2.72 -2.90
C GLU B 98 -22.24 3.67 -4.10
N GLY B 99 -21.04 4.05 -4.54
CA GLY B 99 -20.87 5.04 -5.60
C GLY B 99 -21.09 4.47 -6.99
N MET B 100 -21.16 3.12 -7.09
CA MET B 100 -21.42 2.53 -8.40
C MET B 100 -22.74 1.73 -8.37
N LYS B 101 -23.69 2.04 -9.27
CA LYS B 101 -24.99 1.34 -9.29
C LYS B 101 -24.76 -0.09 -9.75
N GLY B 102 -24.11 -0.25 -10.92
CA GLY B 102 -23.64 -1.50 -11.47
C GLY B 102 -22.99 -1.26 -12.83
N TYR B 103 -22.59 -2.36 -13.50
CA TYR B 103 -21.99 -2.36 -14.83
C TYR B 103 -21.84 -3.81 -15.24
N GLY B 104 -21.63 -4.01 -16.54
CA GLY B 104 -21.56 -5.35 -17.11
C GLY B 104 -21.86 -5.34 -18.60
N TRP B 105 -21.66 -6.49 -19.25
CA TRP B 105 -21.89 -6.64 -20.66
C TRP B 105 -23.36 -7.00 -20.90
N ASP B 106 -24.06 -6.25 -21.76
CA ASP B 106 -25.48 -6.52 -22.02
C ASP B 106 -25.54 -7.67 -23.00
N GLU B 107 -24.51 -7.69 -23.84
CA GLU B 107 -24.35 -8.70 -24.84
C GLU B 107 -22.85 -8.78 -25.15
N TYR B 108 -22.37 -10.00 -25.41
CA TYR B 108 -21.00 -10.09 -25.82
C TYR B 108 -20.66 -11.47 -26.38
N ASP B 109 -19.74 -11.43 -27.35
CA ASP B 109 -19.19 -12.58 -28.01
C ASP B 109 -17.73 -12.25 -28.33
N PRO B 110 -16.78 -13.04 -27.80
CA PRO B 110 -15.35 -12.77 -27.99
C PRO B 110 -14.92 -12.67 -29.44
N ARG B 111 -15.65 -13.34 -30.35
CA ARG B 111 -15.28 -13.33 -31.77
C ARG B 111 -15.74 -12.05 -32.46
N ARG B 112 -16.75 -11.38 -31.91
CA ARG B 112 -17.46 -10.40 -32.71
C ARG B 112 -17.48 -9.06 -31.99
N GLY B 113 -17.56 -9.13 -30.66
CA GLY B 113 -17.67 -7.94 -29.85
C GLY B 113 -18.90 -7.93 -28.97
N GLY B 114 -19.29 -6.74 -28.52
CA GLY B 114 -20.41 -6.61 -27.61
C GLY B 114 -20.49 -5.18 -27.12
N ILE B 115 -21.30 -4.99 -26.08
CA ILE B 115 -21.63 -3.68 -25.58
C ILE B 115 -21.72 -3.81 -24.07
N GLN B 116 -21.13 -2.83 -23.38
CA GLN B 116 -21.07 -2.86 -21.94
C GLN B 116 -21.75 -1.60 -21.45
N SER B 117 -22.42 -1.69 -20.30
CA SER B 117 -23.14 -0.57 -19.72
C SER B 117 -22.56 -0.32 -18.33
N ILE B 118 -22.31 0.95 -17.98
CA ILE B 118 -21.74 1.32 -16.70
C ILE B 118 -22.64 2.40 -16.09
N HIS B 119 -23.14 2.19 -14.86
CA HIS B 119 -24.02 3.12 -14.16
C HIS B 119 -23.29 3.67 -12.94
N ASP B 120 -22.66 4.84 -13.16
CA ASP B 120 -21.77 5.47 -12.19
C ASP B 120 -22.57 6.51 -11.43
N ILE B 121 -22.90 6.23 -10.16
CA ILE B 121 -23.63 7.21 -9.36
C ILE B 121 -22.72 8.40 -9.06
N GLN B 122 -21.48 8.13 -8.58
CA GLN B 122 -20.63 9.19 -8.10
C GLN B 122 -20.39 10.23 -9.21
N ASN B 123 -20.17 9.77 -10.45
CA ASN B 123 -19.84 10.67 -11.54
C ASN B 123 -21.10 11.10 -12.33
N GLY B 124 -22.26 10.65 -11.87
CA GLY B 124 -23.54 11.09 -12.43
C GLY B 124 -23.72 10.72 -13.90
N LEU B 125 -23.15 9.57 -14.31
CA LEU B 125 -23.02 9.23 -15.72
C LEU B 125 -23.47 7.79 -15.99
N ASP B 126 -24.19 7.61 -17.11
CA ASP B 126 -24.46 6.28 -17.67
C ASP B 126 -23.64 6.14 -18.94
N ILE B 127 -22.78 5.13 -18.98
CA ILE B 127 -21.82 5.03 -20.06
C ILE B 127 -22.08 3.75 -20.85
N THR B 128 -21.72 3.79 -22.12
CA THR B 128 -21.80 2.64 -22.99
C THR B 128 -20.44 2.45 -23.65
N THR B 129 -19.92 1.23 -23.63
CA THR B 129 -18.69 0.95 -24.37
C THR B 129 -19.05 -0.13 -25.36
N SER B 130 -19.02 0.20 -26.65
CA SER B 130 -19.28 -0.76 -27.71
C SER B 130 -17.96 -1.15 -28.34
N PHE B 131 -17.79 -2.45 -28.54
CA PHE B 131 -16.55 -2.98 -29.07
C PHE B 131 -16.93 -3.89 -30.23
N VAL B 132 -16.30 -3.73 -31.40
CA VAL B 132 -16.47 -4.65 -32.50
C VAL B 132 -15.13 -5.03 -33.08
N LYS B 133 -15.08 -6.23 -33.67
CA LYS B 133 -13.95 -6.74 -34.43
C LYS B 133 -14.34 -6.85 -35.89
N ILE B 134 -13.35 -6.59 -36.76
CA ILE B 134 -13.48 -6.58 -38.20
C ILE B 134 -12.32 -7.42 -38.68
N PRO B 135 -12.57 -8.64 -39.16
CA PRO B 135 -11.49 -9.51 -39.65
C PRO B 135 -10.96 -8.93 -40.96
N GLY B 136 -9.69 -9.24 -41.21
CA GLY B 136 -8.91 -8.74 -42.32
C GLY B 136 -7.41 -8.83 -42.03
N GLY B 137 -6.65 -9.30 -43.02
CA GLY B 137 -5.20 -9.22 -42.96
C GLY B 137 -4.60 -10.39 -42.17
N ALA B 138 -3.31 -10.28 -41.91
CA ALA B 138 -2.56 -11.40 -41.35
C ALA B 138 -2.34 -11.27 -39.85
N HIS B 139 -2.89 -10.25 -39.18
CA HIS B 139 -2.40 -9.92 -37.85
C HIS B 139 -3.55 -9.82 -36.84
N GLY B 140 -4.65 -10.54 -37.09
CA GLY B 140 -5.73 -10.62 -36.12
C GLY B 140 -6.84 -9.62 -36.39
N GLY B 141 -6.74 -8.85 -37.49
CA GLY B 141 -7.83 -8.00 -37.95
C GLY B 141 -7.85 -6.64 -37.23
N SER B 142 -9.00 -5.95 -37.32
CA SER B 142 -9.15 -4.59 -36.85
C SER B 142 -10.22 -4.57 -35.77
N TRP B 143 -10.37 -3.42 -35.11
CA TRP B 143 -11.40 -3.30 -34.09
C TRP B 143 -11.77 -1.84 -33.90
N ALA B 144 -12.94 -1.59 -33.31
CA ALA B 144 -13.36 -0.25 -33.01
C ALA B 144 -14.14 -0.23 -31.70
N ALA B 145 -14.20 0.93 -31.06
CA ALA B 145 -15.07 1.10 -29.91
C ALA B 145 -15.71 2.48 -29.96
N ARG B 146 -16.91 2.57 -29.42
CA ARG B 146 -17.61 3.82 -29.19
C ARG B 146 -17.82 3.90 -27.70
N ILE B 147 -17.36 5.03 -27.13
CA ILE B 147 -17.53 5.46 -25.76
C ILE B 147 -18.62 6.55 -25.72
N LYS B 148 -19.67 6.30 -24.94
CA LYS B 148 -20.77 7.25 -24.89
C LYS B 148 -21.18 7.51 -23.44
N GLY B 149 -21.13 8.79 -23.06
CA GLY B 149 -21.57 9.17 -21.73
C GLY B 149 -22.74 10.15 -21.79
N THR B 150 -23.75 9.83 -20.96
CA THR B 150 -25.01 10.53 -20.82
C THR B 150 -25.22 10.78 -19.33
N LEU B 151 -25.30 12.07 -18.95
CA LEU B 151 -25.47 12.44 -17.54
C LEU B 151 -26.86 11.97 -17.14
N ASN B 152 -26.99 11.51 -15.89
CA ASN B 152 -28.29 11.13 -15.35
C ASN B 152 -29.02 12.40 -14.92
N ASP B 153 -30.25 12.26 -14.40
CA ASP B 153 -31.07 13.43 -14.12
C ASP B 153 -30.56 14.19 -12.90
N ASP B 154 -29.80 13.51 -12.02
CA ASP B 154 -29.37 14.07 -10.75
C ASP B 154 -28.12 14.96 -10.88
N ALA B 155 -27.44 14.91 -12.03
CA ALA B 155 -26.14 15.53 -12.21
C ALA B 155 -26.36 16.93 -12.75
N PRO B 156 -25.50 17.92 -12.40
CA PRO B 156 -25.64 19.28 -12.96
C PRO B 156 -25.48 19.20 -14.47
N LYS B 157 -26.39 19.85 -15.21
CA LYS B 157 -26.43 19.69 -16.65
C LYS B 157 -25.11 20.14 -17.27
N ASP B 158 -24.33 20.89 -16.50
CA ASP B 158 -23.12 21.55 -17.02
C ASP B 158 -21.85 20.87 -16.49
N GLN B 159 -22.00 19.69 -15.83
CA GLN B 159 -20.87 18.94 -15.29
C GLN B 159 -19.73 18.80 -16.31
N LYS B 160 -18.52 18.99 -15.81
CA LYS B 160 -17.33 18.77 -16.63
C LYS B 160 -16.77 17.41 -16.26
N THR B 161 -16.64 16.56 -17.29
CA THR B 161 -16.10 15.23 -17.13
C THR B 161 -14.79 15.14 -17.90
N ILE B 162 -13.75 14.67 -17.25
CA ILE B 162 -12.52 14.36 -17.95
C ILE B 162 -12.61 12.92 -18.41
N VAL B 163 -12.16 12.67 -19.62
CA VAL B 163 -12.03 11.34 -20.16
C VAL B 163 -10.60 11.13 -20.67
N VAL B 164 -10.00 10.00 -20.29
CA VAL B 164 -8.67 9.65 -20.79
C VAL B 164 -8.74 8.30 -21.52
N PHE B 165 -8.16 8.29 -22.72
CA PHE B 165 -7.80 7.06 -23.40
C PHE B 165 -6.28 6.87 -23.31
N TYR B 166 -5.87 5.83 -22.59
CA TYR B 166 -4.48 5.52 -22.30
C TYR B 166 -4.04 4.36 -23.20
N VAL B 167 -2.92 4.54 -23.89
CA VAL B 167 -2.40 3.55 -24.81
C VAL B 167 -0.95 3.27 -24.41
N SER B 168 -0.57 2.01 -24.29
CA SER B 168 0.82 1.71 -24.04
C SER B 168 1.29 0.62 -25.01
N GLN B 169 2.61 0.49 -25.23
CA GLN B 169 3.11 -0.63 -26.02
C GLN B 169 4.43 -1.17 -25.49
N GLU B 170 4.47 -2.49 -25.28
CA GLU B 170 5.67 -3.10 -24.74
C GLU B 170 6.28 -4.01 -25.82
N GLY B 171 7.57 -4.30 -25.68
CA GLY B 171 8.18 -5.32 -26.51
C GLY B 171 9.17 -4.73 -27.51
N GLU B 172 10.18 -5.52 -27.89
CA GLU B 172 11.32 -5.06 -28.67
C GLU B 172 10.85 -4.77 -30.11
N ASN B 173 11.55 -3.82 -30.75
CA ASN B 173 11.45 -3.62 -32.19
C ASN B 173 10.02 -3.23 -32.54
N SER B 174 9.61 -2.12 -31.97
CA SER B 174 8.22 -1.71 -32.09
C SER B 174 8.10 -0.20 -31.85
N GLU B 175 7.29 0.47 -32.68
CA GLU B 175 7.22 1.92 -32.69
C GLU B 175 5.78 2.30 -32.34
N LEU B 176 5.61 3.52 -31.84
CA LEU B 176 4.29 4.08 -31.74
C LEU B 176 4.48 5.58 -31.60
N GLU B 177 3.66 6.34 -32.31
CA GLU B 177 3.92 7.75 -32.52
C GLU B 177 2.61 8.48 -32.78
N ALA B 178 2.36 9.56 -32.03
CA ALA B 178 1.20 10.41 -32.27
C ALA B 178 1.52 11.44 -33.36
N VAL B 179 0.63 11.53 -34.36
CA VAL B 179 0.81 12.48 -35.44
C VAL B 179 0.51 13.88 -34.87
N PRO B 180 1.41 14.89 -35.01
CA PRO B 180 1.12 16.24 -34.55
C PRO B 180 -0.22 16.79 -35.05
N SER B 181 -0.87 17.47 -34.12
CA SER B 181 -1.85 18.51 -34.32
C SER B 181 -1.45 19.50 -35.43
N GLU B 182 -2.43 20.12 -36.08
CA GLU B 182 -2.15 21.21 -36.99
C GLU B 182 -2.37 22.54 -36.28
N ASN B 183 -2.83 22.48 -35.02
CA ASN B 183 -3.15 23.67 -34.22
C ASN B 183 -2.15 23.81 -33.07
N GLU B 184 -2.32 24.90 -32.31
CA GLU B 184 -1.28 25.40 -31.41
C GLU B 184 -1.25 24.58 -30.11
N PHE B 185 -2.42 24.40 -29.48
CA PHE B 185 -2.42 23.92 -28.11
C PHE B 185 -2.95 22.49 -28.00
N GLY B 186 -3.21 21.84 -29.15
CA GLY B 186 -3.84 20.53 -29.15
C GLY B 186 -4.68 20.33 -30.40
N TYR B 187 -5.68 19.44 -30.33
CA TYR B 187 -6.34 18.96 -31.53
C TYR B 187 -7.77 19.46 -31.57
N GLU B 188 -8.15 19.94 -32.76
CA GLU B 188 -9.54 20.26 -33.07
C GLU B 188 -10.23 19.00 -33.56
N GLY B 189 -9.46 18.11 -34.22
CA GLY B 189 -9.99 16.94 -34.92
C GLY B 189 -9.68 15.62 -34.21
N ASP B 190 -9.30 14.63 -35.01
CA ASP B 190 -9.03 13.27 -34.56
C ASP B 190 -7.57 13.21 -34.13
N VAL B 191 -7.28 12.32 -33.17
CA VAL B 191 -5.89 12.02 -32.88
C VAL B 191 -5.59 10.69 -33.57
N ILE B 192 -4.45 10.67 -34.23
CA ILE B 192 -3.96 9.53 -34.96
C ILE B 192 -2.64 9.05 -34.34
N LEU B 193 -2.60 7.81 -33.88
CA LEU B 193 -1.36 7.16 -33.56
C LEU B 193 -1.03 6.16 -34.67
N LYS B 194 0.24 6.14 -35.14
CA LYS B 194 0.77 5.16 -36.07
C LYS B 194 1.83 4.31 -35.35
N GLY B 195 1.75 3.00 -35.55
CA GLY B 195 2.60 2.06 -34.85
C GLY B 195 2.92 0.83 -35.69
N ARG B 196 3.86 0.03 -35.18
CA ARG B 196 4.37 -1.14 -35.86
C ARG B 196 4.94 -2.07 -34.79
N SER B 197 4.68 -3.38 -34.88
CA SER B 197 5.47 -4.35 -34.12
C SER B 197 5.58 -5.59 -34.99
N GLU B 198 6.39 -6.55 -34.55
CA GLU B 198 6.50 -7.81 -35.28
C GLU B 198 5.12 -8.49 -35.29
N ALA B 199 4.50 -8.54 -34.10
CA ALA B 199 3.22 -9.21 -33.91
C ALA B 199 2.07 -8.50 -34.63
N LEU B 200 2.04 -7.16 -34.63
CA LEU B 200 0.85 -6.53 -35.20
C LEU B 200 1.06 -6.00 -36.62
N GLY B 201 2.29 -6.10 -37.17
CA GLY B 201 2.68 -5.35 -38.37
C GLY B 201 2.38 -3.85 -38.20
N ASN B 202 2.03 -3.13 -39.28
CA ASN B 202 1.73 -1.70 -39.12
C ASN B 202 0.27 -1.53 -38.77
N TYR B 203 -0.03 -0.43 -38.08
CA TYR B 203 -1.42 -0.24 -37.72
C TYR B 203 -1.63 1.23 -37.41
N LYS B 204 -2.91 1.60 -37.29
CA LYS B 204 -3.27 2.98 -37.04
C LYS B 204 -4.34 2.92 -35.95
N LEU B 205 -4.20 3.75 -34.92
CA LEU B 205 -5.19 3.81 -33.85
C LEU B 205 -5.67 5.26 -33.75
N VAL B 206 -6.96 5.48 -34.02
CA VAL B 206 -7.54 6.79 -34.11
C VAL B 206 -8.45 7.03 -32.89
N VAL B 207 -8.30 8.18 -32.22
CA VAL B 207 -9.32 8.59 -31.26
C VAL B 207 -10.08 9.78 -31.86
N THR B 208 -11.37 9.63 -32.14
CA THR B 208 -12.06 10.59 -33.00
C THR B 208 -12.39 11.83 -32.17
N LYS B 209 -12.66 12.95 -32.87
CA LYS B 209 -12.91 14.23 -32.23
C LYS B 209 -14.07 14.06 -31.26
N GLY B 210 -15.11 13.40 -31.77
CA GLY B 210 -16.29 13.05 -31.00
C GLY B 210 -17.34 14.15 -31.03
N LYS B 211 -18.39 13.92 -30.27
CA LYS B 211 -19.52 14.81 -30.22
C LYS B 211 -19.67 15.21 -28.76
N GLY B 212 -20.01 16.50 -28.53
CA GLY B 212 -20.32 17.06 -27.24
C GLY B 212 -19.57 18.39 -27.04
N VAL B 213 -20.04 19.17 -26.06
CA VAL B 213 -19.54 20.51 -25.78
C VAL B 213 -18.17 20.44 -25.08
N ILE B 214 -17.23 21.22 -25.63
CA ILE B 214 -15.91 21.39 -25.04
C ILE B 214 -15.88 22.73 -24.29
N PRO B 215 -15.77 22.75 -22.93
CA PRO B 215 -15.83 24.01 -22.20
C PRO B 215 -14.62 24.86 -22.58
N GLN B 216 -14.82 26.18 -22.60
CA GLN B 216 -13.76 27.07 -23.06
C GLN B 216 -13.34 27.95 -21.89
N SER B 217 -12.06 28.25 -21.81
CA SER B 217 -11.64 29.13 -20.74
C SER B 217 -11.20 30.50 -21.29
N ASP B 218 -11.60 31.57 -20.60
CA ASP B 218 -11.07 32.87 -20.96
C ASP B 218 -10.10 33.39 -19.90
N HIS B 219 -9.78 32.54 -18.90
CA HIS B 219 -8.64 32.77 -18.01
C HIS B 219 -7.35 32.98 -18.77
N ASP B 220 -6.43 33.72 -18.15
CA ASP B 220 -5.14 34.09 -18.71
C ASP B 220 -4.28 32.84 -18.96
N LEU B 221 -4.56 31.75 -18.22
CA LEU B 221 -3.83 30.51 -18.41
C LEU B 221 -3.98 30.01 -19.85
N SER B 222 -5.09 30.41 -20.51
CA SER B 222 -5.39 29.98 -21.87
C SER B 222 -4.31 30.44 -22.84
N ARG B 223 -3.50 31.43 -22.44
CA ARG B 223 -2.47 31.97 -23.32
C ARG B 223 -1.35 30.96 -23.49
N LEU B 224 -1.21 30.10 -22.47
CA LEU B 224 -0.15 29.11 -22.45
C LEU B 224 -0.72 27.72 -22.75
N ARG B 225 -1.97 27.46 -22.35
CA ARG B 225 -2.53 26.11 -22.35
C ARG B 225 -3.67 25.99 -23.38
N GLY B 226 -3.94 27.08 -24.12
CA GLY B 226 -5.03 27.11 -25.06
C GLY B 226 -6.36 27.20 -24.32
N PRO B 227 -7.47 27.53 -25.02
CA PRO B 227 -8.76 27.75 -24.35
C PRO B 227 -9.44 26.47 -23.88
N GLY B 228 -8.91 25.31 -24.31
CA GLY B 228 -9.48 24.01 -23.99
C GLY B 228 -9.67 23.18 -25.26
N GLN B 229 -9.09 21.98 -25.26
CA GLN B 229 -9.00 21.16 -26.46
C GLN B 229 -8.48 19.77 -26.11
N THR B 230 -8.67 18.84 -27.06
CA THR B 230 -8.15 17.48 -26.97
C THR B 230 -6.62 17.58 -26.94
N VAL B 231 -5.96 16.81 -26.07
CA VAL B 231 -4.50 16.88 -26.02
C VAL B 231 -3.96 15.45 -25.97
N VAL B 232 -2.71 15.28 -26.41
CA VAL B 232 -1.98 14.04 -26.30
C VAL B 232 -0.66 14.31 -25.60
N GLN B 233 -0.28 13.45 -24.65
CA GLN B 233 1.12 13.34 -24.26
C GLN B 233 1.67 11.96 -24.59
N SER B 234 2.81 11.97 -25.28
CA SER B 234 3.57 10.80 -25.68
C SER B 234 4.82 10.76 -24.81
N LEU B 235 5.00 9.60 -24.15
CA LEU B 235 5.96 9.46 -23.07
C LEU B 235 6.63 8.09 -23.17
N THR B 236 7.78 7.98 -22.51
CA THR B 236 8.51 6.73 -22.48
C THR B 236 8.67 6.37 -21.00
N TYR B 237 8.17 5.18 -20.61
CA TYR B 237 8.37 4.71 -19.25
C TYR B 237 9.06 3.37 -19.32
N PRO B 238 9.60 2.85 -18.19
CA PRO B 238 10.19 1.51 -18.17
C PRO B 238 9.03 0.54 -18.36
N ASP B 239 9.27 -0.55 -19.13
CA ASP B 239 8.30 -1.62 -19.38
C ASP B 239 7.59 -2.10 -18.12
N GLU B 240 8.27 -2.07 -16.97
CA GLU B 240 7.70 -2.70 -15.77
C GLU B 240 6.57 -1.85 -15.19
N VAL B 241 6.43 -0.60 -15.62
CA VAL B 241 5.41 0.20 -14.98
C VAL B 241 4.27 0.56 -15.93
N LEU B 242 4.32 0.07 -17.19
CA LEU B 242 3.30 0.42 -18.18
C LEU B 242 1.89 0.15 -17.68
N TRP B 243 1.72 -0.87 -16.83
CA TRP B 243 0.38 -1.23 -16.36
C TRP B 243 -0.15 -0.19 -15.36
N GLN B 244 0.76 0.56 -14.69
CA GLN B 244 0.38 1.49 -13.64
C GLN B 244 -0.22 2.77 -14.26
N ALA B 245 -1.28 2.60 -15.05
CA ALA B 245 -1.88 3.66 -15.83
C ALA B 245 -2.31 4.87 -14.98
N LYS B 246 -2.98 4.62 -13.87
CA LYS B 246 -3.53 5.73 -13.11
C LYS B 246 -2.38 6.50 -12.44
N PRO B 247 -1.41 5.80 -11.81
CA PRO B 247 -0.28 6.51 -11.22
C PRO B 247 0.50 7.34 -12.24
N ILE B 248 0.58 6.85 -13.48
CA ILE B 248 1.22 7.58 -14.56
C ILE B 248 0.40 8.81 -14.94
N LEU B 249 -0.95 8.70 -14.98
CA LEU B 249 -1.73 9.88 -15.29
C LEU B 249 -1.54 10.91 -14.17
N PHE B 250 -1.48 10.46 -12.91
CA PHE B 250 -1.45 11.39 -11.81
C PHE B 250 -0.11 12.11 -11.72
N GLN B 251 0.95 11.40 -12.12
CA GLN B 251 2.29 11.95 -12.25
C GLN B 251 2.28 13.09 -13.27
N GLN B 252 1.61 12.86 -14.39
CA GLN B 252 1.55 13.84 -15.46
C GLN B 252 0.70 15.02 -15.00
N LEU B 253 -0.44 14.78 -14.34
CA LEU B 253 -1.28 15.88 -13.92
C LEU B 253 -0.51 16.73 -12.89
N LYS B 254 0.13 16.07 -11.92
CA LYS B 254 0.91 16.73 -10.86
C LYS B 254 2.06 17.51 -11.50
N ALA B 255 2.70 16.98 -12.55
CA ALA B 255 3.76 17.73 -13.21
C ALA B 255 3.19 19.00 -13.85
N GLY B 256 2.02 18.89 -14.48
CA GLY B 256 1.38 20.00 -15.18
C GLY B 256 0.91 21.08 -14.22
N ILE B 257 0.76 20.74 -12.92
CA ILE B 257 0.37 21.69 -11.89
C ILE B 257 1.60 22.33 -11.24
N ASP B 258 2.69 21.58 -11.11
CA ASP B 258 3.96 22.14 -10.66
C ASP B 258 4.42 23.28 -11.58
N TRP B 259 4.20 23.07 -12.88
CA TRP B 259 4.60 23.93 -13.98
C TRP B 259 3.97 25.32 -13.84
N LEU B 260 2.84 25.40 -13.13
CA LEU B 260 2.12 26.63 -12.95
C LEU B 260 2.95 27.69 -12.20
N VAL B 261 3.72 27.26 -11.20
CA VAL B 261 4.39 28.20 -10.33
C VAL B 261 5.71 28.66 -10.93
N GLU B 262 6.07 28.10 -12.09
CA GLU B 262 7.29 28.45 -12.80
C GLU B 262 6.96 29.20 -14.09
N ASN B 263 5.68 29.51 -14.33
CA ASN B 263 5.34 30.04 -15.64
C ASN B 263 4.43 31.26 -15.50
N LYS B 264 4.51 32.18 -16.48
CA LYS B 264 3.97 33.53 -16.41
C LYS B 264 2.53 33.58 -16.93
N TYR B 265 1.59 33.63 -15.99
CA TYR B 265 0.21 33.95 -16.31
C TYR B 265 -0.33 34.53 -15.01
N ASP B 266 -1.51 35.16 -15.06
CA ASP B 266 -2.05 35.96 -13.97
C ASP B 266 -2.80 35.03 -13.03
N VAL B 267 -2.54 35.17 -11.72
CA VAL B 267 -3.05 34.19 -10.77
C VAL B 267 -3.94 34.85 -9.75
N ALA B 268 -4.46 36.04 -10.06
CA ALA B 268 -5.37 36.71 -9.12
C ALA B 268 -6.73 36.00 -9.08
N ASP B 269 -7.20 35.55 -10.26
CA ASP B 269 -8.48 34.86 -10.33
C ASP B 269 -8.25 33.35 -10.41
N PRO B 270 -9.03 32.55 -9.65
CA PRO B 270 -8.98 31.09 -9.75
C PRO B 270 -9.27 30.61 -11.18
N PRO B 271 -8.40 29.75 -11.75
CA PRO B 271 -8.65 29.18 -13.08
C PRO B 271 -9.66 28.03 -12.99
N PRO B 272 -10.34 27.63 -14.09
CA PRO B 272 -11.23 26.47 -14.04
C PRO B 272 -10.49 25.21 -13.62
N PRO B 273 -10.98 24.43 -12.63
CA PRO B 273 -10.39 23.13 -12.27
C PRO B 273 -10.14 22.19 -13.47
N TRP B 274 -11.06 22.18 -14.42
CA TRP B 274 -10.87 21.34 -15.59
C TRP B 274 -9.66 21.78 -16.40
N GLN B 275 -9.39 23.09 -16.46
CA GLN B 275 -8.26 23.56 -17.26
C GLN B 275 -6.92 23.26 -16.57
N VAL B 276 -6.92 23.29 -15.25
CA VAL B 276 -5.70 23.10 -14.49
C VAL B 276 -5.31 21.62 -14.49
N TYR B 277 -6.30 20.75 -14.73
CA TYR B 277 -6.15 19.32 -14.90
C TYR B 277 -6.12 18.95 -16.39
N LEU B 278 -6.04 19.94 -17.29
CA LEU B 278 -5.87 19.58 -18.70
C LEU B 278 -4.38 19.48 -19.02
N LEU B 279 -3.91 18.31 -19.44
CA LEU B 279 -2.48 18.14 -19.72
C LEU B 279 -2.05 19.07 -20.84
N ALA B 280 -0.75 19.41 -20.85
CA ALA B 280 -0.19 20.17 -21.95
C ALA B 280 0.08 19.20 -23.08
N ASN B 281 -0.23 19.66 -24.29
CA ASN B 281 -0.15 18.84 -25.48
C ASN B 281 1.31 18.64 -25.86
N LYS B 282 1.73 17.37 -25.96
CA LYS B 282 3.11 17.00 -26.26
C LYS B 282 3.11 15.70 -27.05
N PRO B 283 2.49 15.65 -28.27
CA PRO B 283 2.48 14.44 -29.09
C PRO B 283 3.89 14.18 -29.58
N GLY B 284 4.15 12.93 -29.97
CA GLY B 284 5.43 12.45 -30.46
C GLY B 284 5.50 10.92 -30.33
N SER B 285 6.73 10.44 -30.37
CA SER B 285 6.98 9.02 -30.25
C SER B 285 7.08 8.68 -28.76
N GLY B 286 6.74 7.44 -28.43
CA GLY B 286 6.73 7.00 -27.04
C GLY B 286 6.12 5.59 -26.92
N ASN B 287 6.17 5.03 -25.70
CA ASN B 287 5.56 3.72 -25.42
C ASN B 287 4.34 3.92 -24.54
N VAL B 288 4.02 5.20 -24.28
CA VAL B 288 2.79 5.57 -23.58
C VAL B 288 2.22 6.81 -24.25
N HIS B 289 0.90 6.79 -24.53
CA HIS B 289 0.19 7.93 -25.03
C HIS B 289 -1.08 8.13 -24.23
N ILE B 290 -1.25 9.37 -23.76
CA ILE B 290 -2.41 9.75 -23.00
C ILE B 290 -3.12 10.76 -23.88
N VAL B 291 -4.29 10.36 -24.34
CA VAL B 291 -5.22 11.19 -25.07
C VAL B 291 -6.29 11.61 -24.07
N GLN B 292 -6.45 12.92 -23.89
CA GLN B 292 -7.35 13.43 -22.87
C GLN B 292 -8.34 14.39 -23.53
N LYS B 293 -9.60 14.35 -23.06
CA LYS B 293 -10.68 15.22 -23.50
C LYS B 293 -11.39 15.72 -22.26
N VAL B 294 -11.94 16.93 -22.37
CA VAL B 294 -12.87 17.41 -21.37
C VAL B 294 -14.15 17.75 -22.10
N PHE B 295 -15.26 17.33 -21.49
CA PHE B 295 -16.58 17.52 -22.04
C PHE B 295 -17.46 18.19 -21.01
N GLU B 296 -18.41 18.97 -21.51
CA GLU B 296 -19.45 19.55 -20.68
C GLU B 296 -20.79 18.95 -21.12
N GLY B 297 -21.53 18.37 -20.17
CA GLY B 297 -22.67 17.55 -20.50
C GLY B 297 -22.29 16.21 -21.16
N ASP B 298 -23.17 15.74 -22.03
CA ASP B 298 -23.13 14.43 -22.68
C ASP B 298 -21.99 14.40 -23.71
N PHE B 299 -21.44 13.21 -23.95
CA PHE B 299 -20.36 13.14 -24.92
C PHE B 299 -20.35 11.75 -25.52
N GLU B 300 -19.66 11.66 -26.63
CA GLU B 300 -19.33 10.38 -27.21
C GLU B 300 -18.09 10.61 -28.05
N PHE B 301 -17.30 9.55 -28.26
CA PHE B 301 -16.23 9.55 -29.24
C PHE B 301 -15.91 8.09 -29.55
N ASP B 302 -15.05 7.90 -30.55
CA ASP B 302 -14.74 6.59 -31.08
C ASP B 302 -13.23 6.34 -31.07
N ILE B 303 -12.89 5.04 -30.93
CA ILE B 303 -11.55 4.55 -31.11
C ILE B 303 -11.61 3.59 -32.30
N LEU B 304 -10.72 3.79 -33.27
CA LEU B 304 -10.70 3.00 -34.47
C LEU B 304 -9.31 2.41 -34.64
N PHE B 305 -9.21 1.08 -34.59
CA PHE B 305 -7.92 0.42 -34.78
C PHE B 305 -7.92 -0.25 -36.16
N SER B 306 -7.05 0.24 -37.07
CA SER B 306 -6.97 -0.32 -38.41
C SER B 306 -5.62 -1.02 -38.62
N SER B 307 -5.71 -2.33 -38.89
CA SER B 307 -4.60 -3.21 -39.18
C SER B 307 -4.19 -2.96 -40.62
N GLU B 308 -2.93 -2.59 -40.86
CA GLU B 308 -2.59 -2.21 -42.23
C GLU B 308 -2.84 -3.37 -43.20
N SER B 309 -2.65 -4.61 -42.72
CA SER B 309 -2.75 -5.78 -43.57
C SER B 309 -4.20 -6.07 -43.96
N ALA B 310 -5.19 -5.42 -43.32
CA ALA B 310 -6.58 -5.56 -43.75
C ALA B 310 -6.85 -4.81 -45.06
N GLY B 311 -5.90 -3.96 -45.46
CA GLY B 311 -5.92 -3.28 -46.75
C GLY B 311 -7.07 -2.29 -46.85
N LYS B 312 -7.76 -2.09 -45.72
CA LYS B 312 -8.88 -1.17 -45.58
C LYS B 312 -8.79 -0.53 -44.20
N GLU B 313 -9.25 0.71 -44.10
CA GLU B 313 -9.20 1.45 -42.86
C GLU B 313 -10.61 1.52 -42.29
N VAL B 314 -10.73 1.33 -40.97
CA VAL B 314 -12.00 1.26 -40.27
C VAL B 314 -12.53 2.68 -40.07
N THR B 315 -13.84 2.86 -40.31
CA THR B 315 -14.42 4.18 -40.15
C THR B 315 -15.45 4.09 -39.04
N SER B 316 -15.91 5.27 -38.59
CA SER B 316 -16.99 5.31 -37.65
C SER B 316 -18.24 4.62 -38.23
N LYS B 317 -18.42 4.67 -39.57
CA LYS B 317 -19.60 4.10 -40.21
C LYS B 317 -19.47 2.56 -40.18
N ASP B 318 -18.25 2.06 -40.36
CA ASP B 318 -17.94 0.64 -40.17
C ASP B 318 -18.27 0.19 -38.75
N LEU B 319 -17.84 0.96 -37.74
CA LEU B 319 -18.21 0.71 -36.35
C LEU B 319 -19.72 0.59 -36.21
N GLU B 320 -20.49 1.56 -36.74
CA GLU B 320 -21.93 1.61 -36.44
C GLU B 320 -22.65 0.42 -37.09
N ARG B 321 -22.18 0.04 -38.27
CA ARG B 321 -22.79 -1.02 -39.06
C ARG B 321 -22.54 -2.38 -38.38
N GLU B 322 -21.31 -2.58 -37.86
CA GLU B 322 -20.88 -3.86 -37.34
C GLU B 322 -21.44 -4.07 -35.94
N VAL B 323 -21.59 -3.00 -35.18
CA VAL B 323 -22.23 -3.14 -33.88
C VAL B 323 -23.63 -3.72 -34.10
N LYS B 324 -24.36 -3.18 -35.09
CA LYS B 324 -25.78 -3.51 -35.30
C LYS B 324 -25.93 -4.97 -35.74
N GLN B 325 -25.01 -5.44 -36.58
CA GLN B 325 -24.89 -6.79 -37.12
C GLN B 325 -24.52 -7.80 -36.02
N ALA B 326 -23.51 -7.50 -35.19
CA ALA B 326 -23.19 -8.35 -34.05
C ALA B 326 -24.37 -8.51 -33.08
N THR B 327 -25.12 -7.44 -32.83
CA THR B 327 -26.32 -7.54 -32.00
C THR B 327 -27.32 -8.57 -32.54
N GLU B 328 -27.56 -8.56 -33.85
CA GLU B 328 -28.48 -9.50 -34.48
C GLU B 328 -27.91 -10.93 -34.41
N VAL B 329 -26.66 -11.13 -34.81
CA VAL B 329 -26.02 -12.45 -34.77
C VAL B 329 -26.09 -13.04 -33.35
N PHE B 330 -25.98 -12.21 -32.32
CA PHE B 330 -25.96 -12.66 -30.93
C PHE B 330 -27.35 -13.11 -30.47
N GLY B 331 -28.39 -12.29 -30.77
CA GLY B 331 -29.78 -12.68 -30.47
C GLY B 331 -30.19 -14.02 -31.11
N GLU B 332 -29.77 -14.25 -32.35
CA GLU B 332 -30.07 -15.50 -33.05
C GLU B 332 -29.34 -16.66 -32.35
N ARG B 333 -28.00 -16.54 -32.17
CA ARG B 333 -27.18 -17.57 -31.56
C ARG B 333 -27.72 -17.97 -30.17
N PHE B 334 -28.12 -16.97 -29.37
CA PHE B 334 -28.63 -17.18 -28.03
C PHE B 334 -29.94 -17.98 -28.03
N ALA B 335 -30.83 -17.68 -28.99
CA ALA B 335 -32.15 -18.32 -29.12
C ALA B 335 -31.99 -19.81 -29.43
N ARG B 336 -30.97 -20.14 -30.21
CA ARG B 336 -30.65 -21.51 -30.59
C ARG B 336 -29.90 -22.21 -29.43
N VAL B 337 -29.02 -21.53 -28.70
CA VAL B 337 -28.07 -22.24 -27.84
C VAL B 337 -28.64 -22.37 -26.43
N PHE B 338 -29.30 -21.31 -25.97
CA PHE B 338 -29.97 -21.29 -24.68
C PHE B 338 -31.48 -21.10 -24.91
N ASP B 339 -32.09 -22.18 -25.46
CA ASP B 339 -33.52 -22.31 -25.68
C ASP B 339 -34.16 -22.47 -24.30
N LEU B 340 -34.58 -21.37 -23.68
CA LEU B 340 -35.07 -21.44 -22.31
C LEU B 340 -36.38 -22.22 -22.29
N LYS B 341 -36.56 -23.08 -21.28
CA LYS B 341 -37.72 -23.95 -21.21
C LYS B 341 -38.67 -23.46 -20.11
N ALA B 342 -39.92 -23.93 -20.17
CA ALA B 342 -40.94 -23.55 -19.20
C ALA B 342 -40.44 -23.82 -17.78
N PRO B 343 -40.77 -22.97 -16.78
CA PRO B 343 -41.62 -21.80 -17.00
C PRO B 343 -40.86 -20.50 -17.24
N PHE B 344 -39.71 -20.58 -17.91
CA PHE B 344 -38.84 -19.39 -17.98
C PHE B 344 -38.67 -18.93 -19.43
N GLN B 345 -39.75 -18.99 -20.20
CA GLN B 345 -39.70 -18.65 -21.61
C GLN B 345 -40.02 -17.17 -21.81
N GLY B 346 -40.43 -16.49 -20.73
CA GLY B 346 -40.69 -15.06 -20.73
C GLY B 346 -39.51 -14.22 -21.24
N ASP B 347 -39.84 -13.01 -21.69
CA ASP B 347 -38.86 -12.02 -22.11
C ASP B 347 -38.03 -11.62 -20.90
N ASN B 348 -38.63 -11.63 -19.71
CA ASN B 348 -37.94 -11.18 -18.52
C ASN B 348 -36.77 -12.13 -18.23
N TYR B 349 -36.98 -13.41 -18.55
CA TYR B 349 -35.98 -14.44 -18.33
C TYR B 349 -34.97 -14.46 -19.48
N LYS B 350 -35.41 -14.26 -20.72
CA LYS B 350 -34.47 -14.09 -21.82
C LYS B 350 -33.48 -12.98 -21.48
N LYS B 351 -33.96 -11.82 -21.00
CA LYS B 351 -33.10 -10.69 -20.69
C LYS B 351 -32.12 -11.08 -19.59
N PHE B 352 -32.63 -11.78 -18.57
CA PHE B 352 -31.83 -12.25 -17.44
C PHE B 352 -30.75 -13.22 -17.92
N GLY B 353 -31.14 -14.20 -18.74
CA GLY B 353 -30.16 -15.16 -19.21
C GLY B 353 -29.08 -14.48 -20.05
N LYS B 354 -29.48 -13.45 -20.78
CA LYS B 354 -28.58 -12.81 -21.72
C LYS B 354 -27.52 -12.07 -20.93
N SER B 355 -27.94 -11.57 -19.76
CA SER B 355 -27.09 -10.73 -18.94
C SER B 355 -26.12 -11.63 -18.17
N MET B 356 -26.65 -12.71 -17.58
CA MET B 356 -25.86 -13.69 -16.84
C MET B 356 -24.75 -14.28 -17.72
N PHE B 357 -25.11 -14.62 -18.95
CA PHE B 357 -24.19 -15.27 -19.87
C PHE B 357 -23.20 -14.26 -20.46
N SER B 358 -23.72 -13.10 -20.86
CA SER B 358 -22.84 -12.10 -21.47
C SER B 358 -21.78 -11.67 -20.45
N ASN B 359 -22.17 -11.52 -19.20
CA ASN B 359 -21.19 -11.18 -18.17
C ASN B 359 -20.17 -12.29 -18.00
N LEU B 360 -20.56 -13.57 -18.13
CA LEU B 360 -19.65 -14.68 -17.85
C LEU B 360 -18.58 -14.71 -18.95
N ILE B 361 -19.02 -14.60 -20.20
CA ILE B 361 -18.10 -14.78 -21.32
C ILE B 361 -17.36 -13.46 -21.51
N GLY B 362 -17.99 -12.36 -21.09
CA GLY B 362 -17.39 -11.04 -21.18
C GLY B 362 -16.19 -10.91 -20.24
N GLY B 363 -16.13 -11.72 -19.17
CA GLY B 363 -15.04 -11.66 -18.21
C GLY B 363 -13.75 -12.31 -18.71
N ILE B 364 -13.76 -12.87 -19.92
CA ILE B 364 -12.55 -13.53 -20.41
C ILE B 364 -11.39 -12.52 -20.42
N GLY B 365 -10.26 -12.91 -19.82
CA GLY B 365 -9.08 -12.07 -19.87
C GLY B 365 -7.88 -12.79 -20.48
N TYR B 366 -6.93 -12.00 -21.01
CA TYR B 366 -5.62 -12.52 -21.29
C TYR B 366 -4.61 -12.02 -20.27
N PHE B 367 -3.89 -12.96 -19.63
CA PHE B 367 -2.98 -12.63 -18.55
C PHE B 367 -1.58 -13.07 -18.93
N TYR B 368 -0.58 -12.25 -18.58
CA TYR B 368 0.78 -12.66 -18.91
C TYR B 368 1.76 -12.22 -17.85
N GLY B 369 2.72 -13.11 -17.54
CA GLY B 369 3.83 -12.74 -16.68
C GLY B 369 4.28 -13.91 -15.82
N HIS B 370 4.97 -13.59 -14.74
CA HIS B 370 5.56 -14.63 -13.91
C HIS B 370 4.57 -15.00 -12.82
N SER B 371 4.78 -16.18 -12.28
CA SER B 371 3.94 -16.74 -11.24
C SER B 371 4.87 -16.93 -10.04
N LEU B 372 4.33 -16.87 -8.82
CA LEU B 372 5.13 -17.10 -7.62
C LEU B 372 4.94 -18.55 -7.12
N VAL B 373 5.99 -19.35 -7.15
CA VAL B 373 5.92 -20.74 -6.75
C VAL B 373 7.03 -21.11 -5.76
N ASP B 374 6.66 -21.88 -4.72
CA ASP B 374 7.63 -22.56 -3.86
C ASP B 374 8.00 -23.90 -4.50
N ARG B 375 9.22 -23.99 -5.04
CA ARG B 375 9.70 -25.18 -5.71
C ARG B 375 10.69 -25.92 -4.83
N SER B 376 10.60 -25.79 -3.51
CA SER B 376 11.55 -26.43 -2.60
C SER B 376 11.22 -27.91 -2.43
N TYR B 377 9.93 -28.29 -2.55
CA TYR B 377 9.47 -29.64 -2.26
C TYR B 377 9.97 -30.10 -0.88
N ALA B 378 10.01 -29.16 0.09
CA ALA B 378 10.25 -29.45 1.49
C ALA B 378 9.58 -30.75 1.98
N PRO B 379 10.24 -31.59 2.81
CA PRO B 379 9.63 -32.81 3.37
C PRO B 379 8.45 -32.51 4.30
N GLU B 380 8.37 -31.28 4.81
CA GLU B 380 7.21 -30.84 5.57
C GLU B 380 5.91 -30.96 4.76
N TYR B 381 6.02 -30.73 3.44
CA TYR B 381 4.86 -30.66 2.56
C TYR B 381 4.29 -32.05 2.26
N ASP B 382 5.07 -33.11 2.58
CA ASP B 382 4.58 -34.48 2.60
C ASP B 382 3.41 -34.62 3.57
N GLU B 383 3.33 -33.78 4.60
CA GLU B 383 2.24 -33.84 5.57
C GLU B 383 2.18 -35.23 6.23
N GLU B 384 3.32 -35.85 6.51
CA GLU B 384 3.33 -37.18 7.11
C GLU B 384 2.88 -37.20 8.57
N ASN B 385 3.14 -36.15 9.35
CA ASN B 385 3.01 -36.23 10.80
C ASN B 385 1.76 -35.50 11.28
N GLU B 386 1.39 -35.77 12.54
CA GLU B 386 0.36 -35.00 13.23
C GLU B 386 0.90 -33.59 13.37
N GLY B 387 0.00 -32.59 13.36
CA GLY B 387 0.40 -31.19 13.43
C GLY B 387 1.19 -30.72 12.20
N PHE B 388 0.95 -31.35 11.03
CA PHE B 388 1.63 -31.07 9.77
C PHE B 388 1.46 -29.62 9.35
N TRP B 389 0.37 -28.98 9.80
CA TRP B 389 0.12 -27.59 9.43
C TRP B 389 1.23 -26.70 10.01
N GLU B 390 1.72 -27.03 11.21
CA GLU B 390 2.85 -26.33 11.83
C GLU B 390 4.14 -26.59 11.06
N ASP B 391 4.34 -27.84 10.65
CA ASP B 391 5.50 -28.17 9.84
C ASP B 391 5.49 -27.33 8.54
N ALA B 392 4.29 -27.18 7.95
CA ALA B 392 4.12 -26.43 6.71
C ALA B 392 4.52 -24.98 6.95
N ALA B 393 4.00 -24.39 8.06
CA ALA B 393 4.31 -23.01 8.44
C ALA B 393 5.81 -22.78 8.62
N GLU B 394 6.54 -23.78 9.13
CA GLU B 394 7.99 -23.70 9.22
C GLU B 394 8.64 -23.73 7.85
N ALA B 395 8.17 -24.60 6.95
CA ALA B 395 8.75 -24.66 5.62
C ALA B 395 8.52 -23.32 4.91
N ARG B 396 7.35 -22.70 5.14
CA ARG B 396 7.03 -21.45 4.45
C ARG B 396 7.99 -20.39 4.98
N ALA B 397 8.31 -20.47 6.29
CA ALA B 397 9.14 -19.45 6.92
C ALA B 397 10.55 -19.47 6.34
N ARG B 398 10.89 -20.49 5.56
CA ARG B 398 12.21 -20.49 4.92
C ARG B 398 12.18 -19.71 3.61
N HIS B 399 11.01 -19.22 3.18
CA HIS B 399 10.87 -18.40 1.99
C HIS B 399 11.70 -18.85 0.77
N GLN B 400 11.48 -20.08 0.29
CA GLN B 400 12.17 -20.54 -0.91
C GLN B 400 11.43 -20.14 -2.19
N GLU B 401 10.24 -19.54 -2.08
CA GLU B 401 9.53 -19.27 -3.33
C GLU B 401 10.30 -18.26 -4.17
N ALA B 402 10.14 -18.41 -5.49
CA ALA B 402 10.69 -17.51 -6.48
C ALA B 402 9.66 -17.30 -7.59
N LEU B 403 9.83 -16.21 -8.34
CA LEU B 403 9.05 -15.96 -9.54
C LEU B 403 9.50 -16.88 -10.66
N GLU B 404 8.57 -17.43 -11.44
CA GLU B 404 8.95 -18.26 -12.57
C GLU B 404 7.99 -17.98 -13.72
N GLY B 405 8.39 -18.46 -14.90
CA GLY B 405 7.70 -18.11 -16.14
C GLY B 405 8.65 -17.36 -17.05
N PRO B 406 8.19 -16.37 -17.85
CA PRO B 406 6.79 -15.89 -17.77
C PRO B 406 5.78 -16.89 -18.37
N TYR B 407 4.51 -16.73 -18.02
CA TYR B 407 3.49 -17.62 -18.53
C TYR B 407 2.33 -16.75 -19.05
N GLU B 408 1.47 -17.36 -19.87
CA GLU B 408 0.25 -16.71 -20.30
C GLU B 408 -0.98 -17.53 -19.85
N LEU B 409 -2.15 -16.88 -19.73
CA LEU B 409 -3.42 -17.56 -19.51
C LEU B 409 -4.53 -16.78 -20.19
N PHE B 410 -5.32 -17.50 -21.01
CA PHE B 410 -6.55 -17.00 -21.59
C PHE B 410 -7.72 -17.67 -20.88
N THR B 411 -8.51 -16.95 -20.08
CA THR B 411 -9.40 -17.67 -19.17
C THR B 411 -10.58 -16.79 -18.84
N SER B 412 -11.76 -17.37 -18.53
CA SER B 412 -12.74 -16.53 -17.86
C SER B 412 -12.37 -16.45 -16.36
N ILE B 413 -13.14 -15.68 -15.60
CA ILE B 413 -12.74 -15.33 -14.23
C ILE B 413 -13.99 -15.31 -13.38
N PRO B 414 -13.84 -15.45 -12.04
CA PRO B 414 -14.99 -15.37 -11.14
C PRO B 414 -15.62 -13.99 -10.99
N SER B 415 -14.79 -12.94 -11.03
CA SER B 415 -15.32 -11.63 -10.67
C SER B 415 -14.35 -10.50 -11.04
N ARG B 416 -14.86 -9.58 -11.86
CA ARG B 416 -14.05 -8.48 -12.37
C ARG B 416 -13.51 -7.66 -11.20
N PRO B 417 -14.37 -7.20 -10.25
CA PRO B 417 -13.90 -6.31 -9.19
C PRO B 417 -13.06 -7.02 -8.12
N PHE B 418 -13.44 -8.27 -7.79
CA PHE B 418 -12.85 -8.88 -6.62
C PHE B 418 -11.79 -9.93 -7.00
N PHE B 419 -12.03 -10.80 -8.00
CA PHE B 419 -11.06 -11.87 -8.27
C PHE B 419 -10.80 -11.98 -9.76
N PRO B 420 -10.21 -10.94 -10.40
CA PRO B 420 -10.05 -10.94 -11.85
C PRO B 420 -8.83 -11.77 -12.22
N ARG B 421 -8.92 -13.10 -12.10
CA ARG B 421 -7.83 -13.99 -12.51
C ARG B 421 -8.32 -15.43 -12.53
N GLY B 422 -7.43 -16.36 -12.94
CA GLY B 422 -7.83 -17.75 -13.14
C GLY B 422 -7.95 -18.53 -11.83
N PHE B 423 -9.07 -19.24 -11.63
CA PHE B 423 -9.22 -20.22 -10.56
C PHE B 423 -9.57 -21.57 -11.17
N LEU B 424 -8.83 -22.60 -10.74
CA LEU B 424 -8.77 -23.88 -11.44
C LEU B 424 -10.14 -24.56 -11.46
N TRP B 425 -10.76 -24.79 -10.31
CA TRP B 425 -12.05 -25.50 -10.37
C TRP B 425 -13.19 -24.59 -10.80
N ASP B 426 -13.06 -23.25 -10.63
CA ASP B 426 -14.09 -22.31 -11.13
C ASP B 426 -14.22 -22.46 -12.63
N GLU B 427 -13.08 -22.63 -13.31
CA GLU B 427 -13.09 -22.60 -14.76
C GLU B 427 -13.88 -23.78 -15.35
N GLY B 428 -13.84 -24.94 -14.70
CA GLY B 428 -14.62 -26.07 -15.17
C GLY B 428 -16.11 -25.70 -15.20
N PHE B 429 -16.56 -24.92 -14.22
CA PHE B 429 -17.93 -24.44 -14.21
C PHE B 429 -18.18 -23.36 -15.26
N HIS B 430 -17.26 -22.37 -15.39
CA HIS B 430 -17.42 -21.27 -16.35
C HIS B 430 -17.62 -21.81 -17.76
N LEU B 431 -16.86 -22.85 -18.10
CA LEU B 431 -16.79 -23.32 -19.47
C LEU B 431 -18.00 -24.19 -19.84
N LEU B 432 -18.81 -24.61 -18.86
CA LEU B 432 -20.00 -25.37 -19.23
C LEU B 432 -20.96 -24.52 -20.09
N PRO B 433 -21.35 -23.28 -19.71
CA PRO B 433 -22.12 -22.40 -20.61
C PRO B 433 -21.34 -21.95 -21.84
N ILE B 434 -20.06 -21.66 -21.67
CA ILE B 434 -19.26 -21.13 -22.74
C ILE B 434 -19.06 -22.19 -23.83
N ALA B 435 -18.90 -23.46 -23.43
CA ALA B 435 -18.70 -24.51 -24.45
C ALA B 435 -19.95 -24.73 -25.28
N ASP B 436 -21.14 -24.57 -24.67
CA ASP B 436 -22.41 -24.60 -25.41
C ASP B 436 -22.41 -23.51 -26.48
N TRP B 437 -21.92 -22.32 -26.12
CA TRP B 437 -21.90 -21.20 -27.05
C TRP B 437 -20.88 -21.42 -28.17
N ASP B 438 -19.72 -22.01 -27.85
CA ASP B 438 -18.57 -21.90 -28.72
C ASP B 438 -17.52 -22.90 -28.25
N ILE B 439 -17.65 -24.13 -28.73
CA ILE B 439 -16.88 -25.23 -28.21
C ILE B 439 -15.40 -24.92 -28.45
N ASP B 440 -15.10 -24.28 -29.58
CA ASP B 440 -13.70 -24.07 -29.96
C ASP B 440 -13.02 -23.08 -29.01
N LEU B 441 -13.78 -22.06 -28.54
CA LEU B 441 -13.31 -21.11 -27.54
C LEU B 441 -12.97 -21.86 -26.25
N ALA B 442 -13.89 -22.75 -25.82
CA ALA B 442 -13.67 -23.47 -24.57
C ALA B 442 -12.42 -24.32 -24.69
N LEU B 443 -12.18 -24.88 -25.88
CA LEU B 443 -11.04 -25.77 -26.07
C LEU B 443 -9.72 -24.99 -25.97
N GLU B 444 -9.75 -23.72 -26.45
CA GLU B 444 -8.58 -22.85 -26.36
C GLU B 444 -8.27 -22.53 -24.91
N ILE B 445 -9.31 -22.33 -24.10
CA ILE B 445 -9.12 -21.94 -22.72
C ILE B 445 -8.61 -23.19 -21.98
N ILE B 446 -9.15 -24.37 -22.32
CA ILE B 446 -8.68 -25.61 -21.71
C ILE B 446 -7.22 -25.84 -22.08
N LYS B 447 -6.83 -25.54 -23.31
CA LYS B 447 -5.47 -25.78 -23.74
C LYS B 447 -4.54 -24.78 -23.05
N SER B 448 -5.01 -23.53 -22.86
CA SER B 448 -4.28 -22.51 -22.12
C SER B 448 -4.02 -23.01 -20.69
N TRP B 449 -5.05 -23.50 -20.00
CA TRP B 449 -4.82 -23.97 -18.64
C TRP B 449 -3.81 -25.15 -18.65
N TYR B 450 -4.03 -26.15 -19.52
CA TYR B 450 -3.21 -27.36 -19.49
C TYR B 450 -1.78 -27.03 -19.89
N ASN B 451 -1.62 -25.89 -20.55
CA ASN B 451 -0.30 -25.40 -20.89
C ASN B 451 0.47 -24.92 -19.65
N LEU B 452 -0.21 -24.68 -18.52
CA LEU B 452 0.49 -24.30 -17.31
C LEU B 452 0.91 -25.54 -16.50
N MET B 453 0.54 -26.74 -16.94
CA MET B 453 0.87 -27.91 -16.14
C MET B 453 2.38 -28.12 -16.17
N ASP B 454 2.98 -28.39 -15.01
CA ASP B 454 4.41 -28.68 -14.96
C ASP B 454 4.63 -30.16 -15.27
N GLU B 455 5.88 -30.61 -15.08
CA GLU B 455 6.33 -31.92 -15.51
C GLU B 455 5.71 -33.06 -14.69
N ASP B 456 5.22 -32.76 -13.49
CA ASP B 456 4.70 -33.76 -12.59
C ASP B 456 3.18 -33.90 -12.75
N GLY B 457 2.54 -32.89 -13.36
CA GLY B 457 1.09 -32.89 -13.50
C GLY B 457 0.33 -31.88 -12.64
N TRP B 458 1.06 -30.87 -12.12
CA TRP B 458 0.51 -29.86 -11.24
C TRP B 458 0.22 -28.59 -12.03
N ILE B 459 -0.99 -28.05 -11.81
CA ILE B 459 -1.37 -26.72 -12.26
C ILE B 459 -1.76 -25.94 -11.00
N ALA B 460 -1.13 -24.76 -10.75
CA ALA B 460 -1.52 -23.97 -9.59
C ALA B 460 -3.01 -23.64 -9.67
N ARG B 461 -3.70 -23.69 -8.53
CA ARG B 461 -5.14 -23.55 -8.41
C ARG B 461 -5.52 -22.10 -8.63
N GLU B 462 -4.57 -21.19 -8.39
CA GLU B 462 -4.83 -19.76 -8.52
C GLU B 462 -3.72 -19.17 -9.39
N GLN B 463 -4.09 -18.67 -10.58
CA GLN B 463 -3.08 -18.22 -11.53
C GLN B 463 -2.99 -16.69 -11.44
N ILE B 464 -1.88 -16.22 -10.83
CA ILE B 464 -1.64 -14.80 -10.68
C ILE B 464 -0.45 -14.45 -11.56
N LEU B 465 -0.70 -13.97 -12.82
CA LEU B 465 0.39 -13.82 -13.80
C LEU B 465 0.63 -12.35 -14.11
N GLY B 466 1.80 -11.86 -13.66
CA GLY B 466 2.28 -10.52 -13.95
C GLY B 466 2.05 -9.57 -12.77
N ALA B 467 2.80 -8.46 -12.79
CA ALA B 467 2.77 -7.51 -11.68
C ALA B 467 1.37 -6.91 -11.59
N GLU B 468 0.78 -6.65 -12.76
CA GLU B 468 -0.59 -6.11 -12.79
C GLU B 468 -1.54 -7.02 -12.00
N ALA B 469 -1.51 -8.33 -12.25
CA ALA B 469 -2.38 -9.26 -11.52
C ALA B 469 -1.96 -9.29 -10.04
N ARG B 470 -0.65 -9.19 -9.76
CA ARG B 470 -0.20 -9.28 -8.37
C ARG B 470 -0.70 -8.12 -7.53
N SER B 471 -0.89 -6.98 -8.17
CA SER B 471 -1.12 -5.75 -7.45
C SER B 471 -2.39 -5.86 -6.62
N LYS B 472 -3.28 -6.78 -7.01
CA LYS B 472 -4.60 -6.89 -6.39
C LYS B 472 -4.57 -7.95 -5.30
N VAL B 473 -3.41 -8.55 -5.03
CA VAL B 473 -3.42 -9.77 -4.23
C VAL B 473 -2.46 -9.64 -3.06
N PRO B 474 -2.98 -9.68 -1.81
CA PRO B 474 -2.12 -9.64 -0.63
C PRO B 474 -1.07 -10.74 -0.74
N LYS B 475 0.14 -10.42 -0.29
CA LYS B 475 1.32 -11.25 -0.50
C LYS B 475 1.11 -12.66 0.08
N GLU B 476 0.38 -12.76 1.18
CA GLU B 476 0.21 -14.03 1.87
C GLU B 476 -0.53 -15.02 0.96
N PHE B 477 -1.28 -14.51 -0.04
CA PHE B 477 -1.95 -15.41 -0.96
C PHE B 477 -1.22 -15.64 -2.27
N GLN B 478 -0.01 -15.08 -2.47
CA GLN B 478 0.51 -15.09 -3.84
C GLN B 478 1.20 -16.40 -4.18
N THR B 479 2.00 -16.92 -3.25
CA THR B 479 2.79 -18.11 -3.50
C THR B 479 1.88 -19.33 -3.74
N GLN B 480 2.21 -20.12 -4.75
CA GLN B 480 1.48 -21.34 -5.09
C GLN B 480 2.36 -22.53 -4.71
N TYR B 481 1.73 -23.61 -4.22
CA TYR B 481 2.42 -24.77 -3.67
C TYR B 481 2.17 -25.97 -4.57
N PRO B 482 3.23 -26.62 -5.09
CA PRO B 482 3.08 -27.76 -5.98
C PRO B 482 2.42 -29.01 -5.39
N HIS B 483 2.12 -29.03 -4.09
CA HIS B 483 1.37 -30.14 -3.52
C HIS B 483 -0.10 -29.75 -3.33
N TYR B 484 -0.51 -28.57 -3.80
CA TYR B 484 -1.90 -28.13 -3.58
C TYR B 484 -2.79 -28.36 -4.79
N ALA B 485 -3.79 -29.24 -4.64
CA ALA B 485 -4.72 -29.55 -5.70
C ALA B 485 -5.89 -28.56 -5.73
N ASN B 486 -6.79 -28.77 -6.71
CA ASN B 486 -8.12 -28.16 -6.74
C ASN B 486 -9.03 -29.17 -7.48
N PRO B 487 -10.37 -29.16 -7.31
CA PRO B 487 -11.22 -30.07 -8.06
C PRO B 487 -10.96 -30.01 -9.56
N PRO B 488 -10.85 -31.17 -10.24
CA PRO B 488 -10.67 -31.18 -11.69
C PRO B 488 -11.95 -31.01 -12.52
N THR B 489 -12.62 -29.86 -12.31
CA THR B 489 -13.90 -29.64 -12.93
C THR B 489 -13.73 -29.48 -14.43
N LEU B 490 -12.49 -29.22 -14.88
CA LEU B 490 -12.30 -29.06 -16.32
C LEU B 490 -12.64 -30.37 -17.06
N PHE B 491 -12.57 -31.51 -16.37
CA PHE B 491 -12.96 -32.76 -17.00
C PHE B 491 -14.46 -32.79 -17.37
N LEU B 492 -15.32 -32.08 -16.62
CA LEU B 492 -16.75 -32.11 -16.93
C LEU B 492 -17.00 -31.41 -18.28
N VAL B 493 -16.18 -30.40 -18.64
CA VAL B 493 -16.31 -29.77 -19.92
C VAL B 493 -15.85 -30.76 -21.00
N LEU B 494 -14.82 -31.53 -20.69
CA LEU B 494 -14.35 -32.43 -21.72
C LEU B 494 -15.39 -33.53 -21.92
N ASP B 495 -16.00 -34.04 -20.85
CA ASP B 495 -17.07 -35.01 -21.00
C ASP B 495 -18.15 -34.48 -21.96
N ASN B 496 -18.56 -33.20 -21.83
CA ASN B 496 -19.55 -32.64 -22.74
C ASN B 496 -19.01 -32.62 -24.17
N PHE B 497 -17.74 -32.28 -24.32
CA PHE B 497 -17.12 -32.26 -25.63
C PHE B 497 -17.09 -33.66 -26.23
N VAL B 498 -16.82 -34.68 -25.41
CA VAL B 498 -16.76 -36.05 -25.91
C VAL B 498 -18.15 -36.48 -26.41
N GLU B 499 -19.23 -36.21 -25.64
CA GLU B 499 -20.59 -36.51 -26.08
C GLU B 499 -20.83 -35.91 -27.46
N ARG B 500 -20.45 -34.64 -27.63
CA ARG B 500 -20.66 -33.93 -28.88
C ARG B 500 -19.86 -34.55 -30.03
N LEU B 501 -18.66 -35.06 -29.74
CA LEU B 501 -17.84 -35.69 -30.77
C LEU B 501 -18.49 -36.99 -31.22
N ARG B 502 -19.02 -37.76 -30.25
CA ARG B 502 -19.65 -39.04 -30.49
C ARG B 502 -20.90 -38.85 -31.34
N LYS B 503 -21.74 -37.87 -30.98
CA LYS B 503 -22.99 -37.57 -31.67
C LYS B 503 -22.72 -37.12 -33.12
N ASN B 504 -21.48 -36.71 -33.42
CA ASN B 504 -21.10 -36.29 -34.77
C ASN B 504 -20.33 -37.38 -35.51
N ASN B 505 -20.35 -38.64 -35.04
CA ASN B 505 -20.11 -39.81 -35.89
C ASN B 505 -21.45 -40.35 -36.41
N ALA B 506 -21.45 -40.77 -37.68
CA ALA B 506 -22.63 -41.20 -38.43
C ALA B 506 -23.67 -41.78 -37.47
N THR B 520 -19.02 -21.78 -39.13
CA THR B 520 -18.36 -20.85 -38.15
C THR B 520 -17.15 -21.52 -37.49
N LEU B 521 -16.12 -20.73 -37.18
CA LEU B 521 -14.98 -21.25 -36.42
C LEU B 521 -15.39 -21.81 -35.05
N SER B 522 -16.54 -21.36 -34.50
CA SER B 522 -17.04 -21.78 -33.22
C SER B 522 -17.11 -23.29 -33.05
N THR B 523 -17.42 -24.03 -34.12
CA THR B 523 -17.70 -25.46 -33.97
C THR B 523 -16.83 -26.29 -34.93
N ALA B 524 -15.74 -25.70 -35.43
CA ALA B 524 -14.87 -26.31 -36.43
C ALA B 524 -14.36 -27.67 -35.93
N SER B 525 -14.23 -27.78 -34.61
CA SER B 525 -13.60 -28.95 -34.01
C SER B 525 -14.62 -30.07 -33.84
N VAL B 526 -15.92 -29.75 -33.84
CA VAL B 526 -16.92 -30.81 -33.80
C VAL B 526 -17.48 -31.07 -35.21
N ASP B 527 -17.56 -30.04 -36.06
CA ASP B 527 -18.18 -30.23 -37.36
C ASP B 527 -17.33 -31.18 -38.21
N ASN B 528 -16.01 -31.09 -38.06
CA ASN B 528 -15.14 -32.16 -38.55
C ASN B 528 -14.59 -32.87 -37.31
N PRO B 529 -15.18 -34.01 -36.90
CA PRO B 529 -14.83 -34.62 -35.62
C PRO B 529 -13.39 -35.13 -35.59
N GLU B 530 -12.76 -35.32 -36.75
CA GLU B 530 -11.36 -35.73 -36.81
C GLU B 530 -10.49 -34.63 -36.16
N VAL B 531 -10.93 -33.37 -36.24
CA VAL B 531 -10.18 -32.25 -35.69
C VAL B 531 -10.24 -32.31 -34.17
N GLY B 532 -11.46 -32.48 -33.65
CA GLY B 532 -11.70 -32.68 -32.23
C GLY B 532 -10.87 -33.86 -31.73
N LEU B 533 -10.88 -34.94 -32.50
CA LEU B 533 -10.23 -36.16 -32.06
C LEU B 533 -8.71 -35.93 -31.94
N GLU B 534 -8.15 -35.16 -32.88
CA GLU B 534 -6.74 -34.88 -32.77
C GLU B 534 -6.47 -33.98 -31.57
N TYR B 535 -7.35 -33.01 -31.31
CA TYR B 535 -7.24 -32.20 -30.12
C TYR B 535 -7.16 -33.10 -28.87
N LEU B 536 -8.09 -34.05 -28.74
CA LEU B 536 -8.08 -34.94 -27.58
C LEU B 536 -6.80 -35.75 -27.53
N ARG B 537 -6.34 -36.18 -28.71
CA ARG B 537 -5.14 -36.98 -28.81
C ARG B 537 -3.95 -36.21 -28.24
N ARG B 538 -3.91 -34.89 -28.44
CA ARG B 538 -2.78 -34.11 -27.95
C ARG B 538 -2.94 -33.78 -26.46
N LEU B 539 -4.19 -33.60 -25.97
CA LEU B 539 -4.40 -33.21 -24.58
C LEU B 539 -4.27 -34.43 -23.64
N TYR B 540 -4.61 -35.62 -24.16
CA TYR B 540 -4.78 -36.83 -23.35
C TYR B 540 -3.58 -37.17 -22.46
N PRO B 541 -2.31 -37.16 -22.96
CA PRO B 541 -1.15 -37.39 -22.09
C PRO B 541 -1.10 -36.45 -20.88
N LEU B 542 -1.65 -35.23 -21.01
CA LEU B 542 -1.58 -34.26 -19.93
C LEU B 542 -2.66 -34.58 -18.89
N LEU B 543 -3.83 -35.05 -19.37
CA LEU B 543 -4.90 -35.52 -18.51
C LEU B 543 -4.44 -36.75 -17.73
N ARG B 544 -3.74 -37.71 -18.40
CA ARG B 544 -3.20 -38.88 -17.71
C ARG B 544 -2.18 -38.42 -16.64
N ARG B 545 -1.31 -37.49 -17.02
CA ARG B 545 -0.31 -37.00 -16.07
C ARG B 545 -1.02 -36.39 -14.85
N GLN B 546 -2.08 -35.62 -15.05
CA GLN B 546 -2.70 -34.97 -13.89
C GLN B 546 -3.33 -36.04 -13.00
N PHE B 547 -3.92 -37.05 -13.64
CA PHE B 547 -4.56 -38.12 -12.90
C PHE B 547 -3.53 -38.85 -12.04
N ASP B 548 -2.40 -39.20 -12.66
CA ASP B 548 -1.32 -39.83 -11.92
C ASP B 548 -0.91 -38.91 -10.78
N TRP B 549 -0.82 -37.60 -11.07
CA TRP B 549 -0.37 -36.62 -10.11
C TRP B 549 -1.30 -36.62 -8.89
N PHE B 550 -2.63 -36.69 -9.12
CA PHE B 550 -3.55 -36.73 -7.99
C PHE B 550 -3.35 -38.02 -7.19
N ARG B 551 -3.22 -39.16 -7.88
CA ARG B 551 -3.11 -40.42 -7.15
C ARG B 551 -1.80 -40.51 -6.36
N LYS B 552 -0.75 -39.82 -6.83
CA LYS B 552 0.52 -39.85 -6.14
C LYS B 552 0.53 -38.83 -5.00
N THR B 553 0.13 -37.57 -5.25
CA THR B 553 0.40 -36.50 -4.29
C THR B 553 -0.73 -36.34 -3.26
N GLN B 554 -1.96 -36.78 -3.58
CA GLN B 554 -3.08 -36.66 -2.65
C GLN B 554 -3.52 -38.04 -2.09
N ALA B 555 -2.65 -39.05 -2.21
CA ALA B 555 -2.90 -40.36 -1.62
C ALA B 555 -3.33 -40.22 -0.17
N GLY B 556 -4.39 -40.95 0.21
CA GLY B 556 -4.73 -41.23 1.60
C GLY B 556 -3.97 -42.45 2.11
N ASP B 557 -4.19 -42.81 3.37
CA ASP B 557 -3.43 -43.87 4.01
C ASP B 557 -4.39 -44.94 4.54
N ILE B 558 -4.34 -46.13 3.94
CA ILE B 558 -5.11 -47.25 4.44
C ILE B 558 -4.17 -48.17 5.24
N LYS B 559 -2.98 -48.46 4.67
CA LYS B 559 -2.05 -49.50 5.10
C LYS B 559 -1.62 -49.33 6.56
N SER B 560 -1.30 -48.10 6.96
CA SER B 560 -0.56 -47.97 8.20
C SER B 560 -1.50 -47.89 9.41
N TYR B 561 -2.80 -48.19 9.22
CA TYR B 561 -3.78 -48.09 10.30
C TYR B 561 -4.68 -49.34 10.36
N ASP B 562 -5.53 -49.41 11.40
CA ASP B 562 -6.51 -50.50 11.48
C ASP B 562 -7.68 -50.23 10.53
N ARG B 563 -7.48 -50.55 9.23
CA ARG B 563 -8.41 -50.09 8.22
C ARG B 563 -8.64 -51.20 7.21
N GLU B 564 -9.92 -51.57 7.06
CA GLU B 564 -10.36 -52.62 6.15
C GLU B 564 -11.10 -51.99 4.98
N ALA B 565 -10.75 -52.42 3.76
CA ALA B 565 -11.31 -51.85 2.55
C ALA B 565 -11.12 -52.87 1.44
N TYR B 566 -12.06 -52.88 0.49
CA TYR B 566 -11.99 -53.68 -0.71
C TYR B 566 -10.68 -53.44 -1.47
N SER B 567 -10.21 -52.17 -1.49
CA SER B 567 -8.94 -51.83 -2.11
C SER B 567 -8.06 -51.13 -1.08
N THR B 568 -6.77 -51.49 -1.08
CA THR B 568 -5.80 -50.84 -0.20
C THR B 568 -5.19 -49.61 -0.88
N LYS B 569 -5.48 -49.37 -2.18
CA LYS B 569 -4.83 -48.30 -2.94
C LYS B 569 -5.68 -47.02 -2.93
N GLU B 570 -7.01 -47.17 -3.09
CA GLU B 570 -7.92 -46.08 -3.41
C GLU B 570 -8.36 -45.36 -2.14
N ALA B 571 -7.74 -44.22 -1.86
CA ALA B 571 -8.02 -43.41 -0.68
C ALA B 571 -7.26 -42.10 -0.86
N TYR B 572 -7.83 -41.00 -0.36
CA TYR B 572 -7.41 -39.68 -0.79
C TYR B 572 -7.53 -38.67 0.33
N ARG B 573 -6.54 -37.76 0.37
CA ARG B 573 -6.53 -36.74 1.41
C ARG B 573 -6.06 -35.42 0.79
N TRP B 574 -6.89 -34.39 0.88
CA TRP B 574 -6.51 -33.09 0.33
C TRP B 574 -5.28 -32.62 1.09
N ARG B 575 -4.16 -32.43 0.40
CA ARG B 575 -3.09 -31.67 1.00
C ARG B 575 -3.51 -30.21 1.27
N GLY B 576 -2.84 -29.52 2.21
CA GLY B 576 -2.88 -28.06 2.27
C GLY B 576 -3.91 -27.57 3.27
N ARG B 577 -4.25 -28.44 4.21
CA ARG B 577 -5.34 -28.18 5.13
C ARG B 577 -4.74 -27.47 6.34
N THR B 578 -5.49 -26.53 6.94
CA THR B 578 -5.12 -25.93 8.22
C THR B 578 -6.22 -26.28 9.22
N VAL B 579 -6.18 -25.68 10.42
CA VAL B 579 -7.04 -26.15 11.50
C VAL B 579 -8.52 -25.89 11.17
N SER B 580 -8.80 -24.85 10.40
CA SER B 580 -10.20 -24.47 10.23
C SER B 580 -10.63 -24.41 8.76
N HIS B 581 -9.86 -25.01 7.87
CA HIS B 581 -10.09 -24.78 6.46
C HIS B 581 -9.58 -25.95 5.65
N CYS B 582 -10.15 -26.09 4.46
CA CYS B 582 -9.54 -26.88 3.42
C CYS B 582 -9.71 -26.16 2.09
N LEU B 583 -8.80 -25.21 1.81
CA LEU B 583 -8.94 -24.29 0.67
C LEU B 583 -8.80 -25.02 -0.66
N THR B 584 -7.95 -26.07 -0.66
CA THR B 584 -7.68 -26.79 -1.89
C THR B 584 -8.93 -27.53 -2.35
N SER B 585 -9.84 -27.85 -1.43
CA SER B 585 -11.03 -28.57 -1.83
C SER B 585 -11.98 -27.62 -2.55
N GLY B 586 -11.77 -26.30 -2.36
CA GLY B 586 -12.74 -25.35 -2.89
C GLY B 586 -13.86 -25.03 -1.90
N LEU B 587 -14.11 -25.86 -0.88
CA LEU B 587 -15.20 -25.53 0.04
C LEU B 587 -14.56 -25.04 1.34
N ASP B 588 -14.07 -23.80 1.30
CA ASP B 588 -13.01 -23.32 2.19
C ASP B 588 -13.19 -23.76 3.63
N ASP B 589 -14.38 -23.52 4.23
CA ASP B 589 -14.54 -23.67 5.68
C ASP B 589 -15.61 -24.73 5.98
N TYR B 590 -15.91 -25.59 5.00
CA TYR B 590 -16.73 -26.74 5.27
C TYR B 590 -16.10 -27.55 6.41
N PRO B 591 -16.87 -27.84 7.48
CA PRO B 591 -16.33 -28.58 8.62
C PRO B 591 -15.71 -29.89 8.16
N ARG B 592 -14.51 -30.16 8.68
CA ARG B 592 -13.71 -31.35 8.42
C ARG B 592 -13.35 -31.99 9.75
N PRO B 593 -12.66 -33.16 9.76
CA PRO B 593 -12.26 -33.79 11.03
C PRO B 593 -11.36 -32.85 11.83
N GLN B 594 -11.54 -32.83 13.16
CA GLN B 594 -10.74 -32.01 14.07
C GLN B 594 -10.01 -32.92 15.05
N PRO B 595 -8.67 -32.86 15.16
CA PRO B 595 -7.88 -31.88 14.42
C PRO B 595 -7.71 -32.42 13.00
N PRO B 596 -7.12 -31.64 12.07
CA PRO B 596 -6.60 -32.24 10.83
C PRO B 596 -5.58 -33.30 11.24
N HIS B 597 -5.36 -34.30 10.37
CA HIS B 597 -4.61 -35.50 10.71
C HIS B 597 -4.19 -36.18 9.41
N PRO B 598 -2.93 -36.68 9.30
CA PRO B 598 -2.46 -37.41 8.10
C PRO B 598 -3.29 -38.67 7.81
N GLY B 599 -4.11 -39.10 8.77
CA GLY B 599 -4.99 -40.23 8.54
C GLY B 599 -6.40 -39.86 8.07
N GLU B 600 -6.67 -38.54 7.85
CA GLU B 600 -7.92 -38.09 7.24
C GLU B 600 -8.12 -38.74 5.86
N LEU B 601 -9.40 -38.88 5.51
CA LEU B 601 -9.80 -39.19 4.15
C LEU B 601 -10.97 -38.27 3.81
N HIS B 602 -10.88 -37.68 2.62
CA HIS B 602 -11.94 -36.80 2.14
C HIS B 602 -12.71 -37.47 1.01
N VAL B 603 -14.03 -37.58 1.21
CA VAL B 603 -14.87 -38.30 0.27
C VAL B 603 -15.08 -37.47 -1.00
N ASP B 604 -15.03 -36.12 -0.88
CA ASP B 604 -15.21 -35.30 -2.09
C ASP B 604 -14.00 -35.49 -3.00
N LEU B 605 -12.80 -35.64 -2.40
CA LEU B 605 -11.62 -35.86 -3.23
C LEU B 605 -11.71 -37.22 -3.92
N MET B 606 -12.11 -38.26 -3.16
CA MET B 606 -12.24 -39.57 -3.81
C MET B 606 -13.25 -39.45 -4.94
N SER B 607 -14.36 -38.74 -4.70
CA SER B 607 -15.32 -38.50 -5.78
C SER B 607 -14.68 -37.89 -7.05
N TRP B 608 -13.82 -36.87 -6.92
CA TRP B 608 -13.25 -36.22 -8.11
C TRP B 608 -12.32 -37.19 -8.82
N VAL B 609 -11.64 -38.06 -8.05
CA VAL B 609 -10.81 -39.02 -8.75
C VAL B 609 -11.71 -39.94 -9.57
N GLY B 610 -12.91 -40.21 -9.04
CA GLY B 610 -13.93 -40.95 -9.78
C GLY B 610 -14.27 -40.25 -11.11
N VAL B 611 -14.57 -38.95 -11.02
CA VAL B 611 -14.92 -38.17 -12.19
C VAL B 611 -13.82 -38.34 -13.25
N MET B 612 -12.57 -38.24 -12.79
CA MET B 612 -11.45 -38.18 -13.73
C MET B 612 -11.31 -39.53 -14.40
N VAL B 613 -11.49 -40.60 -13.62
CA VAL B 613 -11.28 -41.93 -14.15
C VAL B 613 -12.40 -42.23 -15.16
N LYS B 614 -13.61 -41.73 -14.89
CA LYS B 614 -14.66 -41.92 -15.89
C LYS B 614 -14.35 -41.13 -17.16
N SER B 615 -13.77 -39.92 -17.05
CA SER B 615 -13.48 -39.17 -18.29
C SER B 615 -12.40 -39.89 -19.09
N LEU B 616 -11.40 -40.45 -18.40
CA LEU B 616 -10.27 -41.08 -19.08
C LEU B 616 -10.70 -42.37 -19.78
N ILE B 617 -11.67 -43.11 -19.18
CA ILE B 617 -12.27 -44.26 -19.82
C ILE B 617 -12.85 -43.88 -21.19
N SER B 618 -13.71 -42.84 -21.25
CA SER B 618 -14.30 -42.41 -22.51
C SER B 618 -13.23 -41.99 -23.49
N ILE B 619 -12.30 -41.12 -23.02
CA ILE B 619 -11.44 -40.41 -23.94
C ILE B 619 -10.46 -41.44 -24.49
N GLY B 620 -9.86 -42.20 -23.55
CA GLY B 620 -8.98 -43.28 -23.90
C GLY B 620 -9.67 -44.27 -24.85
N SER B 621 -10.94 -44.56 -24.56
CA SER B 621 -11.66 -45.47 -25.40
C SER B 621 -11.80 -44.88 -26.82
N LEU B 622 -12.02 -43.56 -26.92
CA LEU B 622 -12.16 -42.92 -28.21
C LEU B 622 -10.85 -42.94 -28.98
N LEU B 623 -9.73 -43.00 -28.26
CA LEU B 623 -8.42 -42.87 -28.90
C LEU B 623 -7.76 -44.24 -29.08
N GLY B 624 -8.38 -45.29 -28.51
CA GLY B 624 -7.89 -46.65 -28.68
C GLY B 624 -6.77 -47.01 -27.71
N ALA B 625 -6.68 -46.33 -26.57
CA ALA B 625 -5.72 -46.68 -25.54
C ALA B 625 -6.21 -47.87 -24.72
N THR B 626 -6.19 -49.07 -25.33
CA THR B 626 -6.85 -50.25 -24.75
C THR B 626 -6.13 -50.66 -23.47
N GLU B 627 -4.81 -50.43 -23.42
CA GLU B 627 -4.01 -50.76 -22.24
C GLU B 627 -4.40 -49.87 -21.05
N ASP B 628 -4.63 -48.58 -21.32
CA ASP B 628 -5.05 -47.65 -20.28
C ASP B 628 -6.44 -48.00 -19.75
N VAL B 629 -7.34 -48.48 -20.63
CA VAL B 629 -8.73 -48.69 -20.23
C VAL B 629 -8.82 -49.85 -19.25
N GLU B 630 -7.93 -50.85 -19.36
CA GLU B 630 -7.93 -51.90 -18.35
C GLU B 630 -7.63 -51.29 -16.97
N PHE B 631 -6.64 -50.40 -16.89
CA PHE B 631 -6.23 -49.83 -15.61
C PHE B 631 -7.33 -48.91 -15.05
N TYR B 632 -7.91 -48.05 -15.92
CA TYR B 632 -8.98 -47.16 -15.50
C TYR B 632 -10.14 -47.93 -14.90
N THR B 633 -10.45 -49.07 -15.54
CA THR B 633 -11.57 -49.91 -15.16
C THR B 633 -11.35 -50.48 -13.75
N LYS B 634 -10.12 -50.89 -13.43
CA LYS B 634 -9.77 -51.35 -12.08
C LYS B 634 -9.90 -50.19 -11.07
N VAL B 635 -9.46 -48.98 -11.45
CA VAL B 635 -9.47 -47.91 -10.47
C VAL B 635 -10.92 -47.57 -10.11
N LEU B 636 -11.77 -47.46 -11.14
CA LEU B 636 -13.14 -47.06 -10.92
C LEU B 636 -13.82 -48.09 -10.02
N ASP B 637 -13.66 -49.38 -10.38
CA ASP B 637 -14.28 -50.44 -9.59
C ASP B 637 -13.86 -50.29 -8.13
N ALA B 638 -12.58 -50.01 -7.91
CA ALA B 638 -11.99 -49.91 -6.59
C ALA B 638 -12.56 -48.70 -5.86
N ILE B 639 -12.74 -47.58 -6.58
CA ILE B 639 -13.31 -46.39 -5.96
C ILE B 639 -14.76 -46.63 -5.53
N GLU B 640 -15.55 -47.32 -6.38
CA GLU B 640 -16.97 -47.53 -6.06
C GLU B 640 -17.10 -48.32 -4.77
N HIS B 641 -16.17 -49.24 -4.54
CA HIS B 641 -16.22 -50.05 -3.32
C HIS B 641 -15.76 -49.23 -2.11
N ASN B 642 -14.62 -48.55 -2.25
CA ASN B 642 -13.93 -47.87 -1.16
C ASN B 642 -14.76 -46.69 -0.68
N LEU B 643 -15.59 -46.14 -1.56
CA LEU B 643 -16.53 -45.09 -1.19
C LEU B 643 -17.46 -45.65 -0.11
N ASP B 644 -17.94 -46.88 -0.31
CA ASP B 644 -18.77 -47.57 0.66
C ASP B 644 -17.98 -47.94 1.91
N ASP B 645 -16.84 -48.60 1.70
CA ASP B 645 -16.07 -49.15 2.80
C ASP B 645 -15.55 -48.05 3.73
N LEU B 646 -14.99 -46.96 3.16
CA LEU B 646 -14.28 -45.95 3.94
C LEU B 646 -15.16 -44.76 4.28
N HIS B 647 -16.27 -44.52 3.56
CA HIS B 647 -16.97 -43.25 3.70
C HIS B 647 -18.47 -43.35 3.99
N TRP B 648 -19.08 -44.51 3.80
CA TRP B 648 -20.53 -44.56 3.93
C TRP B 648 -20.89 -44.77 5.40
N SER B 649 -21.81 -43.95 5.92
CA SER B 649 -22.32 -44.12 7.27
C SER B 649 -23.78 -44.58 7.24
N GLU B 650 -23.99 -45.87 7.57
CA GLU B 650 -25.32 -46.42 7.77
C GLU B 650 -26.09 -45.59 8.81
N LYS B 651 -25.44 -45.27 9.92
CA LYS B 651 -26.08 -44.51 10.98
C LYS B 651 -26.61 -43.16 10.47
N GLU B 652 -25.83 -42.40 9.68
CA GLU B 652 -26.30 -41.08 9.31
C GLU B 652 -27.06 -41.07 7.98
N GLY B 653 -26.93 -42.11 7.15
CA GLY B 653 -27.66 -42.11 5.88
C GLY B 653 -26.99 -41.25 4.79
N CYS B 654 -25.65 -41.14 4.82
CA CYS B 654 -24.92 -40.27 3.91
C CYS B 654 -23.43 -40.63 3.94
N TYR B 655 -22.66 -40.07 3.00
CA TYR B 655 -21.21 -40.17 3.00
C TYR B 655 -20.60 -39.19 3.99
N CYS B 656 -19.44 -39.56 4.57
CA CYS B 656 -18.71 -38.72 5.51
C CYS B 656 -17.22 -38.76 5.19
N ASP B 657 -16.49 -37.68 5.54
CA ASP B 657 -15.04 -37.75 5.68
C ASP B 657 -14.67 -38.72 6.82
N ALA B 658 -13.43 -39.24 6.81
CA ALA B 658 -12.95 -40.15 7.85
C ALA B 658 -11.69 -39.55 8.51
N THR B 659 -11.37 -39.99 9.74
CA THR B 659 -10.04 -39.74 10.28
C THR B 659 -9.54 -40.94 11.06
N ILE B 660 -8.34 -40.76 11.64
CA ILE B 660 -7.89 -41.53 12.78
C ILE B 660 -8.05 -40.66 14.03
N ASP B 661 -8.74 -41.21 15.05
CA ASP B 661 -9.10 -40.41 16.22
C ASP B 661 -8.02 -40.52 17.31
N GLU B 662 -8.26 -39.86 18.47
CA GLU B 662 -7.48 -39.91 19.72
C GLU B 662 -6.99 -41.34 20.02
N PHE B 663 -7.79 -42.34 19.66
CA PHE B 663 -7.56 -43.72 20.08
C PHE B 663 -6.90 -44.52 18.95
N GLU B 664 -6.43 -43.84 17.89
CA GLU B 664 -5.90 -44.51 16.70
C GLU B 664 -6.95 -45.39 16.00
N GLU B 665 -8.24 -45.00 16.05
CA GLU B 665 -9.28 -45.78 15.37
C GLU B 665 -9.81 -45.01 14.13
N HIS B 666 -10.20 -45.75 13.09
CA HIS B 666 -10.95 -45.24 11.94
C HIS B 666 -12.33 -44.77 12.40
N LYS B 667 -12.63 -43.47 12.14
CA LYS B 667 -13.84 -42.83 12.60
C LYS B 667 -14.41 -41.96 11.47
N LEU B 668 -15.69 -42.17 11.17
CA LEU B 668 -16.42 -41.30 10.27
C LEU B 668 -16.73 -40.02 11.03
N VAL B 669 -16.63 -38.90 10.31
CA VAL B 669 -16.97 -37.60 10.84
C VAL B 669 -18.01 -36.98 9.91
N CYS B 670 -19.27 -37.04 10.36
CA CYS B 670 -20.40 -36.67 9.53
C CYS B 670 -20.80 -35.22 9.80
N HIS B 671 -20.87 -34.45 8.73
CA HIS B 671 -21.49 -33.14 8.78
C HIS B 671 -22.39 -33.03 7.56
N LYS B 672 -23.67 -33.17 7.79
CA LYS B 672 -24.62 -33.29 6.71
C LYS B 672 -24.65 -31.99 5.94
N GLY B 673 -24.34 -32.08 4.65
CA GLY B 673 -24.12 -30.91 3.81
C GLY B 673 -23.62 -31.34 2.43
N TYR B 674 -23.02 -30.40 1.68
CA TYR B 674 -22.63 -30.71 0.31
C TYR B 674 -21.68 -31.91 0.23
N ILE B 675 -20.73 -31.98 1.16
CA ILE B 675 -19.70 -33.00 1.14
C ILE B 675 -20.33 -34.39 1.20
N SER B 676 -21.45 -34.50 1.94
CA SER B 676 -22.10 -35.76 2.26
C SER B 676 -22.81 -36.33 1.04
N LEU B 677 -23.04 -35.47 0.01
CA LEU B 677 -23.73 -35.82 -1.22
C LEU B 677 -22.76 -36.11 -2.36
N PHE B 678 -21.45 -35.97 -2.12
CA PHE B 678 -20.47 -35.88 -3.21
C PHE B 678 -20.52 -37.00 -4.24
N PRO B 679 -20.52 -38.30 -3.86
CA PRO B 679 -20.60 -39.37 -4.85
C PRO B 679 -21.84 -39.20 -5.74
N PHE B 680 -22.93 -38.65 -5.15
CA PHE B 680 -24.10 -38.37 -5.96
C PHE B 680 -23.84 -37.21 -6.92
N LEU B 681 -23.28 -36.11 -6.39
CA LEU B 681 -23.07 -34.89 -7.17
C LEU B 681 -22.14 -35.13 -8.35
N THR B 682 -21.27 -36.14 -8.23
CA THR B 682 -20.25 -36.31 -9.24
C THR B 682 -20.66 -37.42 -10.18
N GLY B 683 -21.86 -37.99 -9.96
CA GLY B 683 -22.41 -38.92 -10.94
C GLY B 683 -21.85 -40.33 -10.82
N LEU B 684 -21.48 -40.75 -9.60
CA LEU B 684 -20.86 -42.05 -9.42
C LEU B 684 -21.85 -43.14 -9.00
N LEU B 685 -23.12 -42.80 -8.71
CA LEU B 685 -24.05 -43.76 -8.13
C LEU B 685 -24.94 -44.30 -9.25
N LYS B 686 -25.14 -45.63 -9.25
CA LYS B 686 -26.09 -46.23 -10.18
C LYS B 686 -27.52 -45.78 -9.79
N PRO B 687 -28.46 -45.60 -10.73
CA PRO B 687 -29.84 -45.22 -10.38
C PRO B 687 -30.60 -46.17 -9.45
N ASP B 688 -30.10 -47.37 -9.27
CA ASP B 688 -30.75 -48.33 -8.39
C ASP B 688 -29.98 -48.46 -7.07
N SER B 689 -28.99 -47.59 -6.81
CA SER B 689 -28.26 -47.67 -5.54
C SER B 689 -29.18 -47.33 -4.36
N PRO B 690 -29.26 -48.20 -3.33
CA PRO B 690 -29.98 -47.83 -2.10
C PRO B 690 -29.35 -46.68 -1.35
N LYS B 691 -28.07 -46.40 -1.60
CA LYS B 691 -27.47 -45.25 -0.96
C LYS B 691 -28.03 -44.00 -1.61
N LEU B 692 -28.28 -44.11 -2.91
CA LEU B 692 -28.73 -42.96 -3.65
C LEU B 692 -30.10 -42.49 -3.16
N GLY B 693 -30.94 -43.44 -2.73
CA GLY B 693 -32.27 -43.10 -2.22
C GLY B 693 -32.19 -42.38 -0.88
N LYS B 694 -31.25 -42.82 -0.04
CA LYS B 694 -30.97 -42.15 1.24
C LYS B 694 -30.49 -40.71 1.04
N LEU B 695 -29.66 -40.47 0.03
CA LEU B 695 -29.17 -39.14 -0.24
C LEU B 695 -30.31 -38.22 -0.75
N LEU B 696 -31.17 -38.75 -1.63
CA LEU B 696 -32.33 -38.03 -2.12
C LEU B 696 -33.25 -37.62 -0.96
N ALA B 697 -33.38 -38.47 0.06
CA ALA B 697 -34.23 -38.08 1.17
C ALA B 697 -33.62 -36.92 1.97
N LEU B 698 -32.30 -36.99 2.19
CA LEU B 698 -31.54 -35.91 2.82
C LEU B 698 -31.69 -34.61 2.02
N ILE B 699 -31.52 -34.70 0.70
CA ILE B 699 -31.55 -33.53 -0.17
C ILE B 699 -32.92 -32.84 -0.08
N GLY B 700 -33.99 -33.66 0.04
CA GLY B 700 -35.32 -33.11 0.01
C GLY B 700 -35.86 -32.76 1.41
N ASP B 701 -35.05 -32.97 2.46
CA ASP B 701 -35.48 -32.74 3.84
C ASP B 701 -35.36 -31.24 4.18
N GLU B 702 -36.51 -30.59 4.33
CA GLU B 702 -36.62 -29.17 4.63
C GLU B 702 -35.87 -28.84 5.92
N SER B 703 -35.73 -29.81 6.83
CA SER B 703 -35.11 -29.53 8.13
C SER B 703 -33.58 -29.73 8.07
N GLU B 704 -33.10 -30.27 6.93
CA GLU B 704 -31.66 -30.43 6.71
C GLU B 704 -31.17 -29.47 5.61
N LEU B 705 -31.26 -29.89 4.35
CA LEU B 705 -30.56 -29.24 3.24
C LEU B 705 -31.51 -28.36 2.42
N TRP B 706 -32.79 -28.74 2.34
CA TRP B 706 -33.74 -28.15 1.41
C TRP B 706 -34.32 -26.84 1.95
N SER B 707 -33.93 -25.73 1.32
CA SER B 707 -34.42 -24.41 1.69
C SER B 707 -35.35 -23.99 0.55
N PRO B 708 -36.17 -22.92 0.73
CA PRO B 708 -36.97 -22.43 -0.39
C PRO B 708 -36.09 -21.90 -1.54
N TYR B 709 -34.77 -21.83 -1.31
CA TYR B 709 -33.92 -21.07 -2.21
C TYR B 709 -32.87 -21.94 -2.88
N GLY B 710 -32.88 -23.24 -2.58
CA GLY B 710 -31.89 -24.16 -3.09
C GLY B 710 -31.27 -24.95 -1.94
N LEU B 711 -30.28 -25.79 -2.24
CA LEU B 711 -29.72 -26.62 -1.18
C LEU B 711 -28.74 -25.81 -0.35
N ARG B 712 -28.90 -25.90 0.97
CA ARG B 712 -28.00 -25.33 1.96
C ARG B 712 -26.69 -26.10 1.90
N SER B 713 -25.56 -25.41 2.07
CA SER B 713 -24.25 -26.03 1.99
C SER B 713 -23.97 -26.98 3.17
N LEU B 714 -24.56 -26.64 4.31
CA LEU B 714 -24.46 -27.39 5.55
C LEU B 714 -25.85 -27.44 6.15
N SER B 715 -26.17 -28.55 6.83
CA SER B 715 -27.50 -28.80 7.35
C SER B 715 -27.80 -27.84 8.50
N LYS B 716 -29.07 -27.40 8.58
CA LYS B 716 -29.62 -26.64 9.69
C LYS B 716 -29.37 -27.33 11.03
N LYS B 717 -29.26 -28.67 11.02
CA LYS B 717 -29.06 -29.49 12.22
C LYS B 717 -27.59 -29.66 12.60
N ASP B 718 -26.64 -29.25 11.73
CA ASP B 718 -25.24 -29.52 12.01
C ASP B 718 -24.79 -28.56 13.09
N GLU B 719 -23.94 -29.02 13.99
CA GLU B 719 -23.55 -28.13 15.07
C GLU B 719 -22.79 -26.93 14.53
N PHE B 720 -22.20 -27.05 13.33
CA PHE B 720 -21.43 -25.98 12.73
C PHE B 720 -22.27 -24.99 11.91
N TYR B 721 -23.58 -25.23 11.81
CA TYR B 721 -24.44 -24.44 10.95
C TYR B 721 -24.32 -22.97 11.36
N GLY B 722 -24.02 -22.11 10.38
CA GLY B 722 -23.94 -20.67 10.56
C GLY B 722 -22.72 -20.16 11.36
N THR B 723 -21.76 -21.02 11.73
CA THR B 723 -20.69 -20.58 12.61
C THR B 723 -19.55 -19.89 11.83
N ALA B 724 -18.67 -19.20 12.56
CA ALA B 724 -17.44 -18.54 12.08
C ALA B 724 -17.68 -17.66 10.83
N GLU B 725 -16.90 -17.89 9.77
CA GLU B 725 -17.01 -17.04 8.60
C GLU B 725 -18.29 -17.41 7.84
N ASN B 726 -18.83 -18.60 8.10
CA ASN B 726 -20.14 -18.98 7.58
C ASN B 726 -20.13 -18.88 6.04
N TYR B 727 -19.04 -19.39 5.45
CA TYR B 727 -18.82 -19.29 4.02
C TYR B 727 -19.47 -20.48 3.33
N TRP B 728 -19.07 -21.68 3.75
CA TRP B 728 -19.69 -22.90 3.24
C TRP B 728 -20.41 -23.63 4.38
N ARG B 729 -20.97 -22.87 5.36
CA ARG B 729 -21.60 -23.41 6.55
C ARG B 729 -23.09 -23.07 6.65
N SER B 730 -23.76 -22.85 5.51
CA SER B 730 -25.21 -22.73 5.50
C SER B 730 -25.72 -22.28 4.13
N PRO B 731 -25.02 -21.33 3.46
CA PRO B 731 -25.58 -20.66 2.29
C PRO B 731 -25.65 -21.50 1.02
N VAL B 732 -26.36 -20.95 0.03
CA VAL B 732 -26.71 -21.65 -1.18
C VAL B 732 -25.70 -21.24 -2.24
N TRP B 733 -24.94 -22.22 -2.73
CA TRP B 733 -23.97 -21.97 -3.79
C TRP B 733 -24.45 -22.61 -5.08
N ILE B 734 -24.33 -21.88 -6.19
CA ILE B 734 -24.98 -22.24 -7.45
C ILE B 734 -24.23 -23.38 -8.14
N ASN B 735 -22.89 -23.45 -7.96
CA ASN B 735 -22.12 -24.47 -8.67
C ASN B 735 -22.52 -25.87 -8.15
N ILE B 736 -22.63 -26.05 -6.82
CA ILE B 736 -22.96 -27.33 -6.27
C ILE B 736 -24.43 -27.62 -6.61
N ASN B 737 -25.27 -26.58 -6.49
CA ASN B 737 -26.68 -26.73 -6.83
C ASN B 737 -26.85 -27.18 -8.28
N TYR B 738 -26.05 -26.58 -9.19
CA TYR B 738 -25.99 -27.03 -10.57
C TYR B 738 -25.70 -28.54 -10.66
N LEU B 739 -24.68 -29.02 -9.94
CA LEU B 739 -24.35 -30.44 -10.02
C LEU B 739 -25.54 -31.30 -9.60
N ALA B 740 -26.22 -30.91 -8.52
CA ALA B 740 -27.39 -31.57 -7.97
C ALA B 740 -28.50 -31.60 -9.02
N ILE B 741 -28.75 -30.43 -9.64
CA ILE B 741 -29.79 -30.34 -10.64
C ILE B 741 -29.51 -31.33 -11.77
N VAL B 742 -28.26 -31.35 -12.26
CA VAL B 742 -27.90 -32.20 -13.38
C VAL B 742 -28.10 -33.68 -13.00
N GLN B 743 -27.71 -34.05 -11.79
CA GLN B 743 -27.73 -35.46 -11.42
C GLN B 743 -29.18 -35.90 -11.12
N LEU B 744 -29.98 -35.00 -10.51
CA LEU B 744 -31.41 -35.24 -10.36
C LEU B 744 -32.05 -35.56 -11.72
N TYR B 745 -31.70 -34.75 -12.75
CA TYR B 745 -32.26 -34.85 -14.09
C TYR B 745 -31.93 -36.22 -14.72
N ASN B 746 -30.68 -36.66 -14.51
CA ASN B 746 -30.21 -37.96 -14.95
C ASN B 746 -31.07 -39.09 -14.37
N ILE B 747 -31.32 -39.05 -13.06
CA ILE B 747 -32.09 -40.14 -12.47
C ILE B 747 -33.57 -40.09 -12.88
N ALA B 748 -34.11 -38.90 -13.12
CA ALA B 748 -35.51 -38.70 -13.41
C ALA B 748 -35.81 -39.16 -14.84
N THR B 749 -34.76 -39.51 -15.63
CA THR B 749 -34.94 -39.80 -17.03
C THR B 749 -34.47 -41.22 -17.34
N GLN B 750 -34.45 -42.09 -16.33
CA GLN B 750 -34.25 -43.51 -16.61
C GLN B 750 -35.07 -44.33 -15.61
N ASP B 751 -35.24 -45.62 -15.94
CA ASP B 751 -35.97 -46.56 -15.10
C ASP B 751 -35.24 -46.76 -13.77
N GLY B 752 -36.02 -46.69 -12.69
CA GLY B 752 -35.53 -47.14 -11.40
C GLY B 752 -36.48 -46.72 -10.27
N PRO B 753 -36.25 -47.23 -9.03
CA PRO B 753 -37.13 -46.91 -7.91
C PRO B 753 -37.18 -45.42 -7.61
N TYR B 754 -36.14 -44.64 -8.01
CA TYR B 754 -36.10 -43.24 -7.58
C TYR B 754 -36.46 -42.24 -8.68
N LYS B 755 -36.84 -42.75 -9.84
CA LYS B 755 -37.17 -41.90 -10.98
C LYS B 755 -38.10 -40.78 -10.52
N GLU B 756 -39.26 -41.15 -9.94
CA GLU B 756 -40.26 -40.16 -9.60
C GLU B 756 -39.71 -39.22 -8.53
N THR B 757 -38.95 -39.74 -7.55
CA THR B 757 -38.40 -38.86 -6.52
C THR B 757 -37.47 -37.82 -7.17
N ALA B 758 -36.66 -38.28 -8.13
CA ALA B 758 -35.74 -37.37 -8.80
C ALA B 758 -36.49 -36.33 -9.67
N ARG B 759 -37.56 -36.74 -10.38
CA ARG B 759 -38.37 -35.85 -11.22
C ARG B 759 -38.91 -34.69 -10.40
N ASP B 760 -39.47 -35.01 -9.23
CA ASP B 760 -40.06 -34.02 -8.34
C ASP B 760 -38.95 -33.08 -7.85
N LEU B 761 -37.85 -33.65 -7.35
CA LEU B 761 -36.79 -32.81 -6.80
C LEU B 761 -36.15 -31.95 -7.91
N TYR B 762 -35.92 -32.57 -9.07
CA TYR B 762 -35.36 -31.81 -10.17
C TYR B 762 -36.19 -30.56 -10.44
N THR B 763 -37.50 -30.74 -10.65
CA THR B 763 -38.41 -29.67 -11.04
C THR B 763 -38.38 -28.56 -9.99
N ARG B 764 -38.37 -28.96 -8.71
CA ARG B 764 -38.52 -27.98 -7.65
C ARG B 764 -37.19 -27.26 -7.41
N LEU B 765 -36.07 -27.98 -7.45
CA LEU B 765 -34.79 -27.31 -7.23
C LEU B 765 -34.53 -26.35 -8.40
N ARG B 766 -34.85 -26.81 -9.61
CA ARG B 766 -34.66 -25.97 -10.78
C ARG B 766 -35.38 -24.66 -10.54
N LYS B 767 -36.68 -24.73 -10.16
CA LYS B 767 -37.51 -23.53 -10.00
C LYS B 767 -36.91 -22.68 -8.88
N ASN B 768 -36.56 -23.29 -7.77
CA ASN B 768 -36.08 -22.50 -6.64
C ASN B 768 -34.80 -21.74 -6.99
N ILE B 769 -33.81 -22.44 -7.58
CA ILE B 769 -32.51 -21.84 -7.87
C ILE B 769 -32.71 -20.75 -8.91
N VAL B 770 -33.41 -21.06 -10.00
CA VAL B 770 -33.53 -20.07 -11.04
C VAL B 770 -34.16 -18.79 -10.50
N GLU B 771 -35.24 -18.95 -9.71
CA GLU B 771 -35.95 -17.81 -9.14
C GLU B 771 -35.06 -17.06 -8.17
N THR B 772 -34.30 -17.76 -7.34
CA THR B 772 -33.55 -16.98 -6.37
C THR B 772 -32.50 -16.09 -7.04
N VAL B 773 -31.86 -16.60 -8.10
CA VAL B 773 -30.85 -15.80 -8.79
C VAL B 773 -31.55 -14.74 -9.64
N TYR B 774 -32.69 -15.10 -10.23
CA TYR B 774 -33.51 -14.17 -11.00
C TYR B 774 -34.04 -13.04 -10.14
N ARG B 775 -34.66 -13.32 -8.98
CA ARG B 775 -35.26 -12.26 -8.18
C ARG B 775 -34.17 -11.27 -7.76
N ASN B 776 -33.00 -11.79 -7.38
CA ASN B 776 -31.90 -10.96 -6.90
C ASN B 776 -31.35 -10.06 -8.01
N TRP B 777 -31.27 -10.59 -9.23
CA TRP B 777 -30.78 -9.83 -10.36
C TRP B 777 -31.75 -8.71 -10.74
N GLU B 778 -33.07 -8.98 -10.71
CA GLU B 778 -34.07 -7.97 -11.00
C GLU B 778 -34.02 -6.91 -9.91
N GLU B 779 -33.75 -7.32 -8.66
CA GLU B 779 -33.73 -6.36 -7.56
C GLU B 779 -32.45 -5.54 -7.56
N THR B 780 -31.27 -6.16 -7.67
CA THR B 780 -30.01 -5.51 -7.29
C THR B 780 -29.10 -5.30 -8.50
N GLY B 781 -29.35 -6.03 -9.61
CA GLY B 781 -28.56 -5.92 -10.84
C GLY B 781 -27.36 -6.89 -10.90
N PHE B 782 -27.16 -7.61 -9.81
CA PHE B 782 -25.94 -8.43 -9.69
C PHE B 782 -26.22 -9.92 -9.55
N ALA B 783 -25.26 -10.67 -10.04
CA ALA B 783 -25.16 -12.10 -9.76
C ALA B 783 -24.36 -12.14 -8.46
N TRP B 784 -24.77 -12.94 -7.50
CA TRP B 784 -24.05 -12.96 -6.21
C TRP B 784 -23.24 -14.23 -6.08
N GLU B 785 -22.21 -14.17 -5.26
CA GLU B 785 -21.31 -15.28 -4.96
C GLU B 785 -22.11 -16.42 -4.32
N GLN B 786 -23.10 -16.08 -3.47
CA GLN B 786 -23.95 -17.06 -2.79
C GLN B 786 -25.22 -16.37 -2.26
N TYR B 787 -26.14 -17.20 -1.77
CA TYR B 787 -27.48 -16.75 -1.48
C TYR B 787 -27.85 -17.21 -0.08
N ASN B 788 -28.59 -16.32 0.61
CA ASN B 788 -29.07 -16.56 1.96
C ASN B 788 -30.09 -17.70 1.95
N PRO B 789 -29.94 -18.74 2.80
CA PRO B 789 -30.93 -19.84 2.86
C PRO B 789 -32.27 -19.47 3.54
N GLU B 790 -32.21 -18.46 4.42
CA GLU B 790 -33.34 -17.97 5.20
C GLU B 790 -34.16 -16.96 4.39
N THR B 791 -33.49 -16.02 3.70
CA THR B 791 -34.21 -14.94 3.02
C THR B 791 -34.13 -15.03 1.49
N GLY B 792 -33.11 -15.73 0.98
CA GLY B 792 -32.85 -15.79 -0.46
C GLY B 792 -32.03 -14.61 -1.00
N LYS B 793 -31.55 -13.72 -0.12
CA LYS B 793 -30.84 -12.53 -0.58
C LYS B 793 -29.41 -12.91 -1.02
N GLY B 794 -28.97 -12.33 -2.15
CA GLY B 794 -27.57 -12.38 -2.55
C GLY B 794 -26.66 -11.83 -1.46
N GLN B 795 -25.55 -12.53 -1.22
CA GLN B 795 -24.68 -12.25 -0.09
C GLN B 795 -23.22 -12.45 -0.54
N ARG B 796 -22.25 -12.03 0.29
CA ARG B 796 -20.87 -11.92 -0.14
C ARG B 796 -20.73 -11.00 -1.36
N THR B 797 -19.85 -11.34 -2.30
CA THR B 797 -19.44 -10.41 -3.36
C THR B 797 -20.40 -10.43 -4.55
N GLN B 798 -20.59 -9.26 -5.16
CA GLN B 798 -21.45 -9.10 -6.33
C GLN B 798 -20.56 -9.31 -7.55
N HIS B 799 -21.16 -9.35 -8.74
CA HIS B 799 -20.45 -9.50 -9.99
C HIS B 799 -19.87 -10.91 -10.14
N PHE B 800 -20.51 -11.90 -9.53
CA PHE B 800 -19.91 -13.22 -9.49
C PHE B 800 -20.28 -13.99 -10.77
N THR B 801 -19.60 -13.69 -11.88
CA THR B 801 -19.95 -14.36 -13.11
C THR B 801 -18.66 -14.89 -13.76
N GLY B 802 -18.07 -15.95 -13.19
CA GLY B 802 -18.49 -16.57 -11.95
C GLY B 802 -19.47 -17.68 -12.23
N TRP B 803 -19.42 -18.76 -11.43
CA TRP B 803 -20.25 -19.91 -11.76
C TRP B 803 -21.72 -19.66 -11.50
N THR B 804 -22.07 -18.52 -10.86
CA THR B 804 -23.48 -18.21 -10.70
C THR B 804 -24.17 -18.16 -12.07
N SER B 805 -23.38 -17.87 -13.12
CA SER B 805 -23.96 -17.83 -14.45
C SER B 805 -24.44 -19.19 -14.93
N LEU B 806 -24.11 -20.27 -14.18
CA LEU B 806 -24.59 -21.60 -14.56
C LEU B 806 -26.14 -21.60 -14.71
N VAL B 807 -26.80 -20.61 -14.12
CA VAL B 807 -28.24 -20.47 -14.21
C VAL B 807 -28.75 -20.47 -15.66
N VAL B 808 -27.97 -19.90 -16.58
CA VAL B 808 -28.35 -19.97 -18.00
C VAL B 808 -28.60 -21.41 -18.44
N LYS B 809 -27.76 -22.34 -17.99
CA LYS B 809 -27.89 -23.72 -18.46
C LYS B 809 -29.03 -24.36 -17.69
N ILE B 810 -29.22 -23.95 -16.42
CA ILE B 810 -30.30 -24.50 -15.62
C ILE B 810 -31.65 -24.22 -16.29
N MET B 811 -31.82 -23.01 -16.85
CA MET B 811 -33.05 -22.65 -17.54
C MET B 811 -33.21 -23.39 -18.86
N SER B 812 -32.11 -23.90 -19.43
CA SER B 812 -32.07 -24.39 -20.81
C SER B 812 -32.46 -25.87 -20.97
N GLY B 813 -32.32 -26.69 -19.91
CA GLY B 813 -32.56 -28.14 -19.93
C GLY B 813 -31.34 -28.96 -20.38
N HIS B 814 -31.30 -30.27 -20.08
CA HIS B 814 -30.09 -31.06 -20.31
C HIS B 814 -30.27 -32.03 -21.48
N1 WUR C . 21.16 9.36 10.58
N3 WUR C . 21.17 14.44 1.95
C4 WUR C . 21.15 10.27 9.73
C5 WUR C . 20.29 9.88 8.47
C6 WUR C . 20.74 10.57 7.20
C7 WUR C . 19.75 10.35 6.06
C8 WUR C . 19.80 11.50 5.03
C10 WUR C . 22.20 13.83 3.81
C13 WUR C . 19.64 12.44 1.51
C15 WUR C . 23.81 16.16 4.10
C17 WUR C . 25.48 19.47 3.36
C20 WUR C . 23.91 15.11 5.06
C21 WUR C . 23.12 13.97 4.91
C22 WUR C . 22.16 8.32 10.26
C24 WUR C . 21.03 6.73 11.77
C1 WUR C . 20.00 7.73 12.05
O1 WUR C . 18.73 7.10 12.36
C2 WUR C . 19.83 8.75 10.90
N2 WUR C . 21.31 12.83 3.44
O2 WUR C . 19.46 10.59 12.31
C3 WUR C . 18.80 9.80 11.31
O3 WUR C . 23.27 6.33 11.28
N4 WUR C . 24.67 18.39 3.34
O4 WUR C . 21.29 5.89 12.96
N5 WUR C . 25.67 17.41 5.18
C9 WUR C . 21.08 11.55 4.16
C11 WUR C . 22.11 14.85 2.88
C12 WUR C . 20.70 13.23 2.30
C14 WUR C . 22.92 16.03 3.01
C16 WUR C . 24.74 17.40 4.23
C18 WUR C . 26.44 19.51 4.37
C19 WUR C . 26.50 18.44 5.30
C23 WUR C . 22.33 7.39 11.49
C1 GOL D . 5.14 46.00 15.57
O1 GOL D . 5.61 44.86 16.31
C2 GOL D . 3.74 46.49 15.93
O2 GOL D . 3.40 46.21 17.29
C3 GOL D . 3.54 47.97 15.69
O3 GOL D . 2.62 48.21 14.63
S SO4 E . 1.24 14.82 -1.49
O1 SO4 E . 1.88 13.71 -0.87
O2 SO4 E . 1.64 16.08 -0.87
O3 SO4 E . 1.63 14.88 -2.85
O4 SO4 E . -0.19 14.66 -1.32
S SO4 F . 27.74 -1.02 -0.31
O1 SO4 F . 27.42 -1.74 0.90
O2 SO4 F . 27.76 0.40 -0.04
O3 SO4 F . 26.76 -1.30 -1.33
O4 SO4 F . 29.04 -1.43 -0.78
S SO4 G . -4.25 51.62 5.63
O1 SO4 G . -3.45 50.54 6.23
O2 SO4 G . -4.21 52.76 6.50
O3 SO4 G . -3.71 52.01 4.34
O4 SO4 G . -5.62 51.17 5.44
S SO4 H . 4.03 3.68 6.99
O1 SO4 H . 4.83 3.72 8.19
O2 SO4 H . 3.29 4.91 6.84
O3 SO4 H . 3.11 2.55 7.08
O4 SO4 H . 4.90 3.54 5.85
S SO4 I . 23.99 9.53 42.85
O1 SO4 I . 24.32 10.24 44.07
O2 SO4 I . 23.91 8.10 43.15
O3 SO4 I . 25.02 9.78 41.86
O4 SO4 I . 22.70 9.97 42.34
C1 NAG J . -0.85 -17.38 -32.08
C2 NAG J . -0.22 -17.91 -30.76
C3 NAG J . 1.22 -17.38 -30.53
C4 NAG J . 2.20 -17.53 -31.73
C5 NAG J . 1.44 -16.90 -32.96
C6 NAG J . 2.15 -16.78 -34.31
C7 NAG J . -1.81 -18.14 -28.77
C8 NAG J . -2.38 -17.31 -27.62
N2 NAG J . -1.02 -17.45 -29.61
O3 NAG J . 1.63 -18.18 -29.44
O4 NAG J . 3.58 -17.12 -31.41
O5 NAG J . 0.12 -17.51 -33.16
O6 NAG J . 2.50 -18.04 -34.91
O7 NAG J . -2.06 -19.33 -28.89
C1 BTB K . 9.43 12.91 -19.10
O1 BTB K . 10.02 13.75 -20.08
C2 BTB K . 9.65 11.42 -19.40
C3 BTB K . 8.84 11.02 -20.65
O3 BTB K . 9.65 10.38 -21.61
C4 BTB K . 11.15 11.12 -19.61
O4 BTB K . 11.96 11.66 -18.57
N BTB K . 9.16 10.61 -18.20
C5 BTB K . 7.68 10.75 -17.97
C6 BTB K . 7.32 11.91 -17.09
O6 BTB K . 8.25 12.05 -16.03
C7 BTB K . 9.72 9.22 -18.18
C8 BTB K . 10.38 8.81 -16.88
O8 BTB K . 10.15 9.78 -15.87
C1 GOL L . 4.73 5.16 -12.11
O1 GOL L . 4.43 5.64 -10.79
C2 GOL L . 6.12 5.58 -12.55
O2 GOL L . 7.08 4.60 -12.18
C3 GOL L . 6.55 6.89 -11.96
O3 GOL L . 5.60 7.31 -10.98
C1 GOL M . 3.31 -23.77 -13.43
O1 GOL M . 3.02 -25.11 -13.00
C2 GOL M . 2.13 -22.83 -13.22
O2 GOL M . 0.92 -23.50 -12.85
C3 GOL M . 2.43 -21.64 -12.36
O3 GOL M . 1.36 -20.68 -12.37
N1 WUR N . -13.54 -18.15 -4.00
N3 WUR N . -8.70 -15.60 2.18
C4 WUR N . -13.20 -16.96 -3.84
C5 WUR N . -11.71 -16.54 -3.62
C6 WUR N . -11.40 -16.25 -2.16
C7 WUR N . -10.37 -15.13 -2.02
C8 WUR N . -8.89 -15.58 -2.14
C10 WUR N . -8.61 -13.78 0.91
C13 WUR N . -8.02 -17.45 0.57
C15 WUR N . -9.39 -11.93 2.93
C17 WUR N . -10.64 -10.56 6.19
C20 WUR N . -9.10 -11.46 1.62
C21 WUR N . -8.71 -12.36 0.61
C22 WUR N . -13.73 -18.82 -2.75
C24 WUR N . -13.57 -21.01 -3.87
C1 WUR N . -13.48 -20.38 -5.18
O1 WUR N . -12.69 -21.26 -6.03
C2 WUR N . -12.83 -18.99 -5.01
N2 WUR N . -8.26 -14.88 0.16
O2 WUR N . -13.97 -18.06 -6.85
C3 WUR N . -12.66 -18.30 -6.37
O3 WUR N . -14.61 -20.76 -1.67
N4 WUR N . -10.36 -11.38 5.17
O4 WUR N . -14.20 -22.32 -4.14
N5 WUR N . -9.35 -9.67 3.98
C9 WUR N . -7.89 -14.82 -1.27
C11 WUR N . -8.89 -14.24 2.20
C12 WUR N . -8.33 -15.98 0.96
C14 WUR N . -9.27 -13.30 3.21
C16 WUR N . -9.75 -10.95 4.06
C18 WUR N . -10.25 -9.21 6.08
C19 WUR N . -9.58 -8.79 4.94
C23 WUR N . -14.41 -20.16 -2.97
S SO4 O . -6.99 -21.56 10.42
O1 SO4 O . -6.95 -22.06 11.78
O2 SO4 O . -5.63 -21.33 9.96
O3 SO4 O . -7.60 -22.55 9.56
O4 SO4 O . -7.77 -20.32 10.40
S SO4 P . 6.15 -9.94 -14.19
O1 SO4 P . 5.61 -11.01 -13.39
O2 SO4 P . 7.25 -9.41 -13.51
O3 SO4 P . 6.60 -10.47 -15.46
O4 SO4 P . 5.15 -8.90 -14.43
S SO4 Q . -6.13 19.25 -35.88
O1 SO4 Q . -4.89 18.80 -36.55
O2 SO4 Q . -5.82 20.27 -34.94
O3 SO4 Q . -6.76 18.13 -35.18
O4 SO4 Q . -7.03 19.78 -36.88
S SO4 R . -40.65 -26.21 -2.39
O1 SO4 R . -40.82 -27.31 -1.47
O2 SO4 R . -39.43 -25.50 -2.06
O3 SO4 R . -40.61 -26.74 -3.75
O4 SO4 R . -41.76 -25.30 -2.29
#